data_1EMY
# 
_entry.id   1EMY 
# 
_audit_conform.dict_name       mmcif_pdbx.dic 
_audit_conform.dict_version    5.385 
_audit_conform.dict_location   http://mmcif.pdb.org/dictionaries/ascii/mmcif_pdbx.dic 
# 
loop_
_database_2.database_id 
_database_2.database_code 
_database_2.pdbx_database_accession 
_database_2.pdbx_DOI 
PDB   1EMY         pdb_00001emy 10.2210/pdb1emy/pdb 
WWPDB D_1000173087 ?            ?                   
# 
loop_
_pdbx_audit_revision_history.ordinal 
_pdbx_audit_revision_history.data_content_type 
_pdbx_audit_revision_history.major_revision 
_pdbx_audit_revision_history.minor_revision 
_pdbx_audit_revision_history.revision_date 
1 'Structure model' 1 0 1995-04-20 
2 'Structure model' 1 1 2008-03-03 
3 'Structure model' 1 2 2011-07-13 
4 'Structure model' 1 3 2019-07-17 
5 'Structure model' 1 4 2019-08-14 
6 'Structure model' 1 5 2024-02-07 
# 
_pdbx_audit_revision_details.ordinal             1 
_pdbx_audit_revision_details.revision_ordinal    1 
_pdbx_audit_revision_details.data_content_type   'Structure model' 
_pdbx_audit_revision_details.provider            repository 
_pdbx_audit_revision_details.type                'Initial release' 
_pdbx_audit_revision_details.description         ? 
_pdbx_audit_revision_details.details             ? 
# 
loop_
_pdbx_audit_revision_group.ordinal 
_pdbx_audit_revision_group.revision_ordinal 
_pdbx_audit_revision_group.data_content_type 
_pdbx_audit_revision_group.group 
1  2 'Structure model' 'Version format compliance' 
2  3 'Structure model' 'Version format compliance' 
3  4 'Structure model' 'Data collection'           
4  4 'Structure model' Other                       
5  4 'Structure model' 'Refinement description'    
6  5 'Structure model' 'Data collection'           
7  5 'Structure model' 'Refinement description'    
8  6 'Structure model' 'Data collection'           
9  6 'Structure model' 'Database references'       
10 6 'Structure model' 'Derived calculations'      
# 
loop_
_pdbx_audit_revision_category.ordinal 
_pdbx_audit_revision_category.revision_ordinal 
_pdbx_audit_revision_category.data_content_type 
_pdbx_audit_revision_category.category 
1 4 'Structure model' pdbx_database_status   
2 4 'Structure model' software               
3 5 'Structure model' software               
4 6 'Structure model' chem_comp_atom         
5 6 'Structure model' chem_comp_bond         
6 6 'Structure model' database_2             
7 6 'Structure model' pdbx_struct_conn_angle 
8 6 'Structure model' struct_conn            
9 6 'Structure model' struct_site            
# 
loop_
_pdbx_audit_revision_item.ordinal 
_pdbx_audit_revision_item.revision_ordinal 
_pdbx_audit_revision_item.data_content_type 
_pdbx_audit_revision_item.item 
1  4 'Structure model' '_pdbx_database_status.process_site'          
2  4 'Structure model' '_software.classification'                    
3  5 'Structure model' '_software.classification'                    
4  6 'Structure model' '_database_2.pdbx_DOI'                        
5  6 'Structure model' '_database_2.pdbx_database_accession'         
6  6 'Structure model' '_pdbx_struct_conn_angle.ptnr1_auth_comp_id'  
7  6 'Structure model' '_pdbx_struct_conn_angle.ptnr1_auth_seq_id'   
8  6 'Structure model' '_pdbx_struct_conn_angle.ptnr1_label_asym_id' 
9  6 'Structure model' '_pdbx_struct_conn_angle.ptnr1_label_atom_id' 
10 6 'Structure model' '_pdbx_struct_conn_angle.ptnr1_label_comp_id' 
11 6 'Structure model' '_pdbx_struct_conn_angle.ptnr1_label_seq_id'  
12 6 'Structure model' '_pdbx_struct_conn_angle.ptnr3_auth_comp_id'  
13 6 'Structure model' '_pdbx_struct_conn_angle.ptnr3_auth_seq_id'   
14 6 'Structure model' '_pdbx_struct_conn_angle.ptnr3_label_asym_id' 
15 6 'Structure model' '_pdbx_struct_conn_angle.ptnr3_label_atom_id' 
16 6 'Structure model' '_pdbx_struct_conn_angle.ptnr3_label_comp_id' 
17 6 'Structure model' '_pdbx_struct_conn_angle.ptnr3_label_seq_id'  
18 6 'Structure model' '_pdbx_struct_conn_angle.value'               
19 6 'Structure model' '_struct_conn.pdbx_dist_value'                
20 6 'Structure model' '_struct_conn.ptnr1_auth_comp_id'             
21 6 'Structure model' '_struct_conn.ptnr1_auth_seq_id'              
22 6 'Structure model' '_struct_conn.ptnr1_label_asym_id'            
23 6 'Structure model' '_struct_conn.ptnr1_label_atom_id'            
24 6 'Structure model' '_struct_conn.ptnr1_label_comp_id'            
25 6 'Structure model' '_struct_conn.ptnr1_label_seq_id'             
26 6 'Structure model' '_struct_conn.ptnr2_auth_comp_id'             
27 6 'Structure model' '_struct_conn.ptnr2_auth_seq_id'              
28 6 'Structure model' '_struct_conn.ptnr2_label_asym_id'            
29 6 'Structure model' '_struct_conn.ptnr2_label_atom_id'            
30 6 'Structure model' '_struct_conn.ptnr2_label_comp_id'            
31 6 'Structure model' '_struct_conn.ptnr2_label_seq_id'             
32 6 'Structure model' '_struct_site.pdbx_auth_asym_id'              
33 6 'Structure model' '_struct_site.pdbx_auth_comp_id'              
34 6 'Structure model' '_struct_site.pdbx_auth_seq_id'               
# 
_pdbx_database_status.status_code                     REL 
_pdbx_database_status.entry_id                        1EMY 
_pdbx_database_status.recvd_initial_deposition_date   1995-02-22 
_pdbx_database_status.deposit_site                    ? 
_pdbx_database_status.process_site                    BNL 
_pdbx_database_status.status_code_sf                  REL 
_pdbx_database_status.status_code_mr                  ? 
_pdbx_database_status.SG_entry                        ? 
_pdbx_database_status.pdb_format_compatible           Y 
_pdbx_database_status.status_code_cs                  ? 
_pdbx_database_status.methods_development_category    ? 
_pdbx_database_status.status_code_nmr_data            ? 
# 
loop_
_audit_author.name 
_audit_author.pdbx_ordinal 
'Bisig, D.A.' 1 
'Piontek, K.' 2 
# 
loop_
_citation.id 
_citation.title 
_citation.journal_abbrev 
_citation.journal_volume 
_citation.page_first 
_citation.page_last 
_citation.year 
_citation.journal_id_ASTM 
_citation.country 
_citation.journal_id_ISSN 
_citation.journal_id_CSD 
_citation.book_publisher 
_citation.pdbx_database_id_PubMed 
_citation.pdbx_database_id_DOI 
primary 
;Crystal structure of Asian elephant (Elephas maximus) cyano-metmyoglobin at 1.78-A resolution. Phe29(B10) accounts for its unusual ligand binding properties.
;
J.Biol.Chem.      270 20754 20762 1995 JBCHA3 US 0021-9258 0071 ? 7657658 10.1074/jbc.270.35.20754 
1       'A Double Mutant of Sperm Whale Myoglobin Mimics the Structure and Function of Elephant Myoglobin' 'To be Published' ?   ? 
?     ?    ?      ?  ?         0353 ? ?       ?                        
2       
;1H NMR Investigation of the Heme Cavity of Elephant (E7 Gln) met-Cyano-Myoglobin. Evidence for a B-Helix Phenylalanine Interaction with Bound Ligand
;
J.Biol.Chem.      268 14826 ?     1993 JBCHA3 US 0021-9258 0071 ? ?       ?                        
# 
loop_
_citation_author.citation_id 
_citation_author.name 
_citation_author.ordinal 
_citation_author.identifier_ORCID 
primary 'Bisig, D.A.'        1  ? 
primary 'Di Iorio, E.E.'     2  ? 
primary 'Diederichs, K.'     3  ? 
primary 'Winterhalter, K.H.' 4  ? 
primary 'Piontek, K.'        5  ? 
1       'Zhao, X.'           6  ? 
1       'Vyas, K.'           7  ? 
1       'Nguyen, B.D.'       8  ? 
1       'Rajarathnam, K.'    9  ? 
1       'La Mar, G.N.'       10 ? 
1       'Li, T.'             11 ? 
1       'Phillips Jr., G.N.' 12 ? 
1       'Eich, R.F.'         13 ? 
1       'Olson, J.S.'        14 ? 
1       'Ling, J.'           15 ? 
1       'Bocian, D.F.'       16 ? 
2       'Vyas, K.'           17 ? 
2       'Rajarathnam, K.'    18 ? 
2       'Yu, L.P.'           19 ? 
2       'Emerson, S.D.'      20 ? 
2       'La Mar, G.N.'       21 ? 
2       'Krishnamoorthi, R.' 22 ? 
# 
loop_
_entity.id 
_entity.type 
_entity.src_method 
_entity.pdbx_description 
_entity.formula_weight 
_entity.pdbx_number_of_molecules 
_entity.pdbx_ec 
_entity.pdbx_mutation 
_entity.pdbx_fragment 
_entity.details 
1 polymer     man MYOGLOBIN                         17026.592 1   ? ? ? ? 
2 non-polymer syn 'CYANIDE ION'                     26.017    1   ? ? ? ? 
3 non-polymer syn 'PROTOPORPHYRIN IX CONTAINING FE' 616.487   1   ? ? ? ? 
4 water       nat water                             18.015    219 ? ? ? ? 
# 
_entity_poly.entity_id                      1 
_entity_poly.type                           'polypeptide(L)' 
_entity_poly.nstd_linkage                   no 
_entity_poly.nstd_monomer                   no 
_entity_poly.pdbx_seq_one_letter_code       
;GLSDGEWELVLKTWGKVEADIPGHGETVFVRLFTGHPETLEKFDKFKHLKTEGEMKASEDLKKQGVTVLTALGGILKKKG
HHEAEIQPLAQSHATKHKIPIKYLEFISDAIIHVLQSKHPAEFGADAQGAMKKALELFRNDIAAKYKELGFQG
;
_entity_poly.pdbx_seq_one_letter_code_can   
;GLSDGEWELVLKTWGKVEADIPGHGETVFVRLFTGHPETLEKFDKFKHLKTEGEMKASEDLKKQGVTVLTALGGILKKKG
HHEAEIQPLAQSHATKHKIPIKYLEFISDAIIHVLQSKHPAEFGADAQGAMKKALELFRNDIAAKYKELGFQG
;
_entity_poly.pdbx_strand_id                 A 
_entity_poly.pdbx_target_identifier         ? 
# 
loop_
_pdbx_entity_nonpoly.entity_id 
_pdbx_entity_nonpoly.name 
_pdbx_entity_nonpoly.comp_id 
2 'CYANIDE ION'                     CYN 
3 'PROTOPORPHYRIN IX CONTAINING FE' HEM 
4 water                             HOH 
# 
loop_
_entity_poly_seq.entity_id 
_entity_poly_seq.num 
_entity_poly_seq.mon_id 
_entity_poly_seq.hetero 
1 1   GLY n 
1 2   LEU n 
1 3   SER n 
1 4   ASP n 
1 5   GLY n 
1 6   GLU n 
1 7   TRP n 
1 8   GLU n 
1 9   LEU n 
1 10  VAL n 
1 11  LEU n 
1 12  LYS n 
1 13  THR n 
1 14  TRP n 
1 15  GLY n 
1 16  LYS n 
1 17  VAL n 
1 18  GLU n 
1 19  ALA n 
1 20  ASP n 
1 21  ILE n 
1 22  PRO n 
1 23  GLY n 
1 24  HIS n 
1 25  GLY n 
1 26  GLU n 
1 27  THR n 
1 28  VAL n 
1 29  PHE n 
1 30  VAL n 
1 31  ARG n 
1 32  LEU n 
1 33  PHE n 
1 34  THR n 
1 35  GLY n 
1 36  HIS n 
1 37  PRO n 
1 38  GLU n 
1 39  THR n 
1 40  LEU n 
1 41  GLU n 
1 42  LYS n 
1 43  PHE n 
1 44  ASP n 
1 45  LYS n 
1 46  PHE n 
1 47  LYS n 
1 48  HIS n 
1 49  LEU n 
1 50  LYS n 
1 51  THR n 
1 52  GLU n 
1 53  GLY n 
1 54  GLU n 
1 55  MET n 
1 56  LYS n 
1 57  ALA n 
1 58  SER n 
1 59  GLU n 
1 60  ASP n 
1 61  LEU n 
1 62  LYS n 
1 63  LYS n 
1 64  GLN n 
1 65  GLY n 
1 66  VAL n 
1 67  THR n 
1 68  VAL n 
1 69  LEU n 
1 70  THR n 
1 71  ALA n 
1 72  LEU n 
1 73  GLY n 
1 74  GLY n 
1 75  ILE n 
1 76  LEU n 
1 77  LYS n 
1 78  LYS n 
1 79  LYS n 
1 80  GLY n 
1 81  HIS n 
1 82  HIS n 
1 83  GLU n 
1 84  ALA n 
1 85  GLU n 
1 86  ILE n 
1 87  GLN n 
1 88  PRO n 
1 89  LEU n 
1 90  ALA n 
1 91  GLN n 
1 92  SER n 
1 93  HIS n 
1 94  ALA n 
1 95  THR n 
1 96  LYS n 
1 97  HIS n 
1 98  LYS n 
1 99  ILE n 
1 100 PRO n 
1 101 ILE n 
1 102 LYS n 
1 103 TYR n 
1 104 LEU n 
1 105 GLU n 
1 106 PHE n 
1 107 ILE n 
1 108 SER n 
1 109 ASP n 
1 110 ALA n 
1 111 ILE n 
1 112 ILE n 
1 113 HIS n 
1 114 VAL n 
1 115 LEU n 
1 116 GLN n 
1 117 SER n 
1 118 LYS n 
1 119 HIS n 
1 120 PRO n 
1 121 ALA n 
1 122 GLU n 
1 123 PHE n 
1 124 GLY n 
1 125 ALA n 
1 126 ASP n 
1 127 ALA n 
1 128 GLN n 
1 129 GLY n 
1 130 ALA n 
1 131 MET n 
1 132 LYS n 
1 133 LYS n 
1 134 ALA n 
1 135 LEU n 
1 136 GLU n 
1 137 LEU n 
1 138 PHE n 
1 139 ARG n 
1 140 ASN n 
1 141 ASP n 
1 142 ILE n 
1 143 ALA n 
1 144 ALA n 
1 145 LYS n 
1 146 TYR n 
1 147 LYS n 
1 148 GLU n 
1 149 LEU n 
1 150 GLY n 
1 151 PHE n 
1 152 GLN n 
1 153 GLY n 
# 
_entity_src_gen.entity_id                          1 
_entity_src_gen.pdbx_src_id                        1 
_entity_src_gen.pdbx_alt_source_flag               sample 
_entity_src_gen.pdbx_seq_type                      ? 
_entity_src_gen.pdbx_beg_seq_num                   ? 
_entity_src_gen.pdbx_end_seq_num                   ? 
_entity_src_gen.gene_src_common_name               'Asiatic elephant' 
_entity_src_gen.gene_src_genus                     Elephas 
_entity_src_gen.pdbx_gene_src_gene                 ? 
_entity_src_gen.gene_src_species                   ? 
_entity_src_gen.gene_src_strain                    ? 
_entity_src_gen.gene_src_tissue                    ? 
_entity_src_gen.gene_src_tissue_fraction           ? 
_entity_src_gen.gene_src_details                   ? 
_entity_src_gen.pdbx_gene_src_fragment             ? 
_entity_src_gen.pdbx_gene_src_scientific_name      'Elephas maximus' 
_entity_src_gen.pdbx_gene_src_ncbi_taxonomy_id     9783 
_entity_src_gen.pdbx_gene_src_variant              ? 
_entity_src_gen.pdbx_gene_src_cell_line            ? 
_entity_src_gen.pdbx_gene_src_atcc                 ? 
_entity_src_gen.pdbx_gene_src_organ                SKELETAL 
_entity_src_gen.pdbx_gene_src_organelle            ? 
_entity_src_gen.pdbx_gene_src_cell                 ? 
_entity_src_gen.pdbx_gene_src_cellular_location    ? 
_entity_src_gen.host_org_common_name               ? 
_entity_src_gen.pdbx_host_org_scientific_name      ? 
_entity_src_gen.pdbx_host_org_ncbi_taxonomy_id     ? 
_entity_src_gen.host_org_genus                     ? 
_entity_src_gen.pdbx_host_org_gene                 ? 
_entity_src_gen.pdbx_host_org_organ                ? 
_entity_src_gen.host_org_species                   ? 
_entity_src_gen.pdbx_host_org_tissue               ? 
_entity_src_gen.pdbx_host_org_tissue_fraction      ? 
_entity_src_gen.pdbx_host_org_strain               ? 
_entity_src_gen.pdbx_host_org_variant              ? 
_entity_src_gen.pdbx_host_org_cell_line            ? 
_entity_src_gen.pdbx_host_org_atcc                 ? 
_entity_src_gen.pdbx_host_org_culture_collection   ? 
_entity_src_gen.pdbx_host_org_cell                 ? 
_entity_src_gen.pdbx_host_org_organelle            ? 
_entity_src_gen.pdbx_host_org_cellular_location    ? 
_entity_src_gen.pdbx_host_org_vector_type          ? 
_entity_src_gen.pdbx_host_org_vector               ? 
_entity_src_gen.host_org_details                   ? 
_entity_src_gen.expression_system_id               ? 
_entity_src_gen.plasmid_name                       ? 
_entity_src_gen.plasmid_details                    ? 
_entity_src_gen.pdbx_description                   ? 
# 
loop_
_chem_comp.id 
_chem_comp.type 
_chem_comp.mon_nstd_flag 
_chem_comp.name 
_chem_comp.pdbx_synonyms 
_chem_comp.formula 
_chem_comp.formula_weight 
ALA 'L-peptide linking' y ALANINE                           ?    'C3 H7 N O2'       89.093  
ARG 'L-peptide linking' y ARGININE                          ?    'C6 H15 N4 O2 1'   175.209 
ASN 'L-peptide linking' y ASPARAGINE                        ?    'C4 H8 N2 O3'      132.118 
ASP 'L-peptide linking' y 'ASPARTIC ACID'                   ?    'C4 H7 N O4'       133.103 
CYN non-polymer         . 'CYANIDE ION'                     ?    'C N -1'           26.017  
GLN 'L-peptide linking' y GLUTAMINE                         ?    'C5 H10 N2 O3'     146.144 
GLU 'L-peptide linking' y 'GLUTAMIC ACID'                   ?    'C5 H9 N O4'       147.129 
GLY 'peptide linking'   y GLYCINE                           ?    'C2 H5 N O2'       75.067  
HEM non-polymer         . 'PROTOPORPHYRIN IX CONTAINING FE' HEME 'C34 H32 Fe N4 O4' 616.487 
HIS 'L-peptide linking' y HISTIDINE                         ?    'C6 H10 N3 O2 1'   156.162 
HOH non-polymer         . WATER                             ?    'H2 O'             18.015  
ILE 'L-peptide linking' y ISOLEUCINE                        ?    'C6 H13 N O2'      131.173 
LEU 'L-peptide linking' y LEUCINE                           ?    'C6 H13 N O2'      131.173 
LYS 'L-peptide linking' y LYSINE                            ?    'C6 H15 N2 O2 1'   147.195 
MET 'L-peptide linking' y METHIONINE                        ?    'C5 H11 N O2 S'    149.211 
PHE 'L-peptide linking' y PHENYLALANINE                     ?    'C9 H11 N O2'      165.189 
PRO 'L-peptide linking' y PROLINE                           ?    'C5 H9 N O2'       115.130 
SER 'L-peptide linking' y SERINE                            ?    'C3 H7 N O3'       105.093 
THR 'L-peptide linking' y THREONINE                         ?    'C4 H9 N O3'       119.119 
TRP 'L-peptide linking' y TRYPTOPHAN                        ?    'C11 H12 N2 O2'    204.225 
TYR 'L-peptide linking' y TYROSINE                          ?    'C9 H11 N O3'      181.189 
VAL 'L-peptide linking' y VALINE                            ?    'C5 H11 N O2'      117.146 
# 
loop_
_pdbx_poly_seq_scheme.asym_id 
_pdbx_poly_seq_scheme.entity_id 
_pdbx_poly_seq_scheme.seq_id 
_pdbx_poly_seq_scheme.mon_id 
_pdbx_poly_seq_scheme.ndb_seq_num 
_pdbx_poly_seq_scheme.pdb_seq_num 
_pdbx_poly_seq_scheme.auth_seq_num 
_pdbx_poly_seq_scheme.pdb_mon_id 
_pdbx_poly_seq_scheme.auth_mon_id 
_pdbx_poly_seq_scheme.pdb_strand_id 
_pdbx_poly_seq_scheme.pdb_ins_code 
_pdbx_poly_seq_scheme.hetero 
A 1 1   GLY 1   1   1   GLY GLY A . n 
A 1 2   LEU 2   2   2   LEU LEU A . n 
A 1 3   SER 3   3   3   SER SER A . n 
A 1 4   ASP 4   4   4   ASP ASP A . n 
A 1 5   GLY 5   5   5   GLY GLY A . n 
A 1 6   GLU 6   6   6   GLU GLU A . n 
A 1 7   TRP 7   7   7   TRP TRP A . n 
A 1 8   GLU 8   8   8   GLU GLU A . n 
A 1 9   LEU 9   9   9   LEU LEU A . n 
A 1 10  VAL 10  10  10  VAL VAL A . n 
A 1 11  LEU 11  11  11  LEU LEU A . n 
A 1 12  LYS 12  12  12  LYS LYS A . n 
A 1 13  THR 13  13  13  THR THR A . n 
A 1 14  TRP 14  14  14  TRP TRP A . n 
A 1 15  GLY 15  15  15  GLY GLY A . n 
A 1 16  LYS 16  16  16  LYS LYS A . n 
A 1 17  VAL 17  17  17  VAL VAL A . n 
A 1 18  GLU 18  18  18  GLU GLU A . n 
A 1 19  ALA 19  19  19  ALA ALA A . n 
A 1 20  ASP 20  20  20  ASP ASP A . n 
A 1 21  ILE 21  21  21  ILE ILE A . n 
A 1 22  PRO 22  22  22  PRO PRO A . n 
A 1 23  GLY 23  23  23  GLY GLY A . n 
A 1 24  HIS 24  24  24  HIS HIS A . n 
A 1 25  GLY 25  25  25  GLY GLY A . n 
A 1 26  GLU 26  26  26  GLU GLU A . n 
A 1 27  THR 27  27  27  THR THR A . n 
A 1 28  VAL 28  28  28  VAL VAL A . n 
A 1 29  PHE 29  29  29  PHE PHE A . n 
A 1 30  VAL 30  30  30  VAL VAL A . n 
A 1 31  ARG 31  31  31  ARG ARG A . n 
A 1 32  LEU 32  32  32  LEU LEU A . n 
A 1 33  PHE 33  33  33  PHE PHE A . n 
A 1 34  THR 34  34  34  THR THR A . n 
A 1 35  GLY 35  35  35  GLY GLY A . n 
A 1 36  HIS 36  36  36  HIS HIS A . n 
A 1 37  PRO 37  37  37  PRO PRO A . n 
A 1 38  GLU 38  38  38  GLU GLU A . n 
A 1 39  THR 39  39  39  THR THR A . n 
A 1 40  LEU 40  40  40  LEU LEU A . n 
A 1 41  GLU 41  41  41  GLU GLU A . n 
A 1 42  LYS 42  42  42  LYS LYS A . n 
A 1 43  PHE 43  43  43  PHE PHE A . n 
A 1 44  ASP 44  44  44  ASP ASP A . n 
A 1 45  LYS 45  45  45  LYS LYS A . n 
A 1 46  PHE 46  46  46  PHE PHE A . n 
A 1 47  LYS 47  47  47  LYS LYS A . n 
A 1 48  HIS 48  48  48  HIS HIS A . n 
A 1 49  LEU 49  49  49  LEU LEU A . n 
A 1 50  LYS 50  50  50  LYS LYS A . n 
A 1 51  THR 51  51  51  THR THR A . n 
A 1 52  GLU 52  52  52  GLU GLU A . n 
A 1 53  GLY 53  53  53  GLY GLY A . n 
A 1 54  GLU 54  54  54  GLU GLU A . n 
A 1 55  MET 55  55  55  MET MET A . n 
A 1 56  LYS 56  56  56  LYS LYS A . n 
A 1 57  ALA 57  57  57  ALA ALA A . n 
A 1 58  SER 58  58  58  SER SER A . n 
A 1 59  GLU 59  59  59  GLU GLU A . n 
A 1 60  ASP 60  60  60  ASP ASP A . n 
A 1 61  LEU 61  61  61  LEU LEU A . n 
A 1 62  LYS 62  62  62  LYS LYS A . n 
A 1 63  LYS 63  63  63  LYS LYS A . n 
A 1 64  GLN 64  64  64  GLN GLN A . n 
A 1 65  GLY 65  65  65  GLY GLY A . n 
A 1 66  VAL 66  66  66  VAL VAL A . n 
A 1 67  THR 67  67  67  THR THR A . n 
A 1 68  VAL 68  68  68  VAL VAL A . n 
A 1 69  LEU 69  69  69  LEU LEU A . n 
A 1 70  THR 70  70  70  THR THR A . n 
A 1 71  ALA 71  71  71  ALA ALA A . n 
A 1 72  LEU 72  72  72  LEU LEU A . n 
A 1 73  GLY 73  73  73  GLY GLY A . n 
A 1 74  GLY 74  74  74  GLY GLY A . n 
A 1 75  ILE 75  75  75  ILE ILE A . n 
A 1 76  LEU 76  76  76  LEU LEU A . n 
A 1 77  LYS 77  77  77  LYS LYS A . n 
A 1 78  LYS 78  78  78  LYS LYS A . n 
A 1 79  LYS 79  79  79  LYS LYS A . n 
A 1 80  GLY 80  80  80  GLY GLY A . n 
A 1 81  HIS 81  81  81  HIS HIS A . n 
A 1 82  HIS 82  82  82  HIS HIS A . n 
A 1 83  GLU 83  83  83  GLU GLU A . n 
A 1 84  ALA 84  84  84  ALA ALA A . n 
A 1 85  GLU 85  85  85  GLU GLU A . n 
A 1 86  ILE 86  86  86  ILE ILE A . n 
A 1 87  GLN 87  87  87  GLN GLN A . n 
A 1 88  PRO 88  88  88  PRO PRO A . n 
A 1 89  LEU 89  89  89  LEU LEU A . n 
A 1 90  ALA 90  90  90  ALA ALA A . n 
A 1 91  GLN 91  91  91  GLN GLN A . n 
A 1 92  SER 92  92  92  SER SER A . n 
A 1 93  HIS 93  93  93  HIS HIS A . n 
A 1 94  ALA 94  94  94  ALA ALA A . n 
A 1 95  THR 95  95  95  THR THR A . n 
A 1 96  LYS 96  96  96  LYS LYS A . n 
A 1 97  HIS 97  97  97  HIS HIS A . n 
A 1 98  LYS 98  98  98  LYS LYS A . n 
A 1 99  ILE 99  99  99  ILE ILE A . n 
A 1 100 PRO 100 100 100 PRO PRO A . n 
A 1 101 ILE 101 101 101 ILE ILE A . n 
A 1 102 LYS 102 102 102 LYS LYS A . n 
A 1 103 TYR 103 103 103 TYR TYR A . n 
A 1 104 LEU 104 104 104 LEU LEU A . n 
A 1 105 GLU 105 105 105 GLU GLU A . n 
A 1 106 PHE 106 106 106 PHE PHE A . n 
A 1 107 ILE 107 107 107 ILE ILE A . n 
A 1 108 SER 108 108 108 SER SER A . n 
A 1 109 ASP 109 109 109 ASP ASP A . n 
A 1 110 ALA 110 110 110 ALA ALA A . n 
A 1 111 ILE 111 111 111 ILE ILE A . n 
A 1 112 ILE 112 112 112 ILE ILE A . n 
A 1 113 HIS 113 113 113 HIS HIS A . n 
A 1 114 VAL 114 114 114 VAL VAL A . n 
A 1 115 LEU 115 115 115 LEU LEU A . n 
A 1 116 GLN 116 116 116 GLN GLN A . n 
A 1 117 SER 117 117 117 SER SER A . n 
A 1 118 LYS 118 118 118 LYS LYS A . n 
A 1 119 HIS 119 119 119 HIS HIS A . n 
A 1 120 PRO 120 120 120 PRO PRO A . n 
A 1 121 ALA 121 121 121 ALA ALA A . n 
A 1 122 GLU 122 122 122 GLU GLU A . n 
A 1 123 PHE 123 123 123 PHE PHE A . n 
A 1 124 GLY 124 124 124 GLY GLY A . n 
A 1 125 ALA 125 125 125 ALA ALA A . n 
A 1 126 ASP 126 126 126 ASP ASP A . n 
A 1 127 ALA 127 127 127 ALA ALA A . n 
A 1 128 GLN 128 128 128 GLN GLN A . n 
A 1 129 GLY 129 129 129 GLY GLY A . n 
A 1 130 ALA 130 130 130 ALA ALA A . n 
A 1 131 MET 131 131 131 MET MET A . n 
A 1 132 LYS 132 132 132 LYS LYS A . n 
A 1 133 LYS 133 133 133 LYS LYS A . n 
A 1 134 ALA 134 134 134 ALA ALA A . n 
A 1 135 LEU 135 135 135 LEU LEU A . n 
A 1 136 GLU 136 136 136 GLU GLU A . n 
A 1 137 LEU 137 137 137 LEU LEU A . n 
A 1 138 PHE 138 138 138 PHE PHE A . n 
A 1 139 ARG 139 139 139 ARG ARG A . n 
A 1 140 ASN 140 140 140 ASN ASN A . n 
A 1 141 ASP 141 141 141 ASP ASP A . n 
A 1 142 ILE 142 142 142 ILE ILE A . n 
A 1 143 ALA 143 143 143 ALA ALA A . n 
A 1 144 ALA 144 144 144 ALA ALA A . n 
A 1 145 LYS 145 145 145 LYS LYS A . n 
A 1 146 TYR 146 146 146 TYR TYR A . n 
A 1 147 LYS 147 147 147 LYS LYS A . n 
A 1 148 GLU 148 148 148 GLU GLU A . n 
A 1 149 LEU 149 149 149 LEU LEU A . n 
A 1 150 GLY 150 150 150 GLY GLY A . n 
A 1 151 PHE 151 151 151 PHE PHE A . n 
A 1 152 GLN 152 152 152 GLN GLN A . n 
A 1 153 GLY 153 153 153 GLY GLY A . n 
# 
loop_
_pdbx_nonpoly_scheme.asym_id 
_pdbx_nonpoly_scheme.entity_id 
_pdbx_nonpoly_scheme.mon_id 
_pdbx_nonpoly_scheme.ndb_seq_num 
_pdbx_nonpoly_scheme.pdb_seq_num 
_pdbx_nonpoly_scheme.auth_seq_num 
_pdbx_nonpoly_scheme.pdb_mon_id 
_pdbx_nonpoly_scheme.auth_mon_id 
_pdbx_nonpoly_scheme.pdb_strand_id 
_pdbx_nonpoly_scheme.pdb_ins_code 
B 2 CYN 1   155 155 CYN CYN A . 
C 3 HEM 1   154 154 HEM HEM A . 
D 4 HOH 1   200 200 HOH HOH A . 
D 4 HOH 2   201 201 HOH HOH A . 
D 4 HOH 3   202 202 HOH HOH A . 
D 4 HOH 4   203 203 HOH HOH A . 
D 4 HOH 5   204 204 HOH HOH A . 
D 4 HOH 6   205 205 HOH HOH A . 
D 4 HOH 7   206 206 HOH HOH A . 
D 4 HOH 8   207 207 HOH HOH A . 
D 4 HOH 9   208 208 HOH HOH A . 
D 4 HOH 10  209 209 HOH HOH A . 
D 4 HOH 11  210 210 HOH HOH A . 
D 4 HOH 12  211 211 HOH HOH A . 
D 4 HOH 13  212 212 HOH HOH A . 
D 4 HOH 14  213 213 HOH HOH A . 
D 4 HOH 15  214 214 HOH HOH A . 
D 4 HOH 16  215 215 HOH HOH A . 
D 4 HOH 17  216 216 HOH HOH A . 
D 4 HOH 18  217 217 HOH HOH A . 
D 4 HOH 19  218 218 HOH HOH A . 
D 4 HOH 20  219 219 HOH HOH A . 
D 4 HOH 21  220 220 HOH HOH A . 
D 4 HOH 22  221 221 HOH HOH A . 
D 4 HOH 23  222 222 HOH HOH A . 
D 4 HOH 24  223 223 HOH HOH A . 
D 4 HOH 25  224 224 HOH HOH A . 
D 4 HOH 26  225 225 HOH HOH A . 
D 4 HOH 27  226 226 HOH HOH A . 
D 4 HOH 28  227 227 HOH HOH A . 
D 4 HOH 29  228 228 HOH HOH A . 
D 4 HOH 30  229 229 HOH HOH A . 
D 4 HOH 31  230 230 HOH HOH A . 
D 4 HOH 32  231 231 HOH HOH A . 
D 4 HOH 33  232 232 HOH HOH A . 
D 4 HOH 34  233 233 HOH HOH A . 
D 4 HOH 35  235 235 HOH HOH A . 
D 4 HOH 36  236 236 HOH HOH A . 
D 4 HOH 37  237 237 HOH HOH A . 
D 4 HOH 38  239 239 HOH HOH A . 
D 4 HOH 39  240 240 HOH HOH A . 
D 4 HOH 40  241 241 HOH HOH A . 
D 4 HOH 41  242 242 HOH HOH A . 
D 4 HOH 42  243 243 HOH HOH A . 
D 4 HOH 43  244 244 HOH HOH A . 
D 4 HOH 44  245 245 HOH HOH A . 
D 4 HOH 45  246 246 HOH HOH A . 
D 4 HOH 46  247 247 HOH HOH A . 
D 4 HOH 47  248 248 HOH HOH A . 
D 4 HOH 48  249 249 HOH HOH A . 
D 4 HOH 49  250 250 HOH HOH A . 
D 4 HOH 50  251 251 HOH HOH A . 
D 4 HOH 51  252 252 HOH HOH A . 
D 4 HOH 52  253 253 HOH HOH A . 
D 4 HOH 53  254 254 HOH HOH A . 
D 4 HOH 54  255 255 HOH HOH A . 
D 4 HOH 55  256 256 HOH HOH A . 
D 4 HOH 56  257 257 HOH HOH A . 
D 4 HOH 57  258 258 HOH HOH A . 
D 4 HOH 58  259 259 HOH HOH A . 
D 4 HOH 59  260 260 HOH HOH A . 
D 4 HOH 60  261 261 HOH HOH A . 
D 4 HOH 61  262 262 HOH HOH A . 
D 4 HOH 62  263 263 HOH HOH A . 
D 4 HOH 63  264 264 HOH HOH A . 
D 4 HOH 64  265 265 HOH HOH A . 
D 4 HOH 65  266 266 HOH HOH A . 
D 4 HOH 66  267 267 HOH HOH A . 
D 4 HOH 67  268 268 HOH HOH A . 
D 4 HOH 68  269 269 HOH HOH A . 
D 4 HOH 69  270 270 HOH HOH A . 
D 4 HOH 70  271 271 HOH HOH A . 
D 4 HOH 71  272 272 HOH HOH A . 
D 4 HOH 72  273 273 HOH HOH A . 
D 4 HOH 73  274 274 HOH HOH A . 
D 4 HOH 74  275 275 HOH HOH A . 
D 4 HOH 75  276 276 HOH HOH A . 
D 4 HOH 76  277 277 HOH HOH A . 
D 4 HOH 77  279 279 HOH HOH A . 
D 4 HOH 78  280 280 HOH HOH A . 
D 4 HOH 79  281 281 HOH HOH A . 
D 4 HOH 80  282 282 HOH HOH A . 
D 4 HOH 81  283 283 HOH HOH A . 
D 4 HOH 82  284 284 HOH HOH A . 
D 4 HOH 83  285 285 HOH HOH A . 
D 4 HOH 84  286 286 HOH HOH A . 
D 4 HOH 85  287 287 HOH HOH A . 
D 4 HOH 86  288 288 HOH HOH A . 
D 4 HOH 87  289 289 HOH HOH A . 
D 4 HOH 88  290 290 HOH HOH A . 
D 4 HOH 89  291 291 HOH HOH A . 
D 4 HOH 90  292 292 HOH HOH A . 
D 4 HOH 91  293 293 HOH HOH A . 
D 4 HOH 92  294 294 HOH HOH A . 
D 4 HOH 93  295 295 HOH HOH A . 
D 4 HOH 94  296 296 HOH HOH A . 
D 4 HOH 95  297 297 HOH HOH A . 
D 4 HOH 96  299 299 HOH HOH A . 
D 4 HOH 97  300 300 HOH HOH A . 
D 4 HOH 98  301 301 HOH HOH A . 
D 4 HOH 99  302 302 HOH HOH A . 
D 4 HOH 100 303 303 HOH HOH A . 
D 4 HOH 101 304 304 HOH HOH A . 
D 4 HOH 102 305 305 HOH HOH A . 
D 4 HOH 103 306 306 HOH HOH A . 
D 4 HOH 104 307 307 HOH HOH A . 
D 4 HOH 105 308 308 HOH HOH A . 
D 4 HOH 106 309 309 HOH HOH A . 
D 4 HOH 107 310 310 HOH HOH A . 
D 4 HOH 108 311 311 HOH HOH A . 
D 4 HOH 109 312 312 HOH HOH A . 
D 4 HOH 110 313 313 HOH HOH A . 
D 4 HOH 111 314 314 HOH HOH A . 
D 4 HOH 112 315 315 HOH HOH A . 
D 4 HOH 113 316 316 HOH HOH A . 
D 4 HOH 114 317 317 HOH HOH A . 
D 4 HOH 115 318 318 HOH HOH A . 
D 4 HOH 116 319 319 HOH HOH A . 
D 4 HOH 117 320 320 HOH HOH A . 
D 4 HOH 118 321 321 HOH HOH A . 
D 4 HOH 119 322 322 HOH HOH A . 
D 4 HOH 120 323 323 HOH HOH A . 
D 4 HOH 121 324 324 HOH HOH A . 
D 4 HOH 122 325 325 HOH HOH A . 
D 4 HOH 123 326 326 HOH HOH A . 
D 4 HOH 124 327 327 HOH HOH A . 
D 4 HOH 125 328 328 HOH HOH A . 
D 4 HOH 126 329 329 HOH HOH A . 
D 4 HOH 127 330 330 HOH HOH A . 
D 4 HOH 128 332 332 HOH HOH A . 
D 4 HOH 129 333 333 HOH HOH A . 
D 4 HOH 130 334 334 HOH HOH A . 
D 4 HOH 131 335 335 HOH HOH A . 
D 4 HOH 132 336 336 HOH HOH A . 
D 4 HOH 133 337 337 HOH HOH A . 
D 4 HOH 134 339 339 HOH HOH A . 
D 4 HOH 135 340 340 HOH HOH A . 
D 4 HOH 136 341 341 HOH HOH A . 
D 4 HOH 137 342 342 HOH HOH A . 
D 4 HOH 138 343 343 HOH HOH A . 
D 4 HOH 139 344 344 HOH HOH A . 
D 4 HOH 140 345 345 HOH HOH A . 
D 4 HOH 141 346 346 HOH HOH A . 
D 4 HOH 142 347 347 HOH HOH A . 
D 4 HOH 143 348 348 HOH HOH A . 
D 4 HOH 144 349 349 HOH HOH A . 
D 4 HOH 145 350 350 HOH HOH A . 
D 4 HOH 146 351 351 HOH HOH A . 
D 4 HOH 147 352 352 HOH HOH A . 
D 4 HOH 148 353 353 HOH HOH A . 
D 4 HOH 149 354 354 HOH HOH A . 
D 4 HOH 150 356 356 HOH HOH A . 
D 4 HOH 151 357 357 HOH HOH A . 
D 4 HOH 152 358 358 HOH HOH A . 
D 4 HOH 153 359 359 HOH HOH A . 
D 4 HOH 154 360 360 HOH HOH A . 
D 4 HOH 155 361 361 HOH HOH A . 
D 4 HOH 156 362 362 HOH HOH A . 
D 4 HOH 157 363 363 HOH HOH A . 
D 4 HOH 158 364 364 HOH HOH A . 
D 4 HOH 159 365 365 HOH HOH A . 
D 4 HOH 160 366 366 HOH HOH A . 
D 4 HOH 161 367 367 HOH HOH A . 
D 4 HOH 162 368 368 HOH HOH A . 
D 4 HOH 163 369 369 HOH HOH A . 
D 4 HOH 164 371 371 HOH HOH A . 
D 4 HOH 165 372 372 HOH HOH A . 
D 4 HOH 166 373 373 HOH HOH A . 
D 4 HOH 167 374 374 HOH HOH A . 
D 4 HOH 168 375 375 HOH HOH A . 
D 4 HOH 169 376 376 HOH HOH A . 
D 4 HOH 170 377 377 HOH HOH A . 
D 4 HOH 171 378 378 HOH HOH A . 
D 4 HOH 172 379 379 HOH HOH A . 
D 4 HOH 173 380 380 HOH HOH A . 
D 4 HOH 174 381 381 HOH HOH A . 
D 4 HOH 175 382 382 HOH HOH A . 
D 4 HOH 176 383 383 HOH HOH A . 
D 4 HOH 177 384 384 HOH HOH A . 
D 4 HOH 178 385 385 HOH HOH A . 
D 4 HOH 179 386 386 HOH HOH A . 
D 4 HOH 180 388 388 HOH HOH A . 
D 4 HOH 181 389 389 HOH HOH A . 
D 4 HOH 182 390 390 HOH HOH A . 
D 4 HOH 183 391 391 HOH HOH A . 
D 4 HOH 184 392 392 HOH HOH A . 
D 4 HOH 185 393 393 HOH HOH A . 
D 4 HOH 186 394 394 HOH HOH A . 
D 4 HOH 187 395 395 HOH HOH A . 
D 4 HOH 188 397 397 HOH HOH A . 
D 4 HOH 189 398 398 HOH HOH A . 
D 4 HOH 190 399 399 HOH HOH A . 
D 4 HOH 191 400 400 HOH HOH A . 
D 4 HOH 192 401 401 HOH HOH A . 
D 4 HOH 193 402 402 HOH HOH A . 
D 4 HOH 194 403 403 HOH HOH A . 
D 4 HOH 195 409 409 HOH HOH A . 
D 4 HOH 196 410 410 HOH HOH A . 
D 4 HOH 197 411 411 HOH HOH A . 
D 4 HOH 198 414 414 HOH HOH A . 
D 4 HOH 199 416 416 HOH HOH A . 
D 4 HOH 200 417 417 HOH HOH A . 
D 4 HOH 201 418 418 HOH HOH A . 
D 4 HOH 202 419 419 HOH HOH A . 
D 4 HOH 203 425 425 HOH HOH A . 
D 4 HOH 204 426 426 HOH HOH A . 
D 4 HOH 205 427 427 HOH HOH A . 
D 4 HOH 206 428 428 HOH HOH A . 
D 4 HOH 207 430 430 HOH HOH A . 
D 4 HOH 208 432 432 HOH HOH A . 
D 4 HOH 209 433 433 HOH HOH A . 
D 4 HOH 210 435 435 HOH HOH A . 
D 4 HOH 211 436 436 HOH HOH A . 
D 4 HOH 212 438 438 HOH HOH A . 
D 4 HOH 213 440 440 HOH HOH A . 
D 4 HOH 214 441 441 HOH HOH A . 
D 4 HOH 215 442 442 HOH HOH A . 
D 4 HOH 216 444 444 HOH HOH A . 
D 4 HOH 217 446 446 HOH HOH A . 
D 4 HOH 218 447 447 HOH HOH A . 
D 4 HOH 219 454 454 HOH HOH A . 
# 
loop_
_software.name 
_software.classification 
_software.version 
_software.citation_id 
_software.pdbx_ordinal 
X-PLOR 'model building' . ? 1 
PROLSQ refinement       . ? 2 
X-PLOR refinement       . ? 3 
X-PLOR phasing          . ? 4 
# 
_cell.entry_id           1EMY 
_cell.length_a           33.510 
_cell.length_b           58.590 
_cell.length_c           70.440 
_cell.angle_alpha        90.00 
_cell.angle_beta         90.00 
_cell.angle_gamma        90.00 
_cell.Z_PDB              4 
_cell.pdbx_unique_axis   ? 
# 
_symmetry.entry_id                         1EMY 
_symmetry.space_group_name_H-M             'P 21 21 21' 
_symmetry.pdbx_full_space_group_name_H-M   ? 
_symmetry.cell_setting                     ? 
_symmetry.Int_Tables_number                19 
# 
_exptl.entry_id          1EMY 
_exptl.method            'X-RAY DIFFRACTION' 
_exptl.crystals_number   ? 
# 
_exptl_crystal.id                    1 
_exptl_crystal.density_meas          ? 
_exptl_crystal.density_Matthews      2.03 
_exptl_crystal.density_percent_sol   39.41 
_exptl_crystal.description           ? 
# 
_exptl_crystal_grow.crystal_id      1 
_exptl_crystal_grow.method          ? 
_exptl_crystal_grow.temp            ? 
_exptl_crystal_grow.temp_details    ? 
_exptl_crystal_grow.pH              ? 
_exptl_crystal_grow.pdbx_pH_range   ? 
_exptl_crystal_grow.pdbx_details    
;CRYSTALLIZATION CONDITIONS
 METHOD:                 HANGING DROP VAPOR DIFFUSION
 PRECIPITANT:            45% PEG 1000
 BUFFER:                 0.1M TRIS/HCL
 PH:                     8.5
 SALT:                   0.15M MAGNESIUM ACETATE
 PROTEIN CONCENTRATION:  10MG/ML
 TEMPERATURE:            293K
 CRYSTAL SIZE:           0.8 X 0.4 X 0.3 MM
;
# 
_diffrn.id                     1 
_diffrn.ambient_temp           ? 
_diffrn.ambient_temp_details   ? 
_diffrn.crystal_id             1 
# 
_diffrn_radiation.diffrn_id                        1 
_diffrn_radiation.wavelength_id                    1 
_diffrn_radiation.pdbx_monochromatic_or_laue_m_l   ? 
_diffrn_radiation.monochromator                    ? 
_diffrn_radiation.pdbx_diffrn_protocol             ? 
_diffrn_radiation.pdbx_scattering_type             x-ray 
# 
_diffrn_radiation_wavelength.id           1 
_diffrn_radiation_wavelength.wavelength   . 
_diffrn_radiation_wavelength.wt           1.0 
# 
_reflns.entry_id                     1EMY 
_reflns.observed_criterion_sigma_I   0.0 
_reflns.observed_criterion_sigma_F   ? 
_reflns.d_resolution_low             ? 
_reflns.d_resolution_high            ? 
_reflns.number_obs                   13649 
_reflns.number_all                   ? 
_reflns.percent_possible_obs         93.6 
_reflns.pdbx_Rmerge_I_obs            ? 
_reflns.pdbx_Rsym_value              ? 
_reflns.pdbx_netI_over_sigmaI        ? 
_reflns.B_iso_Wilson_estimate        ? 
_reflns.pdbx_redundancy              ? 
_reflns.pdbx_diffrn_id               1 
_reflns.pdbx_ordinal                 1 
# 
_refine.entry_id                                 1EMY 
_refine.ls_number_reflns_obs                     12966 
_refine.ls_number_reflns_all                     ? 
_refine.pdbx_ls_sigma_I                          ? 
_refine.pdbx_ls_sigma_F                          2.0 
_refine.pdbx_data_cutoff_high_absF               ? 
_refine.pdbx_data_cutoff_low_absF                ? 
_refine.pdbx_data_cutoff_high_rms_absF           ? 
_refine.ls_d_res_low                             8.0 
_refine.ls_d_res_high                            1.78 
_refine.ls_percent_reflns_obs                    ? 
_refine.ls_R_factor_obs                          0.1530000 
_refine.ls_R_factor_all                          ? 
_refine.ls_R_factor_R_work                       0.1530000 
_refine.ls_R_factor_R_free                       ? 
_refine.ls_R_factor_R_free_error                 ? 
_refine.ls_R_factor_R_free_error_details         ? 
_refine.ls_percent_reflns_R_free                 ? 
_refine.ls_number_reflns_R_free                  ? 
_refine.ls_number_parameters                     ? 
_refine.ls_number_restraints                     ? 
_refine.occupancy_min                            ? 
_refine.occupancy_max                            ? 
_refine.B_iso_mean                               21.45 
_refine.aniso_B[1][1]                            ? 
_refine.aniso_B[2][2]                            ? 
_refine.aniso_B[3][3]                            ? 
_refine.aniso_B[1][2]                            ? 
_refine.aniso_B[1][3]                            ? 
_refine.aniso_B[2][3]                            ? 
_refine.solvent_model_details                    ? 
_refine.solvent_model_param_ksol                 ? 
_refine.solvent_model_param_bsol                 ? 
_refine.pdbx_ls_cross_valid_method               ? 
_refine.details                                  ? 
_refine.pdbx_starting_model                      ? 
_refine.pdbx_method_to_determine_struct          ? 
_refine.pdbx_isotropic_thermal_model             ? 
_refine.pdbx_stereochemistry_target_values       ? 
_refine.pdbx_stereochem_target_val_spec_case     ? 
_refine.pdbx_R_Free_selection_details            ? 
_refine.pdbx_overall_ESU_R                       ? 
_refine.pdbx_overall_ESU_R_Free                  ? 
_refine.overall_SU_ML                            ? 
_refine.overall_SU_B                             ? 
_refine.pdbx_refine_id                           'X-RAY DIFFRACTION' 
_refine.pdbx_diffrn_id                           1 
_refine.pdbx_TLS_residual_ADP_flag               ? 
_refine.correlation_coeff_Fo_to_Fc               ? 
_refine.correlation_coeff_Fo_to_Fc_free          ? 
_refine.pdbx_solvent_vdw_probe_radii             ? 
_refine.pdbx_solvent_ion_probe_radii             ? 
_refine.pdbx_solvent_shrinkage_radii             ? 
_refine.pdbx_overall_phase_error                 ? 
_refine.overall_SU_R_Cruickshank_DPI             ? 
_refine.pdbx_overall_SU_R_free_Cruickshank_DPI   ? 
_refine.pdbx_overall_SU_R_Blow_DPI               ? 
_refine.pdbx_overall_SU_R_free_Blow_DPI          ? 
# 
_refine_analyze.entry_id                        1EMY 
_refine_analyze.Luzzati_coordinate_error_obs    0.1 
_refine_analyze.Luzzati_sigma_a_obs             ? 
_refine_analyze.Luzzati_d_res_low_obs           ? 
_refine_analyze.Luzzati_coordinate_error_free   ? 
_refine_analyze.Luzzati_sigma_a_free            ? 
_refine_analyze.Luzzati_d_res_low_free          ? 
_refine_analyze.number_disordered_residues      ? 
_refine_analyze.occupancy_sum_hydrogen          ? 
_refine_analyze.occupancy_sum_non_hydrogen      ? 
_refine_analyze.pdbx_refine_id                  'X-RAY DIFFRACTION' 
# 
_refine_hist.pdbx_refine_id                   'X-RAY DIFFRACTION' 
_refine_hist.cycle_id                         LAST 
_refine_hist.pdbx_number_atoms_protein        1202 
_refine_hist.pdbx_number_atoms_nucleic_acid   0 
_refine_hist.pdbx_number_atoms_ligand         45 
_refine_hist.number_atoms_solvent             219 
_refine_hist.number_atoms_total               1466 
_refine_hist.d_res_high                       1.78 
_refine_hist.d_res_low                        8.0 
# 
loop_
_refine_ls_restr.type 
_refine_ls_restr.dev_ideal 
_refine_ls_restr.dev_ideal_target 
_refine_ls_restr.weight 
_refine_ls_restr.number 
_refine_ls_restr.pdbx_refine_id 
_refine_ls_restr.pdbx_restraint_function 
x_bond_d                0.019 ?     ? ? 'X-RAY DIFFRACTION' ? 
x_bond_d_na             ?     ?     ? ? 'X-RAY DIFFRACTION' ? 
x_bond_d_prot           ?     ?     ? ? 'X-RAY DIFFRACTION' ? 
x_angle_d               ?     ?     ? ? 'X-RAY DIFFRACTION' ? 
x_angle_d_na            ?     ?     ? ? 'X-RAY DIFFRACTION' ? 
x_angle_d_prot          ?     ?     ? ? 'X-RAY DIFFRACTION' ? 
x_angle_deg             ?     ?     ? ? 'X-RAY DIFFRACTION' ? 
x_angle_deg_na          ?     ?     ? ? 'X-RAY DIFFRACTION' ? 
x_angle_deg_prot        ?     ?     ? ? 'X-RAY DIFFRACTION' ? 
x_dihedral_angle_d      ?     ?     ? ? 'X-RAY DIFFRACTION' ? 
x_dihedral_angle_d_na   ?     ?     ? ? 'X-RAY DIFFRACTION' ? 
x_dihedral_angle_d_prot ?     ?     ? ? 'X-RAY DIFFRACTION' ? 
x_improper_angle_d      ?     ?     ? ? 'X-RAY DIFFRACTION' ? 
x_improper_angle_d_na   ?     ?     ? ? 'X-RAY DIFFRACTION' ? 
x_improper_angle_d_prot ?     ?     ? ? 'X-RAY DIFFRACTION' ? 
x_mcbond_it             1.801 1.000 ? ? 'X-RAY DIFFRACTION' ? 
x_mcangle_it            2.579 1.500 ? ? 'X-RAY DIFFRACTION' ? 
x_scbond_it             3.502 1.000 ? ? 'X-RAY DIFFRACTION' ? 
x_scangle_it            5.518 1.500 ? ? 'X-RAY DIFFRACTION' ? 
# 
_struct.entry_id                  1EMY 
_struct.title                     
;CRYSTAL STRUCTURE OF ASIAN ELEPHANT (ELEPHAS MAXIMUS) CYANO-MET MYOGLOBIN AT 1.78 ANGSTROMS RESOLUTION. PHE 29 (B10) ACCOUNTS FOR ITS UNUSUAL LIGAND BINDING PROPERTIES
;
_struct.pdbx_model_details        ? 
_struct.pdbx_CASP_flag            ? 
_struct.pdbx_model_type_details   ? 
# 
_struct_keywords.entry_id        1EMY 
_struct_keywords.pdbx_keywords   'OXYGEN TRANSPORT' 
_struct_keywords.text            'HEME PROTEIN, GLOBIN FOLD, OXYGEN TRANSPORT' 
# 
loop_
_struct_asym.id 
_struct_asym.pdbx_blank_PDB_chainid_flag 
_struct_asym.pdbx_modified 
_struct_asym.entity_id 
_struct_asym.details 
A N N 1 ? 
B N N 2 ? 
C N N 3 ? 
D N N 4 ? 
# 
_struct_ref.id                         1 
_struct_ref.db_name                    UNP 
_struct_ref.db_code                    MYG_ELEMA 
_struct_ref.entity_id                  1 
_struct_ref.pdbx_db_accession          P02186 
_struct_ref.pdbx_align_begin           1 
_struct_ref.pdbx_seq_one_letter_code   
;GLSDGEWELVLKTWGKVEADIPGHGETVFVRLFTGHPETLEKFDKFKHLKTEGEMKASEDLKKQGVTVLTALGGILKKKG
HHEAEIQPLAQSHATKHKIPIKYLEFISDAIIHVLQSKHPAEFGADAQGAMKKALELFRNDIAAKYKELGFQG
;
_struct_ref.pdbx_db_isoform            ? 
# 
_struct_ref_seq.align_id                      1 
_struct_ref_seq.ref_id                        1 
_struct_ref_seq.pdbx_PDB_id_code              1EMY 
_struct_ref_seq.pdbx_strand_id                A 
_struct_ref_seq.seq_align_beg                 1 
_struct_ref_seq.pdbx_seq_align_beg_ins_code   ? 
_struct_ref_seq.seq_align_end                 153 
_struct_ref_seq.pdbx_seq_align_end_ins_code   ? 
_struct_ref_seq.pdbx_db_accession             P02186 
_struct_ref_seq.db_align_beg                  1 
_struct_ref_seq.pdbx_db_align_beg_ins_code    ? 
_struct_ref_seq.db_align_end                  153 
_struct_ref_seq.pdbx_db_align_end_ins_code    ? 
_struct_ref_seq.pdbx_auth_seq_align_beg       1 
_struct_ref_seq.pdbx_auth_seq_align_end       153 
# 
_pdbx_struct_assembly.id                   1 
_pdbx_struct_assembly.details              author_defined_assembly 
_pdbx_struct_assembly.method_details       ? 
_pdbx_struct_assembly.oligomeric_details   monomeric 
_pdbx_struct_assembly.oligomeric_count     1 
# 
_pdbx_struct_assembly_gen.assembly_id       1 
_pdbx_struct_assembly_gen.oper_expression   1 
_pdbx_struct_assembly_gen.asym_id_list      A,B,C,D 
# 
_pdbx_struct_oper_list.id                   1 
_pdbx_struct_oper_list.type                 'identity operation' 
_pdbx_struct_oper_list.name                 1_555 
_pdbx_struct_oper_list.symmetry_operation   x,y,z 
_pdbx_struct_oper_list.matrix[1][1]         1.0000000000 
_pdbx_struct_oper_list.matrix[1][2]         0.0000000000 
_pdbx_struct_oper_list.matrix[1][3]         0.0000000000 
_pdbx_struct_oper_list.vector[1]            0.0000000000 
_pdbx_struct_oper_list.matrix[2][1]         0.0000000000 
_pdbx_struct_oper_list.matrix[2][2]         1.0000000000 
_pdbx_struct_oper_list.matrix[2][3]         0.0000000000 
_pdbx_struct_oper_list.vector[2]            0.0000000000 
_pdbx_struct_oper_list.matrix[3][1]         0.0000000000 
_pdbx_struct_oper_list.matrix[3][2]         0.0000000000 
_pdbx_struct_oper_list.matrix[3][3]         1.0000000000 
_pdbx_struct_oper_list.vector[3]            0.0000000000 
# 
_struct_biol.id   1 
# 
loop_
_struct_conf.conf_type_id 
_struct_conf.id 
_struct_conf.pdbx_PDB_helix_id 
_struct_conf.beg_label_comp_id 
_struct_conf.beg_label_asym_id 
_struct_conf.beg_label_seq_id 
_struct_conf.pdbx_beg_PDB_ins_code 
_struct_conf.end_label_comp_id 
_struct_conf.end_label_asym_id 
_struct_conf.end_label_seq_id 
_struct_conf.pdbx_end_PDB_ins_code 
_struct_conf.beg_auth_comp_id 
_struct_conf.beg_auth_asym_id 
_struct_conf.beg_auth_seq_id 
_struct_conf.end_auth_comp_id 
_struct_conf.end_auth_asym_id 
_struct_conf.end_auth_seq_id 
_struct_conf.pdbx_PDB_helix_class 
_struct_conf.details 
_struct_conf.pdbx_PDB_helix_length 
HELX_P HELX_P1 A ASP A 4   ? GLU A 18  ? ASP A 4   GLU A 18  1 ? 15 
HELX_P HELX_P2 B ILE A 21  ? GLY A 35  ? ILE A 21  GLY A 35  1 ? 15 
HELX_P HELX_P3 C PRO A 37  ? LYS A 42  ? PRO A 37  LYS A 42  5 ? 6  
HELX_P HELX_P4 D GLU A 52  ? LYS A 56  ? GLU A 52  LYS A 56  1 ? 5  
HELX_P HELX_P5 E GLU A 59  ? LYS A 77  ? GLU A 59  LYS A 77  1 ? 19 
HELX_P HELX_P6 F GLU A 83  ? THR A 95  ? GLU A 83  THR A 95  1 ? 13 
HELX_P HELX_P7 G ILE A 101 ? LYS A 118 ? ILE A 101 LYS A 118 1 ? 18 
HELX_P HELX_P8 H ALA A 125 ? GLU A 148 ? ALA A 125 GLU A 148 1 ? 24 
# 
_struct_conf_type.id          HELX_P 
_struct_conf_type.criteria    ? 
_struct_conf_type.reference   ? 
# 
loop_
_struct_conn.id 
_struct_conn.conn_type_id 
_struct_conn.pdbx_leaving_atom_flag 
_struct_conn.pdbx_PDB_id 
_struct_conn.ptnr1_label_asym_id 
_struct_conn.ptnr1_label_comp_id 
_struct_conn.ptnr1_label_seq_id 
_struct_conn.ptnr1_label_atom_id 
_struct_conn.pdbx_ptnr1_label_alt_id 
_struct_conn.pdbx_ptnr1_PDB_ins_code 
_struct_conn.pdbx_ptnr1_standard_comp_id 
_struct_conn.ptnr1_symmetry 
_struct_conn.ptnr2_label_asym_id 
_struct_conn.ptnr2_label_comp_id 
_struct_conn.ptnr2_label_seq_id 
_struct_conn.ptnr2_label_atom_id 
_struct_conn.pdbx_ptnr2_label_alt_id 
_struct_conn.pdbx_ptnr2_PDB_ins_code 
_struct_conn.ptnr1_auth_asym_id 
_struct_conn.ptnr1_auth_comp_id 
_struct_conn.ptnr1_auth_seq_id 
_struct_conn.ptnr2_auth_asym_id 
_struct_conn.ptnr2_auth_comp_id 
_struct_conn.ptnr2_auth_seq_id 
_struct_conn.ptnr2_symmetry 
_struct_conn.pdbx_ptnr3_label_atom_id 
_struct_conn.pdbx_ptnr3_label_seq_id 
_struct_conn.pdbx_ptnr3_label_comp_id 
_struct_conn.pdbx_ptnr3_label_asym_id 
_struct_conn.pdbx_ptnr3_label_alt_id 
_struct_conn.pdbx_ptnr3_PDB_ins_code 
_struct_conn.details 
_struct_conn.pdbx_dist_value 
_struct_conn.pdbx_value_order 
_struct_conn.pdbx_role 
metalc1 metalc ? ? A HIS 93 NE2 ? ? ? 1_555 C HEM . FE ? ? A HIS 93  A HEM 154 1_555 ? ? ? ? ? ? ? 2.106 ? ? 
metalc2 metalc ? ? C HEM .  FE  ? ? ? 1_555 B CYN . C  ? ? A HEM 154 A CYN 155 1_555 ? ? ? ? ? ? ? 1.846 ? ? 
metalc3 metalc ? ? C HEM .  FE  ? ? ? 1_555 B CYN . N  ? ? A HEM 154 A CYN 155 1_555 ? ? ? ? ? ? ? 2.981 ? ? 
# 
_struct_conn_type.id          metalc 
_struct_conn_type.criteria    ? 
_struct_conn_type.reference   ? 
# 
loop_
_pdbx_struct_conn_angle.id 
_pdbx_struct_conn_angle.ptnr1_label_atom_id 
_pdbx_struct_conn_angle.ptnr1_label_alt_id 
_pdbx_struct_conn_angle.ptnr1_label_asym_id 
_pdbx_struct_conn_angle.ptnr1_label_comp_id 
_pdbx_struct_conn_angle.ptnr1_label_seq_id 
_pdbx_struct_conn_angle.ptnr1_auth_atom_id 
_pdbx_struct_conn_angle.ptnr1_auth_asym_id 
_pdbx_struct_conn_angle.ptnr1_auth_comp_id 
_pdbx_struct_conn_angle.ptnr1_auth_seq_id 
_pdbx_struct_conn_angle.ptnr1_PDB_ins_code 
_pdbx_struct_conn_angle.ptnr1_symmetry 
_pdbx_struct_conn_angle.ptnr2_label_atom_id 
_pdbx_struct_conn_angle.ptnr2_label_alt_id 
_pdbx_struct_conn_angle.ptnr2_label_asym_id 
_pdbx_struct_conn_angle.ptnr2_label_comp_id 
_pdbx_struct_conn_angle.ptnr2_label_seq_id 
_pdbx_struct_conn_angle.ptnr2_auth_atom_id 
_pdbx_struct_conn_angle.ptnr2_auth_asym_id 
_pdbx_struct_conn_angle.ptnr2_auth_comp_id 
_pdbx_struct_conn_angle.ptnr2_auth_seq_id 
_pdbx_struct_conn_angle.ptnr2_PDB_ins_code 
_pdbx_struct_conn_angle.ptnr2_symmetry 
_pdbx_struct_conn_angle.ptnr3_label_atom_id 
_pdbx_struct_conn_angle.ptnr3_label_alt_id 
_pdbx_struct_conn_angle.ptnr3_label_asym_id 
_pdbx_struct_conn_angle.ptnr3_label_comp_id 
_pdbx_struct_conn_angle.ptnr3_label_seq_id 
_pdbx_struct_conn_angle.ptnr3_auth_atom_id 
_pdbx_struct_conn_angle.ptnr3_auth_asym_id 
_pdbx_struct_conn_angle.ptnr3_auth_comp_id 
_pdbx_struct_conn_angle.ptnr3_auth_seq_id 
_pdbx_struct_conn_angle.ptnr3_PDB_ins_code 
_pdbx_struct_conn_angle.ptnr3_symmetry 
_pdbx_struct_conn_angle.value 
_pdbx_struct_conn_angle.value_esd 
1  NE2 ? A HIS 93 ? A HIS 93  ? 1_555 FE ? C HEM . ? A HEM 154 ? 1_555 NA ? C HEM . ? A HEM 154 ? 1_555 92.4  ? 
2  NE2 ? A HIS 93 ? A HIS 93  ? 1_555 FE ? C HEM . ? A HEM 154 ? 1_555 NB ? C HEM . ? A HEM 154 ? 1_555 89.8  ? 
3  NA  ? C HEM .  ? A HEM 154 ? 1_555 FE ? C HEM . ? A HEM 154 ? 1_555 NB ? C HEM . ? A HEM 154 ? 1_555 91.2  ? 
4  NE2 ? A HIS 93 ? A HIS 93  ? 1_555 FE ? C HEM . ? A HEM 154 ? 1_555 NC ? C HEM . ? A HEM 154 ? 1_555 91.8  ? 
5  NA  ? C HEM .  ? A HEM 154 ? 1_555 FE ? C HEM . ? A HEM 154 ? 1_555 NC ? C HEM . ? A HEM 154 ? 1_555 175.8 ? 
6  NB  ? C HEM .  ? A HEM 154 ? 1_555 FE ? C HEM . ? A HEM 154 ? 1_555 NC ? C HEM . ? A HEM 154 ? 1_555 89.1  ? 
7  NE2 ? A HIS 93 ? A HIS 93  ? 1_555 FE ? C HEM . ? A HEM 154 ? 1_555 ND ? C HEM . ? A HEM 154 ? 1_555 93.3  ? 
8  NA  ? C HEM .  ? A HEM 154 ? 1_555 FE ? C HEM . ? A HEM 154 ? 1_555 ND ? C HEM . ? A HEM 154 ? 1_555 86.7  ? 
9  NB  ? C HEM .  ? A HEM 154 ? 1_555 FE ? C HEM . ? A HEM 154 ? 1_555 ND ? C HEM . ? A HEM 154 ? 1_555 176.3 ? 
10 NC  ? C HEM .  ? A HEM 154 ? 1_555 FE ? C HEM . ? A HEM 154 ? 1_555 ND ? C HEM . ? A HEM 154 ? 1_555 92.9  ? 
11 NE2 ? A HIS 93 ? A HIS 93  ? 1_555 FE ? C HEM . ? A HEM 154 ? 1_555 C  ? B CYN . ? A CYN 155 ? 1_555 174.2 ? 
12 NA  ? C HEM .  ? A HEM 154 ? 1_555 FE ? C HEM . ? A HEM 154 ? 1_555 C  ? B CYN . ? A CYN 155 ? 1_555 90.1  ? 
13 NB  ? C HEM .  ? A HEM 154 ? 1_555 FE ? C HEM . ? A HEM 154 ? 1_555 C  ? B CYN . ? A CYN 155 ? 1_555 95.4  ? 
14 NC  ? C HEM .  ? A HEM 154 ? 1_555 FE ? C HEM . ? A HEM 154 ? 1_555 C  ? B CYN . ? A CYN 155 ? 1_555 85.7  ? 
15 ND  ? C HEM .  ? A HEM 154 ? 1_555 FE ? C HEM . ? A HEM 154 ? 1_555 C  ? B CYN . ? A CYN 155 ? 1_555 81.6  ? 
16 NE2 ? A HIS 93 ? A HIS 93  ? 1_555 FE ? C HEM . ? A HEM 154 ? 1_555 N  ? B CYN . ? A CYN 155 ? 1_555 175.1 ? 
17 NA  ? C HEM .  ? A HEM 154 ? 1_555 FE ? C HEM . ? A HEM 154 ? 1_555 N  ? B CYN . ? A CYN 155 ? 1_555 89.3  ? 
18 NB  ? C HEM .  ? A HEM 154 ? 1_555 FE ? C HEM . ? A HEM 154 ? 1_555 N  ? B CYN . ? A CYN 155 ? 1_555 94.8  ? 
19 NC  ? C HEM .  ? A HEM 154 ? 1_555 FE ? C HEM . ? A HEM 154 ? 1_555 N  ? B CYN . ? A CYN 155 ? 1_555 86.5  ? 
20 ND  ? C HEM .  ? A HEM 154 ? 1_555 FE ? C HEM . ? A HEM 154 ? 1_555 N  ? B CYN . ? A CYN 155 ? 1_555 82.2  ? 
21 C   ? B CYN .  ? A CYN 155 ? 1_555 FE ? C HEM . ? A HEM 154 ? 1_555 N  ? B CYN . ? A CYN 155 ? 1_555 1.0   ? 
# 
loop_
_struct_site.id 
_struct_site.pdbx_evidence_code 
_struct_site.pdbx_auth_asym_id 
_struct_site.pdbx_auth_comp_id 
_struct_site.pdbx_auth_seq_id 
_struct_site.pdbx_auth_ins_code 
_struct_site.pdbx_num_residues 
_struct_site.details 
S1  Unknown  ? ?   ?   ? 3  ?                                    
AC1 Software A CYN 155 ? 5  'BINDING SITE FOR RESIDUE CYN A 155' 
AC2 Software A HEM 154 ? 17 'BINDING SITE FOR RESIDUE HEM A 154' 
# 
loop_
_struct_site_gen.id 
_struct_site_gen.site_id 
_struct_site_gen.pdbx_num_res 
_struct_site_gen.label_comp_id 
_struct_site_gen.label_asym_id 
_struct_site_gen.label_seq_id 
_struct_site_gen.pdbx_auth_ins_code 
_struct_site_gen.auth_comp_id 
_struct_site_gen.auth_asym_id 
_struct_site_gen.auth_seq_id 
_struct_site_gen.label_atom_id 
_struct_site_gen.label_alt_id 
_struct_site_gen.symmetry 
_struct_site_gen.details 
1  S1  3  GLN A 64  ? GLN A 64  . ? 1_555 ? 
2  S1  3  HIS A 93  ? HIS A 93  . ? 1_555 ? 
3  S1  3  PHE A 29  ? PHE A 29  . ? 1_555 ? 
4  AC1 5  PHE A 29  ? PHE A 29  . ? 1_555 ? 
5  AC1 5  PHE A 43  ? PHE A 43  . ? 1_555 ? 
6  AC1 5  GLN A 64  ? GLN A 64  . ? 1_555 ? 
7  AC1 5  VAL A 68  ? VAL A 68  . ? 1_555 ? 
8  AC1 5  HEM C .   ? HEM A 154 . ? 1_555 ? 
9  AC2 17 LYS A 42  ? LYS A 42  . ? 1_555 ? 
10 AC2 17 PHE A 43  ? PHE A 43  . ? 1_555 ? 
11 AC2 17 LYS A 45  ? LYS A 45  . ? 1_555 ? 
12 AC2 17 GLN A 64  ? GLN A 64  . ? 1_555 ? 
13 AC2 17 HIS A 81  ? HIS A 81  . ? 4_566 ? 
14 AC2 17 SER A 92  ? SER A 92  . ? 1_555 ? 
15 AC2 17 HIS A 93  ? HIS A 93  . ? 1_555 ? 
16 AC2 17 HIS A 97  ? HIS A 97  . ? 1_555 ? 
17 AC2 17 ILE A 99  ? ILE A 99  . ? 1_555 ? 
18 AC2 17 TYR A 103 ? TYR A 103 . ? 1_555 ? 
19 AC2 17 CYN B .   ? CYN A 155 . ? 1_555 ? 
20 AC2 17 HOH D .   ? HOH A 222 . ? 1_555 ? 
21 AC2 17 HOH D .   ? HOH A 223 . ? 1_555 ? 
22 AC2 17 HOH D .   ? HOH A 232 . ? 1_555 ? 
23 AC2 17 HOH D .   ? HOH A 239 . ? 1_555 ? 
24 AC2 17 HOH D .   ? HOH A 253 . ? 2_664 ? 
25 AC2 17 HOH D .   ? HOH A 317 . ? 1_555 ? 
# 
loop_
_pdbx_validate_close_contact.id 
_pdbx_validate_close_contact.PDB_model_num 
_pdbx_validate_close_contact.auth_atom_id_1 
_pdbx_validate_close_contact.auth_asym_id_1 
_pdbx_validate_close_contact.auth_comp_id_1 
_pdbx_validate_close_contact.auth_seq_id_1 
_pdbx_validate_close_contact.PDB_ins_code_1 
_pdbx_validate_close_contact.label_alt_id_1 
_pdbx_validate_close_contact.auth_atom_id_2 
_pdbx_validate_close_contact.auth_asym_id_2 
_pdbx_validate_close_contact.auth_comp_id_2 
_pdbx_validate_close_contact.auth_seq_id_2 
_pdbx_validate_close_contact.PDB_ins_code_2 
_pdbx_validate_close_contact.label_alt_id_2 
_pdbx_validate_close_contact.dist 
1 1 O A HOH 281 ? ? O A HOH 313 ? ? 1.86 
2 1 O A HOH 311 ? ? O A HOH 389 ? ? 2.06 
3 1 O A HOH 242 ? ? O A HOH 341 ? ? 2.07 
4 1 O A HOH 290 ? ? O A HOH 375 ? ? 2.16 
# 
loop_
_pdbx_validate_rmsd_angle.id 
_pdbx_validate_rmsd_angle.PDB_model_num 
_pdbx_validate_rmsd_angle.auth_atom_id_1 
_pdbx_validate_rmsd_angle.auth_asym_id_1 
_pdbx_validate_rmsd_angle.auth_comp_id_1 
_pdbx_validate_rmsd_angle.auth_seq_id_1 
_pdbx_validate_rmsd_angle.PDB_ins_code_1 
_pdbx_validate_rmsd_angle.label_alt_id_1 
_pdbx_validate_rmsd_angle.auth_atom_id_2 
_pdbx_validate_rmsd_angle.auth_asym_id_2 
_pdbx_validate_rmsd_angle.auth_comp_id_2 
_pdbx_validate_rmsd_angle.auth_seq_id_2 
_pdbx_validate_rmsd_angle.PDB_ins_code_2 
_pdbx_validate_rmsd_angle.label_alt_id_2 
_pdbx_validate_rmsd_angle.auth_atom_id_3 
_pdbx_validate_rmsd_angle.auth_asym_id_3 
_pdbx_validate_rmsd_angle.auth_comp_id_3 
_pdbx_validate_rmsd_angle.auth_seq_id_3 
_pdbx_validate_rmsd_angle.PDB_ins_code_3 
_pdbx_validate_rmsd_angle.label_alt_id_3 
_pdbx_validate_rmsd_angle.angle_value 
_pdbx_validate_rmsd_angle.angle_target_value 
_pdbx_validate_rmsd_angle.angle_deviation 
_pdbx_validate_rmsd_angle.angle_standard_deviation 
_pdbx_validate_rmsd_angle.linker_flag 
1 1 OE1 A GLU 6   ? ? CD A GLU 6   ? ? OE2 A GLU 6   ? ? 115.12 123.30 -8.18  1.20 N 
2 1 CB  A ASP 20  ? ? CG A ASP 20  ? ? OD1 A ASP 20  ? ? 123.86 118.30 5.56   0.90 N 
3 1 OE1 A GLU 38  ? ? CD A GLU 38  ? ? OE2 A GLU 38  ? ? 114.80 123.30 -8.50  1.20 N 
4 1 CA  A GLN 91  ? ? CB A GLN 91  ? ? CG  A GLN 91  ? ? 99.42  113.40 -13.98 2.20 N 
5 1 OE1 A GLU 105 ? ? CD A GLU 105 ? ? OE2 A GLU 105 ? ? 137.34 123.30 14.04  1.20 N 
# 
_pdbx_validate_torsion.id              1 
_pdbx_validate_torsion.PDB_model_num   1 
_pdbx_validate_torsion.auth_comp_id    ASP 
_pdbx_validate_torsion.auth_asym_id    A 
_pdbx_validate_torsion.auth_seq_id     20 
_pdbx_validate_torsion.PDB_ins_code    ? 
_pdbx_validate_torsion.label_alt_id    ? 
_pdbx_validate_torsion.phi             -153.45 
_pdbx_validate_torsion.psi             77.43 
# 
_pdbx_entry_details.entry_id                 1EMY 
_pdbx_entry_details.compound_details         
;COMPND
  MET FORM.
;
_pdbx_entry_details.source_details           ? 
_pdbx_entry_details.nonpolymer_details       ? 
_pdbx_entry_details.sequence_details         ? 
_pdbx_entry_details.has_ligand_of_interest   ? 
# 
loop_
_chem_comp_atom.comp_id 
_chem_comp_atom.atom_id 
_chem_comp_atom.type_symbol 
_chem_comp_atom.pdbx_aromatic_flag 
_chem_comp_atom.pdbx_stereo_config 
_chem_comp_atom.pdbx_ordinal 
ALA N    N  N N 1   
ALA CA   C  N S 2   
ALA C    C  N N 3   
ALA O    O  N N 4   
ALA CB   C  N N 5   
ALA OXT  O  N N 6   
ALA H    H  N N 7   
ALA H2   H  N N 8   
ALA HA   H  N N 9   
ALA HB1  H  N N 10  
ALA HB2  H  N N 11  
ALA HB3  H  N N 12  
ALA HXT  H  N N 13  
ARG N    N  N N 14  
ARG CA   C  N S 15  
ARG C    C  N N 16  
ARG O    O  N N 17  
ARG CB   C  N N 18  
ARG CG   C  N N 19  
ARG CD   C  N N 20  
ARG NE   N  N N 21  
ARG CZ   C  N N 22  
ARG NH1  N  N N 23  
ARG NH2  N  N N 24  
ARG OXT  O  N N 25  
ARG H    H  N N 26  
ARG H2   H  N N 27  
ARG HA   H  N N 28  
ARG HB2  H  N N 29  
ARG HB3  H  N N 30  
ARG HG2  H  N N 31  
ARG HG3  H  N N 32  
ARG HD2  H  N N 33  
ARG HD3  H  N N 34  
ARG HE   H  N N 35  
ARG HH11 H  N N 36  
ARG HH12 H  N N 37  
ARG HH21 H  N N 38  
ARG HH22 H  N N 39  
ARG HXT  H  N N 40  
ASN N    N  N N 41  
ASN CA   C  N S 42  
ASN C    C  N N 43  
ASN O    O  N N 44  
ASN CB   C  N N 45  
ASN CG   C  N N 46  
ASN OD1  O  N N 47  
ASN ND2  N  N N 48  
ASN OXT  O  N N 49  
ASN H    H  N N 50  
ASN H2   H  N N 51  
ASN HA   H  N N 52  
ASN HB2  H  N N 53  
ASN HB3  H  N N 54  
ASN HD21 H  N N 55  
ASN HD22 H  N N 56  
ASN HXT  H  N N 57  
ASP N    N  N N 58  
ASP CA   C  N S 59  
ASP C    C  N N 60  
ASP O    O  N N 61  
ASP CB   C  N N 62  
ASP CG   C  N N 63  
ASP OD1  O  N N 64  
ASP OD2  O  N N 65  
ASP OXT  O  N N 66  
ASP H    H  N N 67  
ASP H2   H  N N 68  
ASP HA   H  N N 69  
ASP HB2  H  N N 70  
ASP HB3  H  N N 71  
ASP HD2  H  N N 72  
ASP HXT  H  N N 73  
CYN C    C  N N 74  
CYN N    N  N N 75  
GLN N    N  N N 76  
GLN CA   C  N S 77  
GLN C    C  N N 78  
GLN O    O  N N 79  
GLN CB   C  N N 80  
GLN CG   C  N N 81  
GLN CD   C  N N 82  
GLN OE1  O  N N 83  
GLN NE2  N  N N 84  
GLN OXT  O  N N 85  
GLN H    H  N N 86  
GLN H2   H  N N 87  
GLN HA   H  N N 88  
GLN HB2  H  N N 89  
GLN HB3  H  N N 90  
GLN HG2  H  N N 91  
GLN HG3  H  N N 92  
GLN HE21 H  N N 93  
GLN HE22 H  N N 94  
GLN HXT  H  N N 95  
GLU N    N  N N 96  
GLU CA   C  N S 97  
GLU C    C  N N 98  
GLU O    O  N N 99  
GLU CB   C  N N 100 
GLU CG   C  N N 101 
GLU CD   C  N N 102 
GLU OE1  O  N N 103 
GLU OE2  O  N N 104 
GLU OXT  O  N N 105 
GLU H    H  N N 106 
GLU H2   H  N N 107 
GLU HA   H  N N 108 
GLU HB2  H  N N 109 
GLU HB3  H  N N 110 
GLU HG2  H  N N 111 
GLU HG3  H  N N 112 
GLU HE2  H  N N 113 
GLU HXT  H  N N 114 
GLY N    N  N N 115 
GLY CA   C  N N 116 
GLY C    C  N N 117 
GLY O    O  N N 118 
GLY OXT  O  N N 119 
GLY H    H  N N 120 
GLY H2   H  N N 121 
GLY HA2  H  N N 122 
GLY HA3  H  N N 123 
GLY HXT  H  N N 124 
HEM CHA  C  N N 125 
HEM CHB  C  N N 126 
HEM CHC  C  N N 127 
HEM CHD  C  N N 128 
HEM C1A  C  Y N 129 
HEM C2A  C  Y N 130 
HEM C3A  C  Y N 131 
HEM C4A  C  Y N 132 
HEM CMA  C  N N 133 
HEM CAA  C  N N 134 
HEM CBA  C  N N 135 
HEM CGA  C  N N 136 
HEM O1A  O  N N 137 
HEM O2A  O  N N 138 
HEM C1B  C  N N 139 
HEM C2B  C  N N 140 
HEM C3B  C  N N 141 
HEM C4B  C  N N 142 
HEM CMB  C  N N 143 
HEM CAB  C  N N 144 
HEM CBB  C  N N 145 
HEM C1C  C  Y N 146 
HEM C2C  C  Y N 147 
HEM C3C  C  Y N 148 
HEM C4C  C  Y N 149 
HEM CMC  C  N N 150 
HEM CAC  C  N N 151 
HEM CBC  C  N N 152 
HEM C1D  C  N N 153 
HEM C2D  C  N N 154 
HEM C3D  C  N N 155 
HEM C4D  C  N N 156 
HEM CMD  C  N N 157 
HEM CAD  C  N N 158 
HEM CBD  C  N N 159 
HEM CGD  C  N N 160 
HEM O1D  O  N N 161 
HEM O2D  O  N N 162 
HEM NA   N  Y N 163 
HEM NB   N  N N 164 
HEM NC   N  Y N 165 
HEM ND   N  N N 166 
HEM FE   FE N N 167 
HEM HHB  H  N N 168 
HEM HHC  H  N N 169 
HEM HHD  H  N N 170 
HEM HMA  H  N N 171 
HEM HMAA H  N N 172 
HEM HMAB H  N N 173 
HEM HAA  H  N N 174 
HEM HAAA H  N N 175 
HEM HBA  H  N N 176 
HEM HBAA H  N N 177 
HEM HMB  H  N N 178 
HEM HMBA H  N N 179 
HEM HMBB H  N N 180 
HEM HAB  H  N N 181 
HEM HBB  H  N N 182 
HEM HBBA H  N N 183 
HEM HMC  H  N N 184 
HEM HMCA H  N N 185 
HEM HMCB H  N N 186 
HEM HAC  H  N N 187 
HEM HBC  H  N N 188 
HEM HBCA H  N N 189 
HEM HMD  H  N N 190 
HEM HMDA H  N N 191 
HEM HMDB H  N N 192 
HEM HAD  H  N N 193 
HEM HADA H  N N 194 
HEM HBD  H  N N 195 
HEM HBDA H  N N 196 
HEM H2A  H  N N 197 
HEM H2D  H  N N 198 
HEM HHA  H  N N 199 
HIS N    N  N N 200 
HIS CA   C  N S 201 
HIS C    C  N N 202 
HIS O    O  N N 203 
HIS CB   C  N N 204 
HIS CG   C  Y N 205 
HIS ND1  N  Y N 206 
HIS CD2  C  Y N 207 
HIS CE1  C  Y N 208 
HIS NE2  N  Y N 209 
HIS OXT  O  N N 210 
HIS H    H  N N 211 
HIS H2   H  N N 212 
HIS HA   H  N N 213 
HIS HB2  H  N N 214 
HIS HB3  H  N N 215 
HIS HD1  H  N N 216 
HIS HD2  H  N N 217 
HIS HE1  H  N N 218 
HIS HE2  H  N N 219 
HIS HXT  H  N N 220 
HOH O    O  N N 221 
HOH H1   H  N N 222 
HOH H2   H  N N 223 
ILE N    N  N N 224 
ILE CA   C  N S 225 
ILE C    C  N N 226 
ILE O    O  N N 227 
ILE CB   C  N S 228 
ILE CG1  C  N N 229 
ILE CG2  C  N N 230 
ILE CD1  C  N N 231 
ILE OXT  O  N N 232 
ILE H    H  N N 233 
ILE H2   H  N N 234 
ILE HA   H  N N 235 
ILE HB   H  N N 236 
ILE HG12 H  N N 237 
ILE HG13 H  N N 238 
ILE HG21 H  N N 239 
ILE HG22 H  N N 240 
ILE HG23 H  N N 241 
ILE HD11 H  N N 242 
ILE HD12 H  N N 243 
ILE HD13 H  N N 244 
ILE HXT  H  N N 245 
LEU N    N  N N 246 
LEU CA   C  N S 247 
LEU C    C  N N 248 
LEU O    O  N N 249 
LEU CB   C  N N 250 
LEU CG   C  N N 251 
LEU CD1  C  N N 252 
LEU CD2  C  N N 253 
LEU OXT  O  N N 254 
LEU H    H  N N 255 
LEU H2   H  N N 256 
LEU HA   H  N N 257 
LEU HB2  H  N N 258 
LEU HB3  H  N N 259 
LEU HG   H  N N 260 
LEU HD11 H  N N 261 
LEU HD12 H  N N 262 
LEU HD13 H  N N 263 
LEU HD21 H  N N 264 
LEU HD22 H  N N 265 
LEU HD23 H  N N 266 
LEU HXT  H  N N 267 
LYS N    N  N N 268 
LYS CA   C  N S 269 
LYS C    C  N N 270 
LYS O    O  N N 271 
LYS CB   C  N N 272 
LYS CG   C  N N 273 
LYS CD   C  N N 274 
LYS CE   C  N N 275 
LYS NZ   N  N N 276 
LYS OXT  O  N N 277 
LYS H    H  N N 278 
LYS H2   H  N N 279 
LYS HA   H  N N 280 
LYS HB2  H  N N 281 
LYS HB3  H  N N 282 
LYS HG2  H  N N 283 
LYS HG3  H  N N 284 
LYS HD2  H  N N 285 
LYS HD3  H  N N 286 
LYS HE2  H  N N 287 
LYS HE3  H  N N 288 
LYS HZ1  H  N N 289 
LYS HZ2  H  N N 290 
LYS HZ3  H  N N 291 
LYS HXT  H  N N 292 
MET N    N  N N 293 
MET CA   C  N S 294 
MET C    C  N N 295 
MET O    O  N N 296 
MET CB   C  N N 297 
MET CG   C  N N 298 
MET SD   S  N N 299 
MET CE   C  N N 300 
MET OXT  O  N N 301 
MET H    H  N N 302 
MET H2   H  N N 303 
MET HA   H  N N 304 
MET HB2  H  N N 305 
MET HB3  H  N N 306 
MET HG2  H  N N 307 
MET HG3  H  N N 308 
MET HE1  H  N N 309 
MET HE2  H  N N 310 
MET HE3  H  N N 311 
MET HXT  H  N N 312 
PHE N    N  N N 313 
PHE CA   C  N S 314 
PHE C    C  N N 315 
PHE O    O  N N 316 
PHE CB   C  N N 317 
PHE CG   C  Y N 318 
PHE CD1  C  Y N 319 
PHE CD2  C  Y N 320 
PHE CE1  C  Y N 321 
PHE CE2  C  Y N 322 
PHE CZ   C  Y N 323 
PHE OXT  O  N N 324 
PHE H    H  N N 325 
PHE H2   H  N N 326 
PHE HA   H  N N 327 
PHE HB2  H  N N 328 
PHE HB3  H  N N 329 
PHE HD1  H  N N 330 
PHE HD2  H  N N 331 
PHE HE1  H  N N 332 
PHE HE2  H  N N 333 
PHE HZ   H  N N 334 
PHE HXT  H  N N 335 
PRO N    N  N N 336 
PRO CA   C  N S 337 
PRO C    C  N N 338 
PRO O    O  N N 339 
PRO CB   C  N N 340 
PRO CG   C  N N 341 
PRO CD   C  N N 342 
PRO OXT  O  N N 343 
PRO H    H  N N 344 
PRO HA   H  N N 345 
PRO HB2  H  N N 346 
PRO HB3  H  N N 347 
PRO HG2  H  N N 348 
PRO HG3  H  N N 349 
PRO HD2  H  N N 350 
PRO HD3  H  N N 351 
PRO HXT  H  N N 352 
SER N    N  N N 353 
SER CA   C  N S 354 
SER C    C  N N 355 
SER O    O  N N 356 
SER CB   C  N N 357 
SER OG   O  N N 358 
SER OXT  O  N N 359 
SER H    H  N N 360 
SER H2   H  N N 361 
SER HA   H  N N 362 
SER HB2  H  N N 363 
SER HB3  H  N N 364 
SER HG   H  N N 365 
SER HXT  H  N N 366 
THR N    N  N N 367 
THR CA   C  N S 368 
THR C    C  N N 369 
THR O    O  N N 370 
THR CB   C  N R 371 
THR OG1  O  N N 372 
THR CG2  C  N N 373 
THR OXT  O  N N 374 
THR H    H  N N 375 
THR H2   H  N N 376 
THR HA   H  N N 377 
THR HB   H  N N 378 
THR HG1  H  N N 379 
THR HG21 H  N N 380 
THR HG22 H  N N 381 
THR HG23 H  N N 382 
THR HXT  H  N N 383 
TRP N    N  N N 384 
TRP CA   C  N S 385 
TRP C    C  N N 386 
TRP O    O  N N 387 
TRP CB   C  N N 388 
TRP CG   C  Y N 389 
TRP CD1  C  Y N 390 
TRP CD2  C  Y N 391 
TRP NE1  N  Y N 392 
TRP CE2  C  Y N 393 
TRP CE3  C  Y N 394 
TRP CZ2  C  Y N 395 
TRP CZ3  C  Y N 396 
TRP CH2  C  Y N 397 
TRP OXT  O  N N 398 
TRP H    H  N N 399 
TRP H2   H  N N 400 
TRP HA   H  N N 401 
TRP HB2  H  N N 402 
TRP HB3  H  N N 403 
TRP HD1  H  N N 404 
TRP HE1  H  N N 405 
TRP HE3  H  N N 406 
TRP HZ2  H  N N 407 
TRP HZ3  H  N N 408 
TRP HH2  H  N N 409 
TRP HXT  H  N N 410 
TYR N    N  N N 411 
TYR CA   C  N S 412 
TYR C    C  N N 413 
TYR O    O  N N 414 
TYR CB   C  N N 415 
TYR CG   C  Y N 416 
TYR CD1  C  Y N 417 
TYR CD2  C  Y N 418 
TYR CE1  C  Y N 419 
TYR CE2  C  Y N 420 
TYR CZ   C  Y N 421 
TYR OH   O  N N 422 
TYR OXT  O  N N 423 
TYR H    H  N N 424 
TYR H2   H  N N 425 
TYR HA   H  N N 426 
TYR HB2  H  N N 427 
TYR HB3  H  N N 428 
TYR HD1  H  N N 429 
TYR HD2  H  N N 430 
TYR HE1  H  N N 431 
TYR HE2  H  N N 432 
TYR HH   H  N N 433 
TYR HXT  H  N N 434 
VAL N    N  N N 435 
VAL CA   C  N S 436 
VAL C    C  N N 437 
VAL O    O  N N 438 
VAL CB   C  N N 439 
VAL CG1  C  N N 440 
VAL CG2  C  N N 441 
VAL OXT  O  N N 442 
VAL H    H  N N 443 
VAL H2   H  N N 444 
VAL HA   H  N N 445 
VAL HB   H  N N 446 
VAL HG11 H  N N 447 
VAL HG12 H  N N 448 
VAL HG13 H  N N 449 
VAL HG21 H  N N 450 
VAL HG22 H  N N 451 
VAL HG23 H  N N 452 
VAL HXT  H  N N 453 
# 
loop_
_chem_comp_bond.comp_id 
_chem_comp_bond.atom_id_1 
_chem_comp_bond.atom_id_2 
_chem_comp_bond.value_order 
_chem_comp_bond.pdbx_aromatic_flag 
_chem_comp_bond.pdbx_stereo_config 
_chem_comp_bond.pdbx_ordinal 
ALA N   CA   sing N N 1   
ALA N   H    sing N N 2   
ALA N   H2   sing N N 3   
ALA CA  C    sing N N 4   
ALA CA  CB   sing N N 5   
ALA CA  HA   sing N N 6   
ALA C   O    doub N N 7   
ALA C   OXT  sing N N 8   
ALA CB  HB1  sing N N 9   
ALA CB  HB2  sing N N 10  
ALA CB  HB3  sing N N 11  
ALA OXT HXT  sing N N 12  
ARG N   CA   sing N N 13  
ARG N   H    sing N N 14  
ARG N   H2   sing N N 15  
ARG CA  C    sing N N 16  
ARG CA  CB   sing N N 17  
ARG CA  HA   sing N N 18  
ARG C   O    doub N N 19  
ARG C   OXT  sing N N 20  
ARG CB  CG   sing N N 21  
ARG CB  HB2  sing N N 22  
ARG CB  HB3  sing N N 23  
ARG CG  CD   sing N N 24  
ARG CG  HG2  sing N N 25  
ARG CG  HG3  sing N N 26  
ARG CD  NE   sing N N 27  
ARG CD  HD2  sing N N 28  
ARG CD  HD3  sing N N 29  
ARG NE  CZ   sing N N 30  
ARG NE  HE   sing N N 31  
ARG CZ  NH1  sing N N 32  
ARG CZ  NH2  doub N N 33  
ARG NH1 HH11 sing N N 34  
ARG NH1 HH12 sing N N 35  
ARG NH2 HH21 sing N N 36  
ARG NH2 HH22 sing N N 37  
ARG OXT HXT  sing N N 38  
ASN N   CA   sing N N 39  
ASN N   H    sing N N 40  
ASN N   H2   sing N N 41  
ASN CA  C    sing N N 42  
ASN CA  CB   sing N N 43  
ASN CA  HA   sing N N 44  
ASN C   O    doub N N 45  
ASN C   OXT  sing N N 46  
ASN CB  CG   sing N N 47  
ASN CB  HB2  sing N N 48  
ASN CB  HB3  sing N N 49  
ASN CG  OD1  doub N N 50  
ASN CG  ND2  sing N N 51  
ASN ND2 HD21 sing N N 52  
ASN ND2 HD22 sing N N 53  
ASN OXT HXT  sing N N 54  
ASP N   CA   sing N N 55  
ASP N   H    sing N N 56  
ASP N   H2   sing N N 57  
ASP CA  C    sing N N 58  
ASP CA  CB   sing N N 59  
ASP CA  HA   sing N N 60  
ASP C   O    doub N N 61  
ASP C   OXT  sing N N 62  
ASP CB  CG   sing N N 63  
ASP CB  HB2  sing N N 64  
ASP CB  HB3  sing N N 65  
ASP CG  OD1  doub N N 66  
ASP CG  OD2  sing N N 67  
ASP OD2 HD2  sing N N 68  
ASP OXT HXT  sing N N 69  
CYN C   N    trip N N 70  
GLN N   CA   sing N N 71  
GLN N   H    sing N N 72  
GLN N   H2   sing N N 73  
GLN CA  C    sing N N 74  
GLN CA  CB   sing N N 75  
GLN CA  HA   sing N N 76  
GLN C   O    doub N N 77  
GLN C   OXT  sing N N 78  
GLN CB  CG   sing N N 79  
GLN CB  HB2  sing N N 80  
GLN CB  HB3  sing N N 81  
GLN CG  CD   sing N N 82  
GLN CG  HG2  sing N N 83  
GLN CG  HG3  sing N N 84  
GLN CD  OE1  doub N N 85  
GLN CD  NE2  sing N N 86  
GLN NE2 HE21 sing N N 87  
GLN NE2 HE22 sing N N 88  
GLN OXT HXT  sing N N 89  
GLU N   CA   sing N N 90  
GLU N   H    sing N N 91  
GLU N   H2   sing N N 92  
GLU CA  C    sing N N 93  
GLU CA  CB   sing N N 94  
GLU CA  HA   sing N N 95  
GLU C   O    doub N N 96  
GLU C   OXT  sing N N 97  
GLU CB  CG   sing N N 98  
GLU CB  HB2  sing N N 99  
GLU CB  HB3  sing N N 100 
GLU CG  CD   sing N N 101 
GLU CG  HG2  sing N N 102 
GLU CG  HG3  sing N N 103 
GLU CD  OE1  doub N N 104 
GLU CD  OE2  sing N N 105 
GLU OE2 HE2  sing N N 106 
GLU OXT HXT  sing N N 107 
GLY N   CA   sing N N 108 
GLY N   H    sing N N 109 
GLY N   H2   sing N N 110 
GLY CA  C    sing N N 111 
GLY CA  HA2  sing N N 112 
GLY CA  HA3  sing N N 113 
GLY C   O    doub N N 114 
GLY C   OXT  sing N N 115 
GLY OXT HXT  sing N N 116 
HEM CHA C1A  sing N N 117 
HEM CHA C4D  doub N N 118 
HEM CHA HHA  sing N N 119 
HEM CHB C4A  sing N N 120 
HEM CHB C1B  doub N N 121 
HEM CHB HHB  sing N N 122 
HEM CHC C4B  sing N N 123 
HEM CHC C1C  doub N N 124 
HEM CHC HHC  sing N N 125 
HEM CHD C4C  doub N N 126 
HEM CHD C1D  sing N N 127 
HEM CHD HHD  sing N N 128 
HEM C1A C2A  doub Y N 129 
HEM C1A NA   sing Y N 130 
HEM C2A C3A  sing Y N 131 
HEM C2A CAA  sing N N 132 
HEM C3A C4A  doub Y N 133 
HEM C3A CMA  sing N N 134 
HEM C4A NA   sing Y N 135 
HEM CMA HMA  sing N N 136 
HEM CMA HMAA sing N N 137 
HEM CMA HMAB sing N N 138 
HEM CAA CBA  sing N N 139 
HEM CAA HAA  sing N N 140 
HEM CAA HAAA sing N N 141 
HEM CBA CGA  sing N N 142 
HEM CBA HBA  sing N N 143 
HEM CBA HBAA sing N N 144 
HEM CGA O1A  doub N N 145 
HEM CGA O2A  sing N N 146 
HEM C1B C2B  sing N N 147 
HEM C1B NB   sing N N 148 
HEM C2B C3B  doub N N 149 
HEM C2B CMB  sing N N 150 
HEM C3B C4B  sing N N 151 
HEM C3B CAB  sing N N 152 
HEM C4B NB   doub N N 153 
HEM CMB HMB  sing N N 154 
HEM CMB HMBA sing N N 155 
HEM CMB HMBB sing N N 156 
HEM CAB CBB  doub N N 157 
HEM CAB HAB  sing N N 158 
HEM CBB HBB  sing N N 159 
HEM CBB HBBA sing N N 160 
HEM C1C C2C  sing Y N 161 
HEM C1C NC   sing Y N 162 
HEM C2C C3C  doub Y N 163 
HEM C2C CMC  sing N N 164 
HEM C3C C4C  sing Y N 165 
HEM C3C CAC  sing N N 166 
HEM C4C NC   sing Y N 167 
HEM CMC HMC  sing N N 168 
HEM CMC HMCA sing N N 169 
HEM CMC HMCB sing N N 170 
HEM CAC CBC  doub N N 171 
HEM CAC HAC  sing N N 172 
HEM CBC HBC  sing N N 173 
HEM CBC HBCA sing N N 174 
HEM C1D C2D  sing N N 175 
HEM C1D ND   doub N N 176 
HEM C2D C3D  doub N N 177 
HEM C2D CMD  sing N N 178 
HEM C3D C4D  sing N N 179 
HEM C3D CAD  sing N N 180 
HEM C4D ND   sing N N 181 
HEM CMD HMD  sing N N 182 
HEM CMD HMDA sing N N 183 
HEM CMD HMDB sing N N 184 
HEM CAD CBD  sing N N 185 
HEM CAD HAD  sing N N 186 
HEM CAD HADA sing N N 187 
HEM CBD CGD  sing N N 188 
HEM CBD HBD  sing N N 189 
HEM CBD HBDA sing N N 190 
HEM CGD O1D  doub N N 191 
HEM CGD O2D  sing N N 192 
HEM O2A H2A  sing N N 193 
HEM O2D H2D  sing N N 194 
HEM FE  NA   sing N N 195 
HEM FE  NB   sing N N 196 
HEM FE  NC   sing N N 197 
HEM FE  ND   sing N N 198 
HIS N   CA   sing N N 199 
HIS N   H    sing N N 200 
HIS N   H2   sing N N 201 
HIS CA  C    sing N N 202 
HIS CA  CB   sing N N 203 
HIS CA  HA   sing N N 204 
HIS C   O    doub N N 205 
HIS C   OXT  sing N N 206 
HIS CB  CG   sing N N 207 
HIS CB  HB2  sing N N 208 
HIS CB  HB3  sing N N 209 
HIS CG  ND1  sing Y N 210 
HIS CG  CD2  doub Y N 211 
HIS ND1 CE1  doub Y N 212 
HIS ND1 HD1  sing N N 213 
HIS CD2 NE2  sing Y N 214 
HIS CD2 HD2  sing N N 215 
HIS CE1 NE2  sing Y N 216 
HIS CE1 HE1  sing N N 217 
HIS NE2 HE2  sing N N 218 
HIS OXT HXT  sing N N 219 
HOH O   H1   sing N N 220 
HOH O   H2   sing N N 221 
ILE N   CA   sing N N 222 
ILE N   H    sing N N 223 
ILE N   H2   sing N N 224 
ILE CA  C    sing N N 225 
ILE CA  CB   sing N N 226 
ILE CA  HA   sing N N 227 
ILE C   O    doub N N 228 
ILE C   OXT  sing N N 229 
ILE CB  CG1  sing N N 230 
ILE CB  CG2  sing N N 231 
ILE CB  HB   sing N N 232 
ILE CG1 CD1  sing N N 233 
ILE CG1 HG12 sing N N 234 
ILE CG1 HG13 sing N N 235 
ILE CG2 HG21 sing N N 236 
ILE CG2 HG22 sing N N 237 
ILE CG2 HG23 sing N N 238 
ILE CD1 HD11 sing N N 239 
ILE CD1 HD12 sing N N 240 
ILE CD1 HD13 sing N N 241 
ILE OXT HXT  sing N N 242 
LEU N   CA   sing N N 243 
LEU N   H    sing N N 244 
LEU N   H2   sing N N 245 
LEU CA  C    sing N N 246 
LEU CA  CB   sing N N 247 
LEU CA  HA   sing N N 248 
LEU C   O    doub N N 249 
LEU C   OXT  sing N N 250 
LEU CB  CG   sing N N 251 
LEU CB  HB2  sing N N 252 
LEU CB  HB3  sing N N 253 
LEU CG  CD1  sing N N 254 
LEU CG  CD2  sing N N 255 
LEU CG  HG   sing N N 256 
LEU CD1 HD11 sing N N 257 
LEU CD1 HD12 sing N N 258 
LEU CD1 HD13 sing N N 259 
LEU CD2 HD21 sing N N 260 
LEU CD2 HD22 sing N N 261 
LEU CD2 HD23 sing N N 262 
LEU OXT HXT  sing N N 263 
LYS N   CA   sing N N 264 
LYS N   H    sing N N 265 
LYS N   H2   sing N N 266 
LYS CA  C    sing N N 267 
LYS CA  CB   sing N N 268 
LYS CA  HA   sing N N 269 
LYS C   O    doub N N 270 
LYS C   OXT  sing N N 271 
LYS CB  CG   sing N N 272 
LYS CB  HB2  sing N N 273 
LYS CB  HB3  sing N N 274 
LYS CG  CD   sing N N 275 
LYS CG  HG2  sing N N 276 
LYS CG  HG3  sing N N 277 
LYS CD  CE   sing N N 278 
LYS CD  HD2  sing N N 279 
LYS CD  HD3  sing N N 280 
LYS CE  NZ   sing N N 281 
LYS CE  HE2  sing N N 282 
LYS CE  HE3  sing N N 283 
LYS NZ  HZ1  sing N N 284 
LYS NZ  HZ2  sing N N 285 
LYS NZ  HZ3  sing N N 286 
LYS OXT HXT  sing N N 287 
MET N   CA   sing N N 288 
MET N   H    sing N N 289 
MET N   H2   sing N N 290 
MET CA  C    sing N N 291 
MET CA  CB   sing N N 292 
MET CA  HA   sing N N 293 
MET C   O    doub N N 294 
MET C   OXT  sing N N 295 
MET CB  CG   sing N N 296 
MET CB  HB2  sing N N 297 
MET CB  HB3  sing N N 298 
MET CG  SD   sing N N 299 
MET CG  HG2  sing N N 300 
MET CG  HG3  sing N N 301 
MET SD  CE   sing N N 302 
MET CE  HE1  sing N N 303 
MET CE  HE2  sing N N 304 
MET CE  HE3  sing N N 305 
MET OXT HXT  sing N N 306 
PHE N   CA   sing N N 307 
PHE N   H    sing N N 308 
PHE N   H2   sing N N 309 
PHE CA  C    sing N N 310 
PHE CA  CB   sing N N 311 
PHE CA  HA   sing N N 312 
PHE C   O    doub N N 313 
PHE C   OXT  sing N N 314 
PHE CB  CG   sing N N 315 
PHE CB  HB2  sing N N 316 
PHE CB  HB3  sing N N 317 
PHE CG  CD1  doub Y N 318 
PHE CG  CD2  sing Y N 319 
PHE CD1 CE1  sing Y N 320 
PHE CD1 HD1  sing N N 321 
PHE CD2 CE2  doub Y N 322 
PHE CD2 HD2  sing N N 323 
PHE CE1 CZ   doub Y N 324 
PHE CE1 HE1  sing N N 325 
PHE CE2 CZ   sing Y N 326 
PHE CE2 HE2  sing N N 327 
PHE CZ  HZ   sing N N 328 
PHE OXT HXT  sing N N 329 
PRO N   CA   sing N N 330 
PRO N   CD   sing N N 331 
PRO N   H    sing N N 332 
PRO CA  C    sing N N 333 
PRO CA  CB   sing N N 334 
PRO CA  HA   sing N N 335 
PRO C   O    doub N N 336 
PRO C   OXT  sing N N 337 
PRO CB  CG   sing N N 338 
PRO CB  HB2  sing N N 339 
PRO CB  HB3  sing N N 340 
PRO CG  CD   sing N N 341 
PRO CG  HG2  sing N N 342 
PRO CG  HG3  sing N N 343 
PRO CD  HD2  sing N N 344 
PRO CD  HD3  sing N N 345 
PRO OXT HXT  sing N N 346 
SER N   CA   sing N N 347 
SER N   H    sing N N 348 
SER N   H2   sing N N 349 
SER CA  C    sing N N 350 
SER CA  CB   sing N N 351 
SER CA  HA   sing N N 352 
SER C   O    doub N N 353 
SER C   OXT  sing N N 354 
SER CB  OG   sing N N 355 
SER CB  HB2  sing N N 356 
SER CB  HB3  sing N N 357 
SER OG  HG   sing N N 358 
SER OXT HXT  sing N N 359 
THR N   CA   sing N N 360 
THR N   H    sing N N 361 
THR N   H2   sing N N 362 
THR CA  C    sing N N 363 
THR CA  CB   sing N N 364 
THR CA  HA   sing N N 365 
THR C   O    doub N N 366 
THR C   OXT  sing N N 367 
THR CB  OG1  sing N N 368 
THR CB  CG2  sing N N 369 
THR CB  HB   sing N N 370 
THR OG1 HG1  sing N N 371 
THR CG2 HG21 sing N N 372 
THR CG2 HG22 sing N N 373 
THR CG2 HG23 sing N N 374 
THR OXT HXT  sing N N 375 
TRP N   CA   sing N N 376 
TRP N   H    sing N N 377 
TRP N   H2   sing N N 378 
TRP CA  C    sing N N 379 
TRP CA  CB   sing N N 380 
TRP CA  HA   sing N N 381 
TRP C   O    doub N N 382 
TRP C   OXT  sing N N 383 
TRP CB  CG   sing N N 384 
TRP CB  HB2  sing N N 385 
TRP CB  HB3  sing N N 386 
TRP CG  CD1  doub Y N 387 
TRP CG  CD2  sing Y N 388 
TRP CD1 NE1  sing Y N 389 
TRP CD1 HD1  sing N N 390 
TRP CD2 CE2  doub Y N 391 
TRP CD2 CE3  sing Y N 392 
TRP NE1 CE2  sing Y N 393 
TRP NE1 HE1  sing N N 394 
TRP CE2 CZ2  sing Y N 395 
TRP CE3 CZ3  doub Y N 396 
TRP CE3 HE3  sing N N 397 
TRP CZ2 CH2  doub Y N 398 
TRP CZ2 HZ2  sing N N 399 
TRP CZ3 CH2  sing Y N 400 
TRP CZ3 HZ3  sing N N 401 
TRP CH2 HH2  sing N N 402 
TRP OXT HXT  sing N N 403 
TYR N   CA   sing N N 404 
TYR N   H    sing N N 405 
TYR N   H2   sing N N 406 
TYR CA  C    sing N N 407 
TYR CA  CB   sing N N 408 
TYR CA  HA   sing N N 409 
TYR C   O    doub N N 410 
TYR C   OXT  sing N N 411 
TYR CB  CG   sing N N 412 
TYR CB  HB2  sing N N 413 
TYR CB  HB3  sing N N 414 
TYR CG  CD1  doub Y N 415 
TYR CG  CD2  sing Y N 416 
TYR CD1 CE1  sing Y N 417 
TYR CD1 HD1  sing N N 418 
TYR CD2 CE2  doub Y N 419 
TYR CD2 HD2  sing N N 420 
TYR CE1 CZ   doub Y N 421 
TYR CE1 HE1  sing N N 422 
TYR CE2 CZ   sing Y N 423 
TYR CE2 HE2  sing N N 424 
TYR CZ  OH   sing N N 425 
TYR OH  HH   sing N N 426 
TYR OXT HXT  sing N N 427 
VAL N   CA   sing N N 428 
VAL N   H    sing N N 429 
VAL N   H2   sing N N 430 
VAL CA  C    sing N N 431 
VAL CA  CB   sing N N 432 
VAL CA  HA   sing N N 433 
VAL C   O    doub N N 434 
VAL C   OXT  sing N N 435 
VAL CB  CG1  sing N N 436 
VAL CB  CG2  sing N N 437 
VAL CB  HB   sing N N 438 
VAL CG1 HG11 sing N N 439 
VAL CG1 HG12 sing N N 440 
VAL CG1 HG13 sing N N 441 
VAL CG2 HG21 sing N N 442 
VAL CG2 HG22 sing N N 443 
VAL CG2 HG23 sing N N 444 
VAL OXT HXT  sing N N 445 
# 
_atom_sites.entry_id                    1EMY 
_atom_sites.fract_transf_matrix[1][1]   0.00088195 
_atom_sites.fract_transf_matrix[1][2]   -0.02838683 
_atom_sites.fract_transf_matrix[1][3]   -0.00916271 
_atom_sites.fract_transf_matrix[2][1]   -0.01367776 
_atom_sites.fract_transf_matrix[2][2]   0.00274881 
_atom_sites.fract_transf_matrix[2][3]   -0.00983258 
_atom_sites.fract_transf_matrix[3][1]   0.00848126 
_atom_sites.fract_transf_matrix[3][2]   0.00373466 
_atom_sites.fract_transf_matrix[3][3]   -0.01075392 
_atom_sites.fract_transf_vector[1]      0.518684 
_atom_sites.fract_transf_vector[2]      0.506154 
_atom_sites.fract_transf_vector[3]      0.476253 
# 
loop_
_atom_type.symbol 
C  
FE 
N  
O  
S  
# 
loop_
_atom_site.group_PDB 
_atom_site.id 
_atom_site.type_symbol 
_atom_site.label_atom_id 
_atom_site.label_alt_id 
_atom_site.label_comp_id 
_atom_site.label_asym_id 
_atom_site.label_entity_id 
_atom_site.label_seq_id 
_atom_site.pdbx_PDB_ins_code 
_atom_site.Cartn_x 
_atom_site.Cartn_y 
_atom_site.Cartn_z 
_atom_site.occupancy 
_atom_site.B_iso_or_equiv 
_atom_site.pdbx_formal_charge 
_atom_site.auth_seq_id 
_atom_site.auth_comp_id 
_atom_site.auth_asym_id 
_atom_site.auth_atom_id 
_atom_site.pdbx_PDB_model_num 
ATOM   1    N  N   . GLY A 1 1   ? -0.853  18.194  -6.307  1.00 34.88 ? 1   GLY A N   1 
ATOM   2    C  CA  . GLY A 1 1   ? -0.478  16.798  -6.628  1.00 31.15 ? 1   GLY A CA  1 
ATOM   3    C  C   . GLY A 1 1   ? 1.034   16.817  -6.907  1.00 28.15 ? 1   GLY A C   1 
ATOM   4    O  O   . GLY A 1 1   ? 1.812   17.537  -6.257  1.00 34.07 ? 1   GLY A O   1 
ATOM   5    N  N   . LEU A 1 2   ? 1.450   16.040  -7.833  1.00 21.49 ? 2   LEU A N   1 
ATOM   6    C  CA  . LEU A 1 2   ? 2.839   15.888  -8.211  1.00 17.05 ? 2   LEU A CA  1 
ATOM   7    C  C   . LEU A 1 2   ? 2.987   16.477  -9.621  1.00 16.42 ? 2   LEU A C   1 
ATOM   8    O  O   . LEU A 1 2   ? 2.016   16.515  -10.392 1.00 15.45 ? 2   LEU A O   1 
ATOM   9    C  CB  . LEU A 1 2   ? 3.106   14.378  -8.249  1.00 15.53 ? 2   LEU A CB  1 
ATOM   10   C  CG  . LEU A 1 2   ? 3.389   13.573  -6.973  1.00 12.21 ? 2   LEU A CG  1 
ATOM   11   C  CD1 . LEU A 1 2   ? 2.180   13.532  -6.059  1.00 13.82 ? 2   LEU A CD1 1 
ATOM   12   C  CD2 . LEU A 1 2   ? 3.788   12.154  -7.343  1.00 13.95 ? 2   LEU A CD2 1 
ATOM   13   N  N   . SER A 1 3   ? 4.200   16.900  -9.937  1.00 13.46 ? 3   SER A N   1 
ATOM   14   C  CA  . SER A 1 3   ? 4.568   17.340  -11.253 1.00 14.84 ? 3   SER A CA  1 
ATOM   15   C  C   . SER A 1 3   ? 4.659   16.048  -12.112 1.00 16.73 ? 3   SER A C   1 
ATOM   16   O  O   . SER A 1 3   ? 4.705   14.913  -11.617 1.00 15.48 ? 3   SER A O   1 
ATOM   17   C  CB  . SER A 1 3   ? 5.897   18.109  -11.247 1.00 16.88 ? 3   SER A CB  1 
ATOM   18   O  OG  . SER A 1 3   ? 6.930   17.170  -11.010 1.00 17.40 ? 3   SER A OG  1 
ATOM   19   N  N   . ASP A 1 4   ? 4.628   16.273  -13.425 1.00 16.43 ? 4   ASP A N   1 
ATOM   20   C  CA  . ASP A 1 4   ? 4.781   15.233  -14.420 1.00 17.45 ? 4   ASP A CA  1 
ATOM   21   C  C   . ASP A 1 4   ? 6.121   14.553  -14.182 1.00 18.58 ? 4   ASP A C   1 
ATOM   22   O  O   . ASP A 1 4   ? 6.196   13.361  -14.391 1.00 18.18 ? 4   ASP A O   1 
ATOM   23   C  CB  . ASP A 1 4   ? 4.679   15.772  -15.829 1.00 25.13 ? 4   ASP A CB  1 
ATOM   24   C  CG  . ASP A 1 4   ? 3.221   16.102  -16.183 1.00 32.93 ? 4   ASP A CG  1 
ATOM   25   O  OD1 . ASP A 1 4   ? 2.274   15.503  -15.636 1.00 33.38 ? 4   ASP A OD1 1 
ATOM   26   O  OD2 . ASP A 1 4   ? 2.995   16.960  -17.097 1.00 38.85 ? 4   ASP A OD2 1 
ATOM   27   N  N   . GLY A 1 5   ? 7.134   15.323  -13.741 1.00 18.28 ? 5   GLY A N   1 
ATOM   28   C  CA  . GLY A 1 5   ? 8.465   14.802  -13.489 1.00 17.01 ? 5   GLY A CA  1 
ATOM   29   C  C   . GLY A 1 5   ? 8.467   13.814  -12.322 1.00 15.44 ? 5   GLY A C   1 
ATOM   30   O  O   . GLY A 1 5   ? 9.041   12.712  -12.394 1.00 14.31 ? 5   GLY A O   1 
ATOM   31   N  N   . GLU A 1 6   ? 7.750   14.205  -11.294 1.00 14.59 ? 6   GLU A N   1 
ATOM   32   C  CA  . GLU A 1 6   ? 7.577   13.341  -10.108 1.00 14.61 ? 6   GLU A CA  1 
ATOM   33   C  C   . GLU A 1 6   ? 6.768   12.112  -10.498 1.00 14.80 ? 6   GLU A C   1 
ATOM   34   O  O   . GLU A 1 6   ? 7.160   11.043  -10.012 1.00 13.21 ? 6   GLU A O   1 
ATOM   35   C  CB  . GLU A 1 6   ? 6.959   14.035  -8.927  1.00 12.90 ? 6   GLU A CB  1 
ATOM   36   C  CG  . GLU A 1 6   ? 7.845   15.073  -8.325  1.00 14.57 ? 6   GLU A CG  1 
ATOM   37   C  CD  . GLU A 1 6   ? 7.223   16.019  -7.370  1.00 18.20 ? 6   GLU A CD  1 
ATOM   38   O  OE1 . GLU A 1 6   ? 6.118   16.524  -7.492  1.00 18.51 ? 6   GLU A OE1 1 
ATOM   39   O  OE2 . GLU A 1 6   ? 7.824   16.307  -6.310  1.00 23.17 ? 6   GLU A OE2 1 
ATOM   40   N  N   . TRP A 1 7   ? 5.729   12.300  -11.322 1.00 13.24 ? 7   TRP A N   1 
ATOM   41   C  CA  . TRP A 1 7   ? 4.970   11.087  -11.687 1.00 14.05 ? 7   TRP A CA  1 
ATOM   42   C  C   . TRP A 1 7   ? 5.835   10.115  -12.462 1.00 14.14 ? 7   TRP A C   1 
ATOM   43   O  O   . TRP A 1 7   ? 5.733   8.878   -12.378 1.00 12.79 ? 7   TRP A O   1 
ATOM   44   C  CB  . TRP A 1 7   ? 3.702   11.452  -12.415 1.00 14.80 ? 7   TRP A CB  1 
ATOM   45   C  CG  . TRP A 1 7   ? 2.576   11.945  -11.555 1.00 14.92 ? 7   TRP A CG  1 
ATOM   46   C  CD1 . TRP A 1 7   ? 1.968   13.156  -11.562 1.00 15.15 ? 7   TRP A CD1 1 
ATOM   47   C  CD2 . TRP A 1 7   ? 1.916   11.153  -10.549 1.00 13.49 ? 7   TRP A CD2 1 
ATOM   48   N  NE1 . TRP A 1 7   ? 0.950   13.183  -10.648 1.00 11.87 ? 7   TRP A NE1 1 
ATOM   49   C  CE2 . TRP A 1 7   ? 0.909   11.979  -10.004 1.00 14.64 ? 7   TRP A CE2 1 
ATOM   50   C  CE3 . TRP A 1 7   ? 2.070   9.825   -10.112 1.00 10.50 ? 7   TRP A CE3 1 
ATOM   51   C  CZ2 . TRP A 1 7   ? 0.043   11.497  -8.998  1.00 14.48 ? 7   TRP A CZ2 1 
ATOM   52   C  CZ3 . TRP A 1 7   ? 1.198   9.360   -9.155  1.00 11.47 ? 7   TRP A CZ3 1 
ATOM   53   C  CH2 . TRP A 1 7   ? 0.205   10.175  -8.594  1.00 11.03 ? 7   TRP A CH2 1 
ATOM   54   N  N   . GLU A 1 8   ? 6.739   10.639  -13.270 1.00 14.97 ? 8   GLU A N   1 
ATOM   55   C  CA  . GLU A 1 8   ? 7.663   9.790   -14.038 1.00 15.41 ? 8   GLU A CA  1 
ATOM   56   C  C   . GLU A 1 8   ? 8.540   8.969   -13.125 1.00 13.47 ? 8   GLU A C   1 
ATOM   57   O  O   . GLU A 1 8   ? 8.683   7.756   -13.330 1.00 15.88 ? 8   GLU A O   1 
ATOM   58   C  CB  . GLU A 1 8   ? 8.481   10.575  -15.040 1.00 20.50 ? 8   GLU A CB  1 
ATOM   59   C  CG  . GLU A 1 8   ? 8.826   9.618   -16.179 1.00 29.12 ? 8   GLU A CG  1 
ATOM   60   C  CD  . GLU A 1 8   ? 9.727   10.289  -17.219 1.00 35.39 ? 8   GLU A CD  1 
ATOM   61   O  OE1 . GLU A 1 8   ? 10.611  11.066  -16.768 1.00 36.48 ? 8   GLU A OE1 1 
ATOM   62   O  OE2 . GLU A 1 8   ? 9.507   9.919   -18.407 1.00 39.25 ? 8   GLU A OE2 1 
ATOM   63   N  N   . LEU A 1 9   ? 9.073   9.554   -12.090 1.00 12.61 ? 9   LEU A N   1 
ATOM   64   C  CA  . LEU A 1 9   ? 9.869   8.848   -11.104 1.00 14.03 ? 9   LEU A CA  1 
ATOM   65   C  C   . LEU A 1 9   ? 9.028   7.787   -10.390 1.00 11.00 ? 9   LEU A C   1 
ATOM   66   O  O   . LEU A 1 9   ? 9.567   6.733   -10.141 1.00 11.05 ? 9   LEU A O   1 
ATOM   67   C  CB  . LEU A 1 9   ? 10.440  9.788   -10.067 1.00 17.20 ? 9   LEU A CB  1 
ATOM   68   C  CG  . LEU A 1 9   ? 11.705  10.552  -10.419 1.00 20.51 ? 9   LEU A CG  1 
ATOM   69   C  CD1 . LEU A 1 9   ? 11.907  11.659  -9.397  1.00 22.30 ? 9   LEU A CD1 1 
ATOM   70   C  CD2 . LEU A 1 9   ? 12.841  9.560   -10.383 1.00 23.90 ? 9   LEU A CD2 1 
ATOM   71   N  N   . VAL A 1 10  ? 7.805   8.056   -10.023 1.00 9.82  ? 10  VAL A N   1 
ATOM   72   C  CA  . VAL A 1 10  ? 6.971   7.070   -9.322  1.00 8.27  ? 10  VAL A CA  1 
ATOM   73   C  C   . VAL A 1 10  ? 6.756   5.909   -10.277 1.00 9.58  ? 10  VAL A C   1 
ATOM   74   O  O   . VAL A 1 10  ? 6.866   4.808   -9.822  1.00 9.06  ? 10  VAL A O   1 
ATOM   75   C  CB  . VAL A 1 10  ? 5.615   7.688   -8.972  1.00 8.80  ? 10  VAL A CB  1 
ATOM   76   C  CG1 . VAL A 1 10  ? 4.561   6.694   -8.597  1.00 10.55 ? 10  VAL A CG1 1 
ATOM   77   C  CG2 . VAL A 1 10  ? 5.802   8.755   -7.873  1.00 7.60  ? 10  VAL A CG2 1 
ATOM   78   N  N   . LEU A 1 11  ? 6.477   6.127   -11.563 1.00 9.46  ? 11  LEU A N   1 
ATOM   79   C  CA  . LEU A 1 11  ? 6.203   5.062   -12.501 1.00 9.56  ? 11  LEU A CA  1 
ATOM   80   C  C   . LEU A 1 11  ? 7.449   4.267   -12.764 1.00 9.07  ? 11  LEU A C   1 
ATOM   81   O  O   . LEU A 1 11  ? 7.314   3.049   -12.868 1.00 10.51 ? 11  LEU A O   1 
ATOM   82   C  CB  . LEU A 1 11  ? 5.546   5.567   -13.781 1.00 11.28 ? 11  LEU A CB  1 
ATOM   83   C  CG  . LEU A 1 11  ? 4.207   6.300   -13.663 1.00 15.26 ? 11  LEU A CG  1 
ATOM   84   C  CD1 . LEU A 1 11  ? 3.761   6.769   -15.060 1.00 17.21 ? 11  LEU A CD1 1 
ATOM   85   C  CD2 . LEU A 1 11  ? 3.156   5.382   -13.036 1.00 18.30 ? 11  LEU A CD2 1 
ATOM   86   N  N   . LYS A 1 12  ? 8.598   4.879   -12.877 1.00 10.12 ? 12  LYS A N   1 
ATOM   87   C  CA  . LYS A 1 12  ? 9.828   4.046   -13.115 1.00 9.90  ? 12  LYS A CA  1 
ATOM   88   C  C   . LYS A 1 12  ? 10.103  3.155   -11.938 1.00 11.94 ? 12  LYS A C   1 
ATOM   89   O  O   . LYS A 1 12  ? 10.503  2.007   -12.095 1.00 13.08 ? 12  LYS A O   1 
ATOM   90   C  CB  . LYS A 1 12  ? 10.954  4.971   -13.394 1.00 12.28 ? 12  LYS A CB  1 
ATOM   91   C  CG  . LYS A 1 12  ? 11.046  5.584   -14.770 1.00 15.58 ? 12  LYS A CG  1 
ATOM   92   C  CD  . LYS A 1 12  ? 12.173  6.640   -14.592 1.00 19.63 ? 12  LYS A CD  1 
ATOM   93   C  CE  . LYS A 1 12  ? 12.504  7.368   -15.848 1.00 26.51 ? 12  LYS A CE  1 
ATOM   94   N  NZ  . LYS A 1 12  ? 13.778  8.165   -15.609 1.00 32.07 ? 12  LYS A NZ  1 
ATOM   95   N  N   . THR A 1 13  ? 9.915   3.702   -10.724 1.00 10.74 ? 13  THR A N   1 
ATOM   96   C  CA  . THR A 1 13  ? 10.067  2.917   -9.498  1.00 11.81 ? 13  THR A CA  1 
ATOM   97   C  C   . THR A 1 13  ? 9.111   1.748   -9.484  1.00 9.74  ? 13  THR A C   1 
ATOM   98   O  O   . THR A 1 13  ? 9.478   0.613   -9.157  1.00 9.76  ? 13  THR A O   1 
ATOM   99   C  CB  . THR A 1 13  ? 9.899   3.761   -8.216  1.00 12.06 ? 13  THR A CB  1 
ATOM   100  O  OG1 . THR A 1 13  ? 10.929  4.721   -8.262  1.00 14.85 ? 13  THR A OG1 1 
ATOM   101  C  CG2 . THR A 1 13  ? 10.117  2.910   -6.969  1.00 13.92 ? 13  THR A CG2 1 
ATOM   102  N  N   . TRP A 1 14  ? 7.870   2.019   -9.845  1.00 10.04 ? 14  TRP A N   1 
ATOM   103  C  CA  . TRP A 1 14  ? 6.807   0.995   -9.883  1.00 10.82 ? 14  TRP A CA  1 
ATOM   104  C  C   . TRP A 1 14  ? 7.197   -0.107  -10.874 1.00 9.36  ? 14  TRP A C   1 
ATOM   105  O  O   . TRP A 1 14  ? 6.837   -1.221  -10.633 1.00 8.67  ? 14  TRP A O   1 
ATOM   106  C  CB  . TRP A 1 14  ? 5.420   1.580   -10.176 1.00 10.01 ? 14  TRP A CB  1 
ATOM   107  C  CG  . TRP A 1 14  ? 4.323   0.640   -9.814  1.00 11.56 ? 14  TRP A CG  1 
ATOM   108  C  CD1 . TRP A 1 14  ? 3.587   -0.128  -10.667 1.00 13.94 ? 14  TRP A CD1 1 
ATOM   109  C  CD2 . TRP A 1 14  ? 3.852   0.317   -8.503  1.00 12.68 ? 14  TRP A CD2 1 
ATOM   110  N  NE1 . TRP A 1 14  ? 2.676   -0.877  -9.959  1.00 12.73 ? 14  TRP A NE1 1 
ATOM   111  C  CE2 . TRP A 1 14  ? 2.830   -0.635  -8.638  1.00 13.42 ? 14  TRP A CE2 1 
ATOM   112  C  CE3 . TRP A 1 14  ? 4.219   0.745   -7.228  1.00 14.96 ? 14  TRP A CE3 1 
ATOM   113  C  CZ2 . TRP A 1 14  ? 2.155   -1.161  -7.540  1.00 15.79 ? 14  TRP A CZ2 1 
ATOM   114  C  CZ3 . TRP A 1 14  ? 3.526   0.218   -6.130  1.00 16.89 ? 14  TRP A CZ3 1 
ATOM   115  C  CH2 . TRP A 1 14  ? 2.508   -0.687  -6.314  1.00 14.24 ? 14  TRP A CH2 1 
ATOM   116  N  N   . GLY A 1 15  ? 7.901   0.220   -11.975 1.00 8.33  ? 15  GLY A N   1 
ATOM   117  C  CA  . GLY A 1 15  ? 8.454   -0.713  -12.906 1.00 6.63  ? 15  GLY A CA  1 
ATOM   118  C  C   . GLY A 1 15  ? 9.212   -1.841  -12.167 1.00 7.16  ? 15  GLY A C   1 
ATOM   119  O  O   . GLY A 1 15  ? 9.081   -3.018  -12.503 1.00 9.77  ? 15  GLY A O   1 
ATOM   120  N  N   . LYS A 1 16  ? 9.939   -1.525  -11.121 1.00 8.25  ? 16  LYS A N   1 
ATOM   121  C  CA  . LYS A 1 16  ? 10.673  -2.531  -10.332 1.00 9.33  ? 16  LYS A CA  1 
ATOM   122  C  C   . LYS A 1 16  ? 9.718   -3.421  -9.542  1.00 11.25 ? 16  LYS A C   1 
ATOM   123  O  O   . LYS A 1 16  ? 9.979   -4.652  -9.412  1.00 10.82 ? 16  LYS A O   1 
ATOM   124  C  CB  . LYS A 1 16  ? 11.656  -1.852  -9.375  1.00 11.00 ? 16  LYS A CB  1 
ATOM   125  C  CG  . LYS A 1 16  ? 12.682  -1.061  -10.126 1.00 17.66 ? 16  LYS A CG  1 
ATOM   126  C  CD  . LYS A 1 16  ? 13.587  -0.362  -9.113  1.00 24.42 ? 16  LYS A CD  1 
ATOM   127  C  CE  . LYS A 1 16  ? 14.718  0.392   -9.818  1.00 28.66 ? 16  LYS A CE  1 
ATOM   128  N  NZ  . LYS A 1 16  ? 14.185  1.792   -10.103 1.00 33.73 ? 16  LYS A NZ  1 
ATOM   129  N  N   . VAL A 1 17  ? 8.659   -2.817  -9.000  1.00 8.16  ? 17  VAL A N   1 
ATOM   130  C  CA  . VAL A 1 17  ? 7.665   -3.617  -8.270  1.00 10.09 ? 17  VAL A CA  1 
ATOM   131  C  C   . VAL A 1 17  ? 6.988   -4.610  -9.224  1.00 12.06 ? 17  VAL A C   1 
ATOM   132  O  O   . VAL A 1 17  ? 6.827   -5.788  -8.867  1.00 12.98 ? 17  VAL A O   1 
ATOM   133  C  CB  . VAL A 1 17  ? 6.641   -2.698  -7.618  1.00 9.01  ? 17  VAL A CB  1 
ATOM   134  C  CG1 . VAL A 1 17  ? 5.521   -3.561  -6.971  1.00 10.52 ? 17  VAL A CG1 1 
ATOM   135  C  CG2 . VAL A 1 17  ? 7.305   -1.830  -6.576  1.00 10.48 ? 17  VAL A CG2 1 
ATOM   136  N  N   . GLU A 1 18  ? 6.645   -4.178  -10.463 1.00 9.82  ? 18  GLU A N   1 
ATOM   137  C  CA  . GLU A 1 18  ? 5.964   -5.048  -11.414 1.00 12.93 ? 18  GLU A CA  1 
ATOM   138  C  C   . GLU A 1 18  ? 6.786   -6.246  -11.888 1.00 15.21 ? 18  GLU A C   1 
ATOM   139  O  O   . GLU A 1 18  ? 6.153   -7.195  -12.346 1.00 15.68 ? 18  GLU A O   1 
ATOM   140  C  CB  . GLU A 1 18  ? 5.478   -4.268  -12.659 1.00 13.02 ? 18  GLU A CB  1 
ATOM   141  C  CG  . GLU A 1 18  ? 4.287   -3.436  -12.182 1.00 16.38 ? 18  GLU A CG  1 
ATOM   142  C  CD  . GLU A 1 18  ? 3.728   -2.645  -13.346 1.00 22.44 ? 18  GLU A CD  1 
ATOM   143  O  OE1 . GLU A 1 18  ? 4.545   -2.189  -14.183 1.00 25.63 ? 18  GLU A OE1 1 
ATOM   144  O  OE2 . GLU A 1 18  ? 2.520   -2.448  -13.325 1.00 22.00 ? 18  GLU A OE2 1 
ATOM   145  N  N   . ALA A 1 19  ? 8.109   -6.160  -11.776 1.00 12.49 ? 19  ALA A N   1 
ATOM   146  C  CA  . ALA A 1 19  ? 8.923   -7.293  -12.116 1.00 13.08 ? 19  ALA A CA  1 
ATOM   147  C  C   . ALA A 1 19  ? 8.721   -8.427  -11.096 1.00 14.50 ? 19  ALA A C   1 
ATOM   148  O  O   . ALA A 1 19  ? 9.023   -9.553  -11.501 1.00 13.66 ? 19  ALA A O   1 
ATOM   149  C  CB  . ALA A 1 19  ? 10.343  -6.938  -12.329 1.00 14.55 ? 19  ALA A CB  1 
ATOM   150  N  N   . ASP A 1 20  ? 8.222   -8.217  -9.905  1.00 11.74 ? 20  ASP A N   1 
ATOM   151  C  CA  . ASP A 1 20  ? 7.963   -9.371  -8.984  1.00 11.66 ? 20  ASP A CA  1 
ATOM   152  C  C   . ASP A 1 20  ? 6.829   -8.948  -8.035  1.00 9.70  ? 20  ASP A C   1 
ATOM   153  O  O   . ASP A 1 20  ? 7.092   -8.557  -6.942  1.00 9.66  ? 20  ASP A O   1 
ATOM   154  C  CB  . ASP A 1 20  ? 9.185   -9.780  -8.229  1.00 13.27 ? 20  ASP A CB  1 
ATOM   155  C  CG  . ASP A 1 20  ? 9.023   -10.963 -7.308  1.00 13.12 ? 20  ASP A CG  1 
ATOM   156  O  OD1 . ASP A 1 20  ? 8.032   -11.706 -7.307  1.00 14.78 ? 20  ASP A OD1 1 
ATOM   157  O  OD2 . ASP A 1 20  ? 9.862   -11.245 -6.481  1.00 15.88 ? 20  ASP A OD2 1 
ATOM   158  N  N   . ILE A 1 21  ? 5.590   -8.969  -8.519  1.00 9.58  ? 21  ILE A N   1 
ATOM   159  C  CA  . ILE A 1 21  ? 4.515   -8.475  -7.675  1.00 10.31 ? 21  ILE A CA  1 
ATOM   160  C  C   . ILE A 1 21  ? 4.322   -9.342  -6.474  1.00 9.05  ? 21  ILE A C   1 
ATOM   161  O  O   . ILE A 1 21  ? 4.214   -8.780  -5.353  1.00 9.87  ? 21  ILE A O   1 
ATOM   162  C  CB  . ILE A 1 21  ? 3.216   -8.151  -8.407  1.00 13.32 ? 21  ILE A CB  1 
ATOM   163  C  CG1 . ILE A 1 21  ? 3.386   -6.811  -9.194  1.00 16.98 ? 21  ILE A CG1 1 
ATOM   164  C  CG2 . ILE A 1 21  ? 2.051   -7.975  -7.475  1.00 11.54 ? 21  ILE A CG2 1 
ATOM   165  C  CD1 . ILE A 1 21  ? 2.491   -6.804  -10.419 1.00 22.35 ? 21  ILE A CD1 1 
ATOM   166  N  N   . PRO A 1 22  ? 4.312   -10.655 -6.647  1.00 10.69 ? 22  PRO A N   1 
ATOM   167  C  CA  . PRO A 1 22  ? 4.140   -11.553 -5.495  1.00 9.13  ? 22  PRO A CA  1 
ATOM   168  C  C   . PRO A 1 22  ? 5.226   -11.405 -4.400  1.00 10.02 ? 22  PRO A C   1 
ATOM   169  O  O   . PRO A 1 22  ? 4.949   -11.434 -3.203  1.00 11.57 ? 22  PRO A O   1 
ATOM   170  C  CB  . PRO A 1 22  ? 4.131   -12.911 -6.122  1.00 9.85  ? 22  PRO A CB  1 
ATOM   171  C  CG  . PRO A 1 22  ? 4.026   -12.758 -7.579  1.00 12.49 ? 22  PRO A CG  1 
ATOM   172  C  CD  . PRO A 1 22  ? 4.467   -11.346 -7.929  1.00 11.28 ? 22  PRO A CD  1 
ATOM   173  N  N   . GLY A 1 23  ? 6.495   -11.230 -4.769  1.00 11.25 ? 23  GLY A N   1 
ATOM   174  C  CA  . GLY A 1 23  ? 7.633   -11.114 -3.852  1.00 7.89  ? 23  GLY A CA  1 
ATOM   175  C  C   . GLY A 1 23  ? 7.517   -9.795  -3.087  1.00 8.66  ? 23  GLY A C   1 
ATOM   176  O  O   . GLY A 1 23  ? 7.669   -9.849  -1.888  1.00 10.97 ? 23  GLY A O   1 
ATOM   177  N  N   . HIS A 1 24  ? 7.220   -8.698  -3.806  1.00 8.34  ? 24  HIS A N   1 
ATOM   178  C  CA  . HIS A 1 24  ? 7.080   -7.412  -3.140  1.00 8.14  ? 24  HIS A CA  1 
ATOM   179  C  C   . HIS A 1 24  ? 5.825   -7.456  -2.266  1.00 6.54  ? 24  HIS A C   1 
ATOM   180  O  O   . HIS A 1 24  ? 5.951   -6.978  -1.157  1.00 7.33  ? 24  HIS A O   1 
ATOM   181  C  CB  . HIS A 1 24  ? 7.015   -6.214  -4.071  1.00 8.98  ? 24  HIS A CB  1 
ATOM   182  C  CG  . HIS A 1 24  ? 8.306   -5.895  -4.779  1.00 9.17  ? 24  HIS A CG  1 
ATOM   183  N  ND1 . HIS A 1 24  ? 8.727   -6.583  -5.862  1.00 9.39  ? 24  HIS A ND1 1 
ATOM   184  C  CD2 . HIS A 1 24  ? 9.181   -4.876  -4.638  1.00 9.89  ? 24  HIS A CD2 1 
ATOM   185  C  CE1 . HIS A 1 24  ? 9.843   -6.099  -6.349  1.00 8.92  ? 24  HIS A CE1 1 
ATOM   186  N  NE2 . HIS A 1 24  ? 10.131  -5.053  -5.632  1.00 9.24  ? 24  HIS A NE2 1 
ATOM   187  N  N   . GLY A 1 25  ? 4.735   -8.025  -2.718  1.00 6.38  ? 25  GLY A N   1 
ATOM   188  C  CA  . GLY A 1 25  ? 3.458   -8.051  -1.943  1.00 5.91  ? 25  GLY A CA  1 
ATOM   189  C  C   . GLY A 1 25  ? 3.571   -8.789  -0.622  1.00 6.54  ? 25  GLY A C   1 
ATOM   190  O  O   . GLY A 1 25  ? 3.103   -8.337  0.422   1.00 7.28  ? 25  GLY A O   1 
ATOM   191  N  N   . GLU A 1 26  ? 4.260   -9.911  -0.652  1.00 8.62  ? 26  GLU A N   1 
ATOM   192  C  CA  . GLU A 1 26  ? 4.561   -10.763 0.524   1.00 9.39  ? 26  GLU A CA  1 
ATOM   193  C  C   . GLU A 1 26  ? 5.388   -9.979  1.512   1.00 9.28  ? 26  GLU A C   1 
ATOM   194  O  O   . GLU A 1 26  ? 5.042   -9.916  2.713   1.00 9.24  ? 26  GLU A O   1 
ATOM   195  C  CB  . GLU A 1 26  ? 5.275   -11.990 0.000   1.00 13.64 ? 26  GLU A CB  1 
ATOM   196  C  CG  . GLU A 1 26  ? 5.695   -13.119 0.925   1.00 21.77 ? 26  GLU A CG  1 
ATOM   197  C  CD  . GLU A 1 26  ? 4.512   -13.239 1.831   1.00 26.39 ? 26  GLU A CD  1 
ATOM   198  O  OE1 . GLU A 1 26  ? 3.378   -13.293 1.325   1.00 35.39 ? 26  GLU A OE1 1 
ATOM   199  O  OE2 . GLU A 1 26  ? 4.614   -13.121 3.019   1.00 34.44 ? 26  GLU A OE2 1 
ATOM   200  N  N   . THR A 1 27  ? 6.461   -9.301  1.089   1.00 8.36  ? 27  THR A N   1 
ATOM   201  C  CA  . THR A 1 27  ? 7.327   -8.517  1.983   1.00 9.23  ? 27  THR A CA  1 
ATOM   202  C  C   . THR A 1 27  ? 6.606   -7.369  2.613   1.00 8.21  ? 27  THR A C   1 
ATOM   203  O  O   . THR A 1 27  ? 6.834   -7.055  3.761   1.00 9.36  ? 27  THR A O   1 
ATOM   204  C  CB  . THR A 1 27  ? 8.576   -8.056  1.213   1.00 16.14 ? 27  THR A CB  1 
ATOM   205  O  OG1 . THR A 1 27  ? 9.323   -9.195  0.716   1.00 26.68 ? 27  THR A OG1 1 
ATOM   206  C  CG2 . THR A 1 27  ? 9.608   -7.342  2.094   1.00 23.21 ? 27  THR A CG2 1 
ATOM   207  N  N   . VAL A 1 28  ? 5.698   -6.697  1.905   1.00 6.55  ? 28  VAL A N   1 
ATOM   208  C  CA  . VAL A 1 28  ? 4.964   -5.564  2.451   1.00 5.82  ? 28  VAL A CA  1 
ATOM   209  C  C   . VAL A 1 28  ? 4.111   -6.103  3.577   1.00 6.02  ? 28  VAL A C   1 
ATOM   210  O  O   . VAL A 1 28  ? 4.169   -5.463  4.619   1.00 7.51  ? 28  VAL A O   1 
ATOM   211  C  CB  . VAL A 1 28  ? 4.021   -4.909  1.404   1.00 6.47  ? 28  VAL A CB  1 
ATOM   212  C  CG1 . VAL A 1 28  ? 2.947   -4.048  2.093   1.00 6.54  ? 28  VAL A CG1 1 
ATOM   213  C  CG2 . VAL A 1 28  ? 4.824   -4.126  0.400   1.00 5.54  ? 28  VAL A CG2 1 
ATOM   214  N  N   . PHE A 1 29  ? 3.466   -7.241  3.403   1.00 6.29  ? 29  PHE A N   1 
ATOM   215  C  CA  . PHE A 1 29  ? 2.579   -7.734  4.506   1.00 7.82  ? 29  PHE A CA  1 
ATOM   216  C  C   . PHE A 1 29  ? 3.356   -8.217  5.719   1.00 7.44  ? 29  PHE A C   1 
ATOM   217  O  O   . PHE A 1 29  ? 2.943   -7.970  6.822   1.00 6.81  ? 29  PHE A O   1 
ATOM   218  C  CB  . PHE A 1 29  ? 1.556   -8.752  4.034   1.00 7.71  ? 29  PHE A CB  1 
ATOM   219  C  CG  . PHE A 1 29  ? 0.303   -8.105  3.546   1.00 11.68 ? 29  PHE A CG  1 
ATOM   220  C  CD1 . PHE A 1 29  ? -0.622  -7.627  4.449   1.00 12.72 ? 29  PHE A CD1 1 
ATOM   221  C  CD2 . PHE A 1 29  ? 0.066   -7.964  2.199   1.00 13.83 ? 29  PHE A CD2 1 
ATOM   222  C  CE1 . PHE A 1 29  ? -1.790  -6.987  4.023   1.00 13.71 ? 29  PHE A CE1 1 
ATOM   223  C  CE2 . PHE A 1 29  ? -1.111  -7.331  1.745   1.00 15.07 ? 29  PHE A CE2 1 
ATOM   224  C  CZ  . PHE A 1 29  ? -2.047  -6.836  2.660   1.00 13.42 ? 29  PHE A CZ  1 
ATOM   225  N  N   . VAL A 1 30  ? 4.439   -8.947  5.492   1.00 9.95  ? 30  VAL A N   1 
ATOM   226  C  CA  . VAL A 1 30  ? 5.323   -9.383  6.624   1.00 10.55 ? 30  VAL A CA  1 
ATOM   227  C  C   . VAL A 1 30  ? 5.833   -8.113  7.341   1.00 9.76  ? 30  VAL A C   1 
ATOM   228  O  O   . VAL A 1 30  ? 5.669   -8.159  8.582   1.00 11.35 ? 30  VAL A O   1 
ATOM   229  C  CB  . VAL A 1 30  ? 6.494   -10.238 6.146   1.00 12.19 ? 30  VAL A CB  1 
ATOM   230  C  CG1 . VAL A 1 30  ? 7.489   -10.542 7.291   1.00 12.70 ? 30  VAL A CG1 1 
ATOM   231  C  CG2 . VAL A 1 30  ? 5.967   -11.497 5.507   1.00 10.78 ? 30  VAL A CG2 1 
ATOM   232  N  N   . ARG A 1 31  ? 6.288   -7.071  6.703   1.00 7.97  ? 31  ARG A N   1 
ATOM   233  C  CA  . ARG A 1 31  ? 6.695   -5.857  7.413   1.00 13.12 ? 31  ARG A CA  1 
ATOM   234  C  C   . ARG A 1 31  ? 5.554   -5.226  8.200   1.00 12.36 ? 31  ARG A C   1 
ATOM   235  O  O   . ARG A 1 31  ? 5.751   -4.790  9.339   1.00 11.04 ? 31  ARG A O   1 
ATOM   236  C  CB  . ARG A 1 31  ? 7.286   -4.740  6.517   1.00 17.55 ? 31  ARG A CB  1 
ATOM   237  C  CG  . ARG A 1 31  ? 8.705   -5.117  6.288   1.00 32.12 ? 31  ARG A CG  1 
ATOM   238  C  CD  . ARG A 1 31  ? 9.572   -4.552  5.195   1.00 41.16 ? 31  ARG A CD  1 
ATOM   239  N  NE  . ARG A 1 31  ? 10.687  -5.518  5.037   1.00 50.25 ? 31  ARG A NE  1 
ATOM   240  C  CZ  . ARG A 1 31  ? 11.770  -5.483  4.312   1.00 55.19 ? 31  ARG A CZ  1 
ATOM   241  N  NH1 . ARG A 1 31  ? 12.017  -4.424  3.538   1.00 58.93 ? 31  ARG A NH1 1 
ATOM   242  N  NH2 . ARG A 1 31  ? 12.643  -6.498  4.328   1.00 57.49 ? 31  ARG A NH2 1 
ATOM   243  N  N   . LEU A 1 32  ? 4.389   -5.156  7.524   1.00 10.77 ? 32  LEU A N   1 
ATOM   244  C  CA  . LEU A 1 32  ? 3.208   -4.564  8.154   1.00 8.59  ? 32  LEU A CA  1 
ATOM   245  C  C   . LEU A 1 32  ? 2.794   -5.351  9.412   1.00 8.91  ? 32  LEU A C   1 
ATOM   246  O  O   . LEU A 1 32  ? 2.508   -4.695  10.444  1.00 10.63 ? 32  LEU A O   1 
ATOM   247  C  CB  . LEU A 1 32  ? 2.030   -4.552  7.161   1.00 8.98  ? 32  LEU A CB  1 
ATOM   248  C  CG  . LEU A 1 32  ? 0.760   -3.864  7.752   1.00 11.76 ? 32  LEU A CG  1 
ATOM   249  C  CD1 . LEU A 1 32  ? 1.001   -2.369  7.954   1.00 11.37 ? 32  LEU A CD1 1 
ATOM   250  C  CD2 . LEU A 1 32  ? -0.502  -4.147  6.905   1.00 11.37 ? 32  LEU A CD2 1 
ATOM   251  N  N   . PHE A 1 33  ? 2.717   -6.638  9.336   1.00 8.32  ? 33  PHE A N   1 
ATOM   252  C  CA  . PHE A 1 33  ? 2.186   -7.458  10.465  1.00 9.67  ? 33  PHE A CA  1 
ATOM   253  C  C   . PHE A 1 33  ? 3.204   -7.560  11.589  1.00 12.11 ? 33  PHE A C   1 
ATOM   254  O  O   . PHE A 1 33  ? 2.738   -7.592  12.705  1.00 12.34 ? 33  PHE A O   1 
ATOM   255  C  CB  . PHE A 1 33  ? 1.771   -8.819  9.991   1.00 8.23  ? 33  PHE A CB  1 
ATOM   256  C  CG  . PHE A 1 33  ? 0.533   -8.875  9.118   1.00 9.61  ? 33  PHE A CG  1 
ATOM   257  C  CD1 . PHE A 1 33  ? -0.435  -7.886  9.131   1.00 11.46 ? 33  PHE A CD1 1 
ATOM   258  C  CD2 . PHE A 1 33  ? 0.325   -9.978  8.306   1.00 10.09 ? 33  PHE A CD2 1 
ATOM   259  C  CE1 . PHE A 1 33  ? -1.558  -7.904  8.292   1.00 9.23  ? 33  PHE A CE1 1 
ATOM   260  C  CE2 . PHE A 1 33  ? -0.826  -10.058 7.547   1.00 9.70  ? 33  PHE A CE2 1 
ATOM   261  C  CZ  . PHE A 1 33  ? -1.747  -9.009  7.521   1.00 10.88 ? 33  PHE A CZ  1 
ATOM   262  N  N   . THR A 1 34  ? 4.454   -7.555  11.231  1.00 12.63 ? 34  THR A N   1 
ATOM   263  C  CA  . THR A 1 34  ? 5.536   -7.665  12.275  1.00 16.60 ? 34  THR A CA  1 
ATOM   264  C  C   . THR A 1 34  ? 5.773   -6.316  12.959  1.00 18.30 ? 34  THR A C   1 
ATOM   265  O  O   . THR A 1 34  ? 5.939   -6.220  14.174  1.00 17.27 ? 34  THR A O   1 
ATOM   266  C  CB  . THR A 1 34  ? 6.768   -8.350  11.771  1.00 14.43 ? 34  THR A CB  1 
ATOM   267  O  OG1 . THR A 1 34  ? 7.383   -7.638  10.709  1.00 17.45 ? 34  THR A OG1 1 
ATOM   268  C  CG2 . THR A 1 34  ? 6.485   -9.781  11.319  1.00 17.46 ? 34  THR A CG2 1 
ATOM   269  N  N   . GLY A 1 35  ? 5.701   -5.262  12.138  1.00 16.83 ? 35  GLY A N   1 
ATOM   270  C  CA  . GLY A 1 35  ? 5.848   -3.898  12.530  1.00 15.61 ? 35  GLY A CA  1 
ATOM   271  C  C   . GLY A 1 35  ? 4.708   -3.374  13.356  1.00 15.36 ? 35  GLY A C   1 
ATOM   272  O  O   . GLY A 1 35  ? 4.948   -2.684  14.375  1.00 16.72 ? 35  GLY A O   1 
ATOM   273  N  N   . HIS A 1 36  ? 3.483   -3.686  13.044  1.00 12.43 ? 36  HIS A N   1 
ATOM   274  C  CA  . HIS A 1 36  ? 2.258   -3.221  13.650  1.00 12.57 ? 36  HIS A CA  1 
ATOM   275  C  C   . HIS A 1 36  ? 1.228   -4.329  13.775  1.00 14.09 ? 36  HIS A C   1 
ATOM   276  O  O   . HIS A 1 36  ? 0.283   -4.456  12.980  1.00 13.89 ? 36  HIS A O   1 
ATOM   277  C  CB  . HIS A 1 36  ? 1.654   -2.079  12.772  1.00 15.58 ? 36  HIS A CB  1 
ATOM   278  C  CG  . HIS A 1 36  ? 2.621   -0.992  12.371  1.00 17.72 ? 36  HIS A CG  1 
ATOM   279  N  ND1 . HIS A 1 36  ? 2.856   0.124   13.146  1.00 17.17 ? 36  HIS A ND1 1 
ATOM   280  C  CD2 . HIS A 1 36  ? 3.415   -0.846  11.272  1.00 19.99 ? 36  HIS A CD2 1 
ATOM   281  C  CE1 . HIS A 1 36  ? 3.735   0.891   12.570  1.00 17.97 ? 36  HIS A CE1 1 
ATOM   282  N  NE2 . HIS A 1 36  ? 4.114   0.317   11.407  1.00 19.02 ? 36  HIS A NE2 1 
ATOM   283  N  N   . PRO A 1 37  ? 1.439   -5.185  14.767  1.00 16.01 ? 37  PRO A N   1 
ATOM   284  C  CA  . PRO A 1 37  ? 0.631   -6.345  14.997  1.00 15.36 ? 37  PRO A CA  1 
ATOM   285  C  C   . PRO A 1 37  ? -0.843  -6.148  15.114  1.00 14.10 ? 37  PRO A C   1 
ATOM   286  O  O   . PRO A 1 37  ? -1.629  -7.064  14.778  1.00 13.26 ? 37  PRO A O   1 
ATOM   287  C  CB  . PRO A 1 37  ? 1.311   -6.999  16.198  1.00 18.79 ? 37  PRO A CB  1 
ATOM   288  C  CG  . PRO A 1 37  ? 2.738   -6.547  16.097  1.00 19.57 ? 37  PRO A CG  1 
ATOM   289  C  CD  . PRO A 1 37  ? 2.627   -5.083  15.694  1.00 17.84 ? 37  PRO A CD  1 
ATOM   290  N  N   . GLU A 1 38  ? -1.305  -4.960  15.522  1.00 14.35 ? 38  GLU A N   1 
ATOM   291  C  CA  . GLU A 1 38  ? -2.734  -4.671  15.610  1.00 14.90 ? 38  GLU A CA  1 
ATOM   292  C  C   . GLU A 1 38  ? -3.413  -4.792  14.240  1.00 14.10 ? 38  GLU A C   1 
ATOM   293  O  O   . GLU A 1 38  ? -4.583  -5.089  14.198  1.00 14.48 ? 38  GLU A O   1 
ATOM   294  C  CB  . GLU A 1 38  ? -2.967  -3.228  16.102  1.00 20.36 ? 38  GLU A CB  1 
ATOM   295  C  CG  . GLU A 1 38  ? -2.074  -2.195  15.435  1.00 28.39 ? 38  GLU A CG  1 
ATOM   296  C  CD  . GLU A 1 38  ? -0.639  -1.898  15.818  1.00 31.77 ? 38  GLU A CD  1 
ATOM   297  O  OE1 . GLU A 1 38  ? 0.238   -2.671  16.291  1.00 27.23 ? 38  GLU A OE1 1 
ATOM   298  O  OE2 . GLU A 1 38  ? -0.250  -0.652  15.663  1.00 34.55 ? 38  GLU A OE2 1 
ATOM   299  N  N   . THR A 1 39  ? -2.644  -4.517  13.178  1.00 11.89 ? 39  THR A N   1 
ATOM   300  C  CA  . THR A 1 39  ? -3.171  -4.556  11.810  1.00 9.94  ? 39  THR A CA  1 
ATOM   301  C  C   . THR A 1 39  ? -3.640  -5.958  11.427  1.00 11.28 ? 39  THR A C   1 
ATOM   302  O  O   . THR A 1 39  ? -4.606  -6.114  10.678  1.00 8.91  ? 39  THR A O   1 
ATOM   303  C  CB  . THR A 1 39  ? -2.252  -3.961  10.757  1.00 11.59 ? 39  THR A CB  1 
ATOM   304  O  OG1 . THR A 1 39  ? -1.038  -4.752  10.673  1.00 10.50 ? 39  THR A OG1 1 
ATOM   305  C  CG2 . THR A 1 39  ? -1.923  -2.498  11.117  1.00 10.31 ? 39  THR A CG2 1 
ATOM   306  N  N   . LEU A 1 40  ? -2.931  -6.960  11.953  1.00 11.43 ? 40  LEU A N   1 
ATOM   307  C  CA  . LEU A 1 40  ? -3.286  -8.379  11.740  1.00 14.85 ? 40  LEU A CA  1 
ATOM   308  C  C   . LEU A 1 40  ? -4.689  -8.713  12.262  1.00 14.28 ? 40  LEU A C   1 
ATOM   309  O  O   . LEU A 1 40  ? -5.397  -9.530  11.683  1.00 14.80 ? 40  LEU A O   1 
ATOM   310  C  CB  . LEU A 1 40  ? -2.221  -9.292  12.374  1.00 14.99 ? 40  LEU A CB  1 
ATOM   311  C  CG  . LEU A 1 40  ? -2.270  -10.784 12.087  1.00 16.56 ? 40  LEU A CG  1 
ATOM   312  C  CD1 . LEU A 1 40  ? -2.402  -11.066 10.619  1.00 14.30 ? 40  LEU A CD1 1 
ATOM   313  C  CD2 . LEU A 1 40  ? -0.970  -11.454 12.539  1.00 19.29 ? 40  LEU A CD2 1 
ATOM   314  N  N   . GLU A 1 41  ? -5.209  -8.106  13.295  1.00 15.62 ? 41  GLU A N   1 
ATOM   315  C  CA  . GLU A 1 41  ? -6.527  -8.375  13.829  1.00 19.26 ? 41  GLU A CA  1 
ATOM   316  C  C   . GLU A 1 41  ? -7.645  -7.995  12.876  1.00 17.61 ? 41  GLU A C   1 
ATOM   317  O  O   . GLU A 1 41  ? -8.752  -8.475  13.059  1.00 15.16 ? 41  GLU A O   1 
ATOM   318  C  CB  . GLU A 1 41  ? -6.711  -7.584  15.147  1.00 23.79 ? 41  GLU A CB  1 
ATOM   319  C  CG  . GLU A 1 41  ? -5.607  -8.043  16.137  1.00 32.66 ? 41  GLU A CG  1 
ATOM   320  C  CD  . GLU A 1 41  ? -6.045  -9.398  16.692  1.00 38.50 ? 41  GLU A CD  1 
ATOM   321  O  OE1 . GLU A 1 41  ? -7.093  -9.403  17.386  1.00 40.78 ? 41  GLU A OE1 1 
ATOM   322  O  OE2 . GLU A 1 41  ? -5.348  -10.375 16.354  1.00 40.32 ? 41  GLU A OE2 1 
ATOM   323  N  N   . LYS A 1 42  ? -7.357  -7.168  11.873  1.00 14.73 ? 42  LYS A N   1 
ATOM   324  C  CA  . LYS A 1 42  ? -8.362  -6.807  10.861  1.00 12.27 ? 42  LYS A CA  1 
ATOM   325  C  C   . LYS A 1 42  ? -8.538  -7.889  9.809   1.00 11.07 ? 42  LYS A C   1 
ATOM   326  O  O   . LYS A 1 42  ? -9.471  -7.773  9.025   1.00 12.73 ? 42  LYS A O   1 
ATOM   327  C  CB  . LYS A 1 42  ? -8.021  -5.446  10.220  1.00 13.64 ? 42  LYS A CB  1 
ATOM   328  C  CG  . LYS A 1 42  ? -8.039  -4.285  11.255  1.00 12.65 ? 42  LYS A CG  1 
ATOM   329  C  CD  . LYS A 1 42  ? -9.451  -4.117  11.767  1.00 16.88 ? 42  LYS A CD  1 
ATOM   330  C  CE  . LYS A 1 42  ? -9.633  -3.021  12.787  1.00 20.05 ? 42  LYS A CE  1 
ATOM   331  N  NZ  . LYS A 1 42  ? -11.063 -2.601  12.886  1.00 21.64 ? 42  LYS A NZ  1 
ATOM   332  N  N   . PHE A 1 43  ? -7.663  -8.873  9.691   1.00 7.99  ? 43  PHE A N   1 
ATOM   333  C  CA  . PHE A 1 43  ? -7.764  -9.915  8.662   1.00 12.10 ? 43  PHE A CA  1 
ATOM   334  C  C   . PHE A 1 43  ? -8.138  -11.239 9.339   1.00 12.88 ? 43  PHE A C   1 
ATOM   335  O  O   . PHE A 1 43  ? -7.285  -11.899 9.961   1.00 11.05 ? 43  PHE A O   1 
ATOM   336  C  CB  . PHE A 1 43  ? -6.508  -10.129 7.825   1.00 12.50 ? 43  PHE A CB  1 
ATOM   337  C  CG  . PHE A 1 43  ? -6.073  -8.946  7.001   1.00 12.95 ? 43  PHE A CG  1 
ATOM   338  C  CD1 . PHE A 1 43  ? -5.411  -7.888  7.557   1.00 10.72 ? 43  PHE A CD1 1 
ATOM   339  C  CD2 . PHE A 1 43  ? -6.358  -8.935  5.632   1.00 13.67 ? 43  PHE A CD2 1 
ATOM   340  C  CE1 . PHE A 1 43  ? -5.031  -6.806  6.751   1.00 10.73 ? 43  PHE A CE1 1 
ATOM   341  C  CE2 . PHE A 1 43  ? -5.952  -7.868  4.841   1.00 11.18 ? 43  PHE A CE2 1 
ATOM   342  C  CZ  . PHE A 1 43  ? -5.283  -6.812  5.423   1.00 9.87  ? 43  PHE A CZ  1 
ATOM   343  N  N   . ASP A 1 44  ? -9.442  -11.538 9.255   1.00 13.31 ? 44  ASP A N   1 
ATOM   344  C  CA  . ASP A 1 44  ? -9.897  -12.770 9.913   1.00 16.80 ? 44  ASP A CA  1 
ATOM   345  C  C   . ASP A 1 44  ? -9.268  -13.998 9.251   1.00 12.45 ? 44  ASP A C   1 
ATOM   346  O  O   . ASP A 1 44  ? -9.120  -14.988 9.979   1.00 16.61 ? 44  ASP A O   1 
ATOM   347  C  CB  . ASP A 1 44  ? -11.377 -12.923 10.036  1.00 22.55 ? 44  ASP A CB  1 
ATOM   348  C  CG  . ASP A 1 44  ? -12.096 -12.687 8.723   1.00 30.45 ? 44  ASP A CG  1 
ATOM   349  O  OD1 . ASP A 1 44  ? -11.869 -13.467 7.766   1.00 31.84 ? 44  ASP A OD1 1 
ATOM   350  O  OD2 . ASP A 1 44  ? -12.915 -11.726 8.757   1.00 35.04 ? 44  ASP A OD2 1 
ATOM   351  N  N   . LYS A 1 45  ? -8.864  -13.913 8.024   1.00 11.34 ? 45  LYS A N   1 
ATOM   352  C  CA  . LYS A 1 45  ? -8.244  -15.078 7.399   1.00 12.68 ? 45  LYS A CA  1 
ATOM   353  C  C   . LYS A 1 45  ? -6.774  -15.243 7.755   1.00 11.81 ? 45  LYS A C   1 
ATOM   354  O  O   . LYS A 1 45  ? -6.209  -16.321 7.472   1.00 12.35 ? 45  LYS A O   1 
ATOM   355  C  CB  . LYS A 1 45  ? -8.487  -14.952 5.890   1.00 17.18 ? 45  LYS A CB  1 
ATOM   356  C  CG  . LYS A 1 45  ? -8.063  -13.594 5.335   1.00 22.05 ? 45  LYS A CG  1 
ATOM   357  C  CD  . LYS A 1 45  ? -8.153  -13.768 3.783   1.00 25.77 ? 45  LYS A CD  1 
ATOM   358  C  CE  . LYS A 1 45  ? -7.925  -12.415 3.100   1.00 27.87 ? 45  LYS A CE  1 
ATOM   359  N  NZ  . LYS A 1 45  ? -7.565  -12.678 1.656   1.00 28.83 ? 45  LYS A NZ  1 
ATOM   360  N  N   . PHE A 1 46  ? -6.137  -14.238 8.341   1.00 8.34  ? 46  PHE A N   1 
ATOM   361  C  CA  . PHE A 1 46  ? -4.721  -14.362 8.712   1.00 11.93 ? 46  PHE A CA  1 
ATOM   362  C  C   . PHE A 1 46  ? -4.360  -14.360 10.199  1.00 12.46 ? 46  PHE A C   1 
ATOM   363  O  O   . PHE A 1 46  ? -3.182  -14.457 10.507  1.00 11.86 ? 46  PHE A O   1 
ATOM   364  C  CB  . PHE A 1 46  ? -3.862  -13.226 8.064   1.00 10.32 ? 46  PHE A CB  1 
ATOM   365  C  CG  . PHE A 1 46  ? -3.992  -13.196 6.565   1.00 12.77 ? 46  PHE A CG  1 
ATOM   366  C  CD1 . PHE A 1 46  ? -3.839  -14.350 5.800   1.00 13.35 ? 46  PHE A CD1 1 
ATOM   367  C  CD2 . PHE A 1 46  ? -4.205  -11.994 5.910   1.00 13.59 ? 46  PHE A CD2 1 
ATOM   368  C  CE1 . PHE A 1 46  ? -3.950  -14.299 4.433   1.00 13.34 ? 46  PHE A CE1 1 
ATOM   369  C  CE2 . PHE A 1 46  ? -4.338  -11.945 4.531   1.00 14.45 ? 46  PHE A CE2 1 
ATOM   370  C  CZ  . PHE A 1 46  ? -4.232  -13.080 3.777   1.00 13.71 ? 46  PHE A CZ  1 
ATOM   371  N  N   . LYS A 1 47  ? -5.299  -14.153 11.078  1.00 16.36 ? 47  LYS A N   1 
ATOM   372  C  CA  . LYS A 1 47  ? -5.121  -13.991 12.510  1.00 20.03 ? 47  LYS A CA  1 
ATOM   373  C  C   . LYS A 1 47  ? -4.358  -15.144 13.161  1.00 22.26 ? 47  LYS A C   1 
ATOM   374  O  O   . LYS A 1 47  ? -3.645  -14.939 14.172  1.00 19.97 ? 47  LYS A O   1 
ATOM   375  C  CB  . LYS A 1 47  ? -6.519  -13.914 13.169  1.00 22.57 ? 47  LYS A CB  1 
ATOM   376  C  CG  . LYS A 1 47  ? -7.059  -12.558 13.456  1.00 22.44 ? 47  LYS A CG  1 
ATOM   377  C  CD  . LYS A 1 47  ? -8.442  -12.732 14.161  1.00 22.61 ? 47  LYS A CD  1 
ATOM   378  C  CE  . LYS A 1 47  ? -9.339  -11.582 13.765  1.00 23.78 ? 47  LYS A CE  1 
ATOM   379  N  NZ  . LYS A 1 47  ? -10.765 -11.709 14.101  1.00 21.69 ? 47  LYS A NZ  1 
ATOM   380  N  N   . HIS A 1 48  ? -4.539  -16.314 12.585  1.00 20.82 ? 48  HIS A N   1 
ATOM   381  C  CA  . HIS A 1 48  ? -3.901  -17.545 13.102  1.00 20.10 ? 48  HIS A CA  1 
ATOM   382  C  C   . HIS A 1 48  ? -2.434  -17.648 12.776  1.00 18.98 ? 48  HIS A C   1 
ATOM   383  O  O   . HIS A 1 48  ? -1.830  -18.581 13.331  1.00 19.18 ? 48  HIS A O   1 
ATOM   384  C  CB  . HIS A 1 48  ? -4.669  -18.753 12.498  1.00 19.06 ? 48  HIS A CB  1 
ATOM   385  C  CG  . HIS A 1 48  ? -4.452  -19.090 11.079  1.00 15.39 ? 48  HIS A CG  1 
ATOM   386  N  ND1 . HIS A 1 48  ? -5.003  -18.310 10.086  1.00 17.10 ? 48  HIS A ND1 1 
ATOM   387  C  CD2 . HIS A 1 48  ? -3.753  -20.037 10.442  1.00 15.74 ? 48  HIS A CD2 1 
ATOM   388  C  CE1 . HIS A 1 48  ? -4.639  -18.769 8.882   1.00 13.67 ? 48  HIS A CE1 1 
ATOM   389  N  NE2 . HIS A 1 48  ? -3.856  -19.814 9.075   1.00 16.11 ? 48  HIS A NE2 1 
ATOM   390  N  N   . LEU A 1 49  ? -1.897  -16.783 11.928  1.00 14.96 ? 49  LEU A N   1 
ATOM   391  C  CA  . LEU A 1 49  ? -0.469  -16.865 11.505  1.00 14.55 ? 49  LEU A CA  1 
ATOM   392  C  C   . LEU A 1 49  ? 0.313   -16.150 12.610  1.00 15.57 ? 49  LEU A C   1 
ATOM   393  O  O   . LEU A 1 49  ? -0.002  -14.967 12.837  1.00 18.73 ? 49  LEU A O   1 
ATOM   394  C  CB  . LEU A 1 49  ? -0.242  -16.119 10.169  1.00 12.76 ? 49  LEU A CB  1 
ATOM   395  C  CG  . LEU A 1 49  ? -0.972  -16.676 8.927   1.00 12.20 ? 49  LEU A CG  1 
ATOM   396  C  CD1 . LEU A 1 49  ? -0.885  -15.739 7.743   1.00 12.18 ? 49  LEU A CD1 1 
ATOM   397  C  CD2 . LEU A 1 49  ? -0.491  -18.062 8.587   1.00 12.75 ? 49  LEU A CD2 1 
ATOM   398  N  N   . LYS A 1 50  ? 1.178   -16.797 13.334  1.00 12.64 ? 50  LYS A N   1 
ATOM   399  C  CA  . LYS A 1 50  ? 1.783   -16.089 14.474  1.00 16.87 ? 50  LYS A CA  1 
ATOM   400  C  C   . LYS A 1 50  ? 3.235   -15.773 14.283  1.00 17.21 ? 50  LYS A C   1 
ATOM   401  O  O   . LYS A 1 50  ? 3.670   -14.837 15.037  1.00 21.06 ? 50  LYS A O   1 
ATOM   402  C  CB  . LYS A 1 50  ? 1.616   -16.795 15.806  1.00 19.93 ? 50  LYS A CB  1 
ATOM   403  C  CG  . LYS A 1 50  ? 0.487   -17.744 16.083  1.00 23.76 ? 50  LYS A CG  1 
ATOM   404  C  CD  . LYS A 1 50  ? 1.150   -19.120 16.018  1.00 31.96 ? 50  LYS A CD  1 
ATOM   405  C  CE  . LYS A 1 50  ? 0.587   -20.241 16.908  1.00 34.00 ? 50  LYS A CE  1 
ATOM   406  N  NZ  . LYS A 1 50  ? 0.797   -21.558 16.148  1.00 36.36 ? 50  LYS A NZ  1 
ATOM   407  N  N   . THR A 1 51  ? 3.896   -16.510 13.399  1.00 10.74 ? 51  THR A N   1 
ATOM   408  C  CA  . THR A 1 51  ? 5.341   -16.188 13.311  1.00 9.33  ? 51  THR A CA  1 
ATOM   409  C  C   . THR A 1 51  ? 5.656   -15.690 11.948  1.00 11.22 ? 51  THR A C   1 
ATOM   410  O  O   . THR A 1 51  ? 4.830   -15.872 11.046  1.00 9.07  ? 51  THR A O   1 
ATOM   411  C  CB  . THR A 1 51  ? 6.138   -17.448 13.659  1.00 9.94  ? 51  THR A CB  1 
ATOM   412  O  OG1 . THR A 1 51  ? 6.023   -18.359 12.563  1.00 11.03 ? 51  THR A OG1 1 
ATOM   413  C  CG2 . THR A 1 51  ? 5.718   -18.177 14.921  1.00 10.59 ? 51  THR A CG2 1 
ATOM   414  N  N   . GLU A 1 52  ? 6.800   -15.110 11.739  1.00 10.42 ? 52  GLU A N   1 
ATOM   415  C  CA  . GLU A 1 52  ? 7.309   -14.654 10.478  1.00 9.88  ? 52  GLU A CA  1 
ATOM   416  C  C   . GLU A 1 52  ? 7.405   -15.817 9.519   1.00 10.13 ? 52  GLU A C   1 
ATOM   417  O  O   . GLU A 1 52  ? 7.020   -15.705 8.349   1.00 8.68  ? 52  GLU A O   1 
ATOM   418  C  CB  . GLU A 1 52  ? 8.663   -13.963 10.678  1.00 12.05 ? 52  GLU A CB  1 
ATOM   419  C  CG  . GLU A 1 52  ? 9.086   -13.247 9.408   1.00 15.28 ? 52  GLU A CG  1 
ATOM   420  C  CD  . GLU A 1 52  ? 10.301  -12.327 9.632   1.00 15.53 ? 52  GLU A CD  1 
ATOM   421  O  OE1 . GLU A 1 52  ? 10.459  -11.816 10.743  1.00 18.41 ? 52  GLU A OE1 1 
ATOM   422  O  OE2 . GLU A 1 52  ? 11.029  -12.190 8.632   1.00 22.25 ? 52  GLU A OE2 1 
ATOM   423  N  N   . GLY A 1 53  ? 7.880   -16.974 9.994   1.00 9.68  ? 53  GLY A N   1 
ATOM   424  C  CA  . GLY A 1 53  ? 7.950   -18.152 9.117   1.00 8.34  ? 53  GLY A CA  1 
ATOM   425  C  C   . GLY A 1 53  ? 6.589   -18.606 8.586   1.00 8.37  ? 53  GLY A C   1 
ATOM   426  O  O   . GLY A 1 53  ? 6.482   -19.116 7.475   1.00 9.71  ? 53  GLY A O   1 
ATOM   427  N  N   . GLU A 1 54  ? 5.558   -18.564 9.374   1.00 7.75  ? 54  GLU A N   1 
ATOM   428  C  CA  . GLU A 1 54  ? 4.209   -18.990 8.988   1.00 8.50  ? 54  GLU A CA  1 
ATOM   429  C  C   . GLU A 1 54  ? 3.668   -17.980 7.935   1.00 10.99 ? 54  GLU A C   1 
ATOM   430  O  O   . GLU A 1 54  ? 3.014   -18.407 6.976   1.00 10.80 ? 54  GLU A O   1 
ATOM   431  C  CB  . GLU A 1 54  ? 3.261   -19.059 10.167  1.00 8.52  ? 54  GLU A CB  1 
ATOM   432  C  CG  . GLU A 1 54  ? 3.528   -20.233 11.063  1.00 10.13 ? 54  GLU A CG  1 
ATOM   433  C  CD  . GLU A 1 54  ? 2.591   -20.235 12.243  1.00 15.20 ? 54  GLU A CD  1 
ATOM   434  O  OE1 . GLU A 1 54  ? 2.326   -19.172 12.761  1.00 17.39 ? 54  GLU A OE1 1 
ATOM   435  O  OE2 . GLU A 1 54  ? 2.185   -21.302 12.728  1.00 19.36 ? 54  GLU A OE2 1 
ATOM   436  N  N   . MET A 1 55  ? 3.962   -16.695 8.143   1.00 8.34  ? 55  MET A N   1 
ATOM   437  C  CA  . MET A 1 55  ? 3.522   -15.698 7.184   1.00 7.14  ? 55  MET A CA  1 
ATOM   438  C  C   . MET A 1 55  ? 4.220   -15.895 5.839   1.00 10.00 ? 55  MET A C   1 
ATOM   439  O  O   . MET A 1 55  ? 3.566   -15.877 4.806   1.00 10.59 ? 55  MET A O   1 
ATOM   440  C  CB  . MET A 1 55  ? 3.846   -14.285 7.684   1.00 7.13  ? 55  MET A CB  1 
ATOM   441  C  CG  . MET A 1 55  ? 3.024   -13.838 8.874   1.00 10.26 ? 55  MET A CG  1 
ATOM   442  S  SD  . MET A 1 55  ? 3.613   -12.344 9.607   1.00 14.90 ? 55  MET A SD  1 
ATOM   443  C  CE  . MET A 1 55  ? 2.966   -12.454 11.259  1.00 18.18 ? 55  MET A CE  1 
ATOM   444  N  N   . LYS A 1 56  ? 5.540   -16.114 5.881   1.00 8.98  ? 56  LYS A N   1 
ATOM   445  C  CA  . LYS A 1 56  ? 6.293   -16.265 4.639   1.00 9.76  ? 56  LYS A CA  1 
ATOM   446  C  C   . LYS A 1 56  ? 5.826   -17.436 3.826   1.00 11.56 ? 56  LYS A C   1 
ATOM   447  O  O   . LYS A 1 56  ? 5.906   -17.461 2.600   1.00 12.09 ? 56  LYS A O   1 
ATOM   448  C  CB  . LYS A 1 56  ? 7.765   -16.409 4.990   1.00 10.68 ? 56  LYS A CB  1 
ATOM   449  C  CG  . LYS A 1 56  ? 8.325   -15.021 5.342   1.00 15.77 ? 56  LYS A CG  1 
ATOM   450  C  CD  . LYS A 1 56  ? 9.822   -15.203 5.330   1.00 21.91 ? 56  LYS A CD  1 
ATOM   451  C  CE  . LYS A 1 56  ? 10.801  -14.126 5.589   1.00 24.21 ? 56  LYS A CE  1 
ATOM   452  N  NZ  . LYS A 1 56  ? 12.192  -14.763 5.480   1.00 27.85 ? 56  LYS A NZ  1 
ATOM   453  N  N   . ALA A 1 57  ? 5.324   -18.450 4.491   1.00 9.06  ? 57  ALA A N   1 
ATOM   454  C  CA  . ALA A 1 57  ? 4.880   -19.672 3.865   1.00 13.66 ? 57  ALA A CA  1 
ATOM   455  C  C   . ALA A 1 57  ? 3.442   -19.643 3.393   1.00 12.05 ? 57  ALA A C   1 
ATOM   456  O  O   . ALA A 1 57  ? 3.008   -20.684 2.860   1.00 14.51 ? 57  ALA A O   1 
ATOM   457  C  CB  . ALA A 1 57  ? 4.998   -20.851 4.909   1.00 12.64 ? 57  ALA A CB  1 
ATOM   458  N  N   . SER A 1 58  ? 2.731   -18.571 3.665   1.00 11.43 ? 58  SER A N   1 
ATOM   459  C  CA  . SER A 1 58  ? 1.315   -18.555 3.340   1.00 10.40 ? 58  SER A CA  1 
ATOM   460  C  C   . SER A 1 58  ? 1.064   -18.086 1.929   1.00 10.91 ? 58  SER A C   1 
ATOM   461  O  O   . SER A 1 58  ? 1.322   -16.939 1.617   1.00 9.91  ? 58  SER A O   1 
ATOM   462  C  CB  . SER A 1 58  ? 0.592   -17.621 4.265   1.00 12.85 ? 58  SER A CB  1 
ATOM   463  O  OG  . SER A 1 58  ? -0.750  -17.462 3.855   1.00 12.29 ? 58  SER A OG  1 
ATOM   464  N  N   . GLU A 1 59  ? 0.526   -19.027 1.142   1.00 12.58 ? 59  GLU A N   1 
ATOM   465  C  CA  . GLU A 1 59  ? 0.202   -18.608 -0.260  1.00 14.88 ? 59  GLU A CA  1 
ATOM   466  C  C   . GLU A 1 59  ? -0.977  -17.638 -0.242  1.00 14.06 ? 59  GLU A C   1 
ATOM   467  O  O   . GLU A 1 59  ? -1.100  -16.767 -1.121  1.00 12.51 ? 59  GLU A O   1 
ATOM   468  C  CB  . GLU A 1 59  ? -0.074  -19.823 -1.155  1.00 16.70 ? 59  GLU A CB  1 
ATOM   469  C  CG  . GLU A 1 59  ? 1.270   -20.537 -1.488  1.00 26.86 ? 59  GLU A CG  1 
ATOM   470  C  CD  . GLU A 1 59  ? 1.559   -20.363 -2.977  1.00 33.31 ? 59  GLU A CD  1 
ATOM   471  O  OE1 . GLU A 1 59  ? 0.716   -20.883 -3.783  1.00 37.16 ? 59  GLU A OE1 1 
ATOM   472  O  OE2 . GLU A 1 59  ? 2.553   -19.669 -3.267  1.00 34.95 ? 59  GLU A OE2 1 
ATOM   473  N  N   . ASP A 1 60  ? -1.871  -17.806 0.725   1.00 12.04 ? 60  ASP A N   1 
ATOM   474  C  CA  . ASP A 1 60  ? -3.009  -16.890 0.879   1.00 12.48 ? 60  ASP A CA  1 
ATOM   475  C  C   . ASP A 1 60  ? -2.543  -15.485 1.146   1.00 11.80 ? 60  ASP A C   1 
ATOM   476  O  O   . ASP A 1 60  ? -3.047  -14.505 0.581   1.00 10.66 ? 60  ASP A O   1 
ATOM   477  C  CB  . ASP A 1 60  ? -3.816  -17.391 2.075   1.00 21.30 ? 60  ASP A CB  1 
ATOM   478  C  CG  . ASP A 1 60  ? -5.157  -17.903 1.551   1.00 30.22 ? 60  ASP A CG  1 
ATOM   479  O  OD1 . ASP A 1 60  ? -5.986  -16.978 1.294   1.00 34.83 ? 60  ASP A OD1 1 
ATOM   480  O  OD2 . ASP A 1 60  ? -5.273  -19.131 1.369   1.00 30.73 ? 60  ASP A OD2 1 
ATOM   481  N  N   . LEU A 1 61  ? -1.546  -15.346 2.026   1.00 8.14  ? 61  LEU A N   1 
ATOM   482  C  CA  . LEU A 1 61  ? -0.938  -14.035 2.300   1.00 8.39  ? 61  LEU A CA  1 
ATOM   483  C  C   . LEU A 1 61  ? -0.245  -13.438 1.089   1.00 8.41  ? 61  LEU A C   1 
ATOM   484  O  O   . LEU A 1 61  ? -0.401  -12.232 0.831   1.00 7.26  ? 61  LEU A O   1 
ATOM   485  C  CB  . LEU A 1 61  ? -0.009  -14.058 3.519   1.00 10.50 ? 61  LEU A CB  1 
ATOM   486  C  CG  . LEU A 1 61  ? 0.466   -12.626 3.958   1.00 10.16 ? 61  LEU A CG  1 
ATOM   487  C  CD1 . LEU A 1 61  ? -0.697  -11.734 4.419   1.00 8.64  ? 61  LEU A CD1 1 
ATOM   488  C  CD2 . LEU A 1 61  ? 1.425   -12.813 5.102   1.00 8.82  ? 61  LEU A CD2 1 
ATOM   489  N  N   . LYS A 1 62  ? 0.485   -14.200 0.312   1.00 8.11  ? 62  LYS A N   1 
ATOM   490  C  CA  . LYS A 1 62  ? 1.070   -13.739 -0.918  1.00 9.52  ? 62  LYS A CA  1 
ATOM   491  C  C   . LYS A 1 62  ? -0.068  -13.276 -1.874  1.00 9.74  ? 62  LYS A C   1 
ATOM   492  O  O   . LYS A 1 62  ? 0.122   -12.265 -2.541  1.00 9.57  ? 62  LYS A O   1 
ATOM   493  C  CB  . LYS A 1 62  ? 1.848   -14.873 -1.568  1.00 11.88 ? 62  LYS A CB  1 
ATOM   494  C  CG  . LYS A 1 62  ? 2.660   -14.412 -2.794  1.00 15.11 ? 62  LYS A CG  1 
ATOM   495  C  CD  . LYS A 1 62  ? 3.801   -15.451 -2.929  1.00 20.60 ? 62  LYS A CD  1 
ATOM   496  C  CE  . LYS A 1 62  ? 3.206   -16.661 -3.643  1.00 23.69 ? 62  LYS A CE  1 
ATOM   497  N  NZ  . LYS A 1 62  ? 4.403   -17.391 -4.222  1.00 30.83 ? 62  LYS A NZ  1 
ATOM   498  N  N   . LYS A 1 63  ? -1.170  -13.994 -1.974  1.00 8.32  ? 63  LYS A N   1 
ATOM   499  C  CA  . LYS A 1 63  ? -2.261  -13.586 -2.880  1.00 10.48 ? 63  LYS A CA  1 
ATOM   500  C  C   . LYS A 1 63  ? -2.822  -12.242 -2.458  1.00 9.65  ? 63  LYS A C   1 
ATOM   501  O  O   . LYS A 1 63  ? -3.163  -11.434 -3.323  1.00 9.36  ? 63  LYS A O   1 
ATOM   502  C  CB  . LYS A 1 63  ? -3.357  -14.613 -2.866  1.00 14.36 ? 63  LYS A CB  1 
ATOM   503  C  CG  . LYS A 1 63  ? -3.060  -15.897 -3.688  1.00 22.65 ? 63  LYS A CG  1 
ATOM   504  C  CD  . LYS A 1 63  ? -4.255  -16.808 -3.330  1.00 26.49 ? 63  LYS A CD  1 
ATOM   505  C  CE  . LYS A 1 63  ? -3.963  -18.268 -3.555  1.00 31.52 ? 63  LYS A CE  1 
ATOM   506  N  NZ  . LYS A 1 63  ? -5.297  -19.027 -3.494  1.00 36.18 ? 63  LYS A NZ  1 
ATOM   507  N  N   . GLN A 1 64  ? -2.917  -12.025 -1.132  1.00 9.17  ? 64  GLN A N   1 
ATOM   508  C  CA  . GLN A 1 64  ? -3.397  -10.709 -0.647  1.00 8.76  ? 64  GLN A CA  1 
ATOM   509  C  C   . GLN A 1 64  ? -2.456  -9.575  -1.066  1.00 8.04  ? 64  GLN A C   1 
ATOM   510  O  O   . GLN A 1 64  ? -2.857  -8.441  -1.454  1.00 6.57  ? 64  GLN A O   1 
ATOM   511  C  CB  . GLN A 1 64  ? -3.647  -10.721 0.868   1.00 6.65  ? 64  GLN A CB  1 
ATOM   512  C  CG  . GLN A 1 64  ? -4.347  -9.411  1.222   1.00 9.63  ? 64  GLN A CG  1 
ATOM   513  C  CD  . GLN A 1 64  ? -5.798  -9.448  0.863   1.00 15.18 ? 64  GLN A CD  1 
ATOM   514  O  OE1 . GLN A 1 64  ? -6.337  -10.534 0.660   1.00 20.00 ? 64  GLN A OE1 1 
ATOM   515  N  NE2 . GLN A 1 64  ? -6.523  -8.349  0.786   1.00 15.88 ? 64  GLN A NE2 1 
ATOM   516  N  N   . GLY A 1 65  ? -1.155  -9.806  -1.043  1.00 7.61  ? 65  GLY A N   1 
ATOM   517  C  CA  . GLY A 1 65  ? -0.114  -8.889  -1.447  1.00 5.80  ? 65  GLY A CA  1 
ATOM   518  C  C   . GLY A 1 65  ? -0.246  -8.483  -2.921  1.00 7.19  ? 65  GLY A C   1 
ATOM   519  O  O   . GLY A 1 65  ? -0.175  -7.322  -3.272  1.00 6.81  ? 65  GLY A O   1 
ATOM   520  N  N   . VAL A 1 66  ? -0.520  -9.476  -3.740  1.00 6.75  ? 66  VAL A N   1 
ATOM   521  C  CA  . VAL A 1 66  ? -0.820  -9.282  -5.164  1.00 6.61  ? 66  VAL A CA  1 
ATOM   522  C  C   . VAL A 1 66  ? -2.070  -8.429  -5.332  1.00 6.78  ? 66  VAL A C   1 
ATOM   523  O  O   . VAL A 1 66  ? -2.059  -7.492  -6.138  1.00 8.53  ? 66  VAL A O   1 
ATOM   524  C  CB  . VAL A 1 66  ? -0.970  -10.620 -5.918  1.00 8.36  ? 66  VAL A CB  1 
ATOM   525  C  CG1 . VAL A 1 66  ? -1.407  -10.357 -7.351  1.00 7.96  ? 66  VAL A CG1 1 
ATOM   526  C  CG2 . VAL A 1 66  ? 0.376   -11.371 -5.856  1.00 9.90  ? 66  VAL A CG2 1 
ATOM   527  N  N   . THR A 1 67  ? -3.113  -8.672  -4.583  1.00 6.22  ? 67  THR A N   1 
ATOM   528  C  CA  . THR A 1 67  ? -4.315  -7.882  -4.672  1.00 7.59  ? 67  THR A CA  1 
ATOM   529  C  C   . THR A 1 67  ? -4.053  -6.443  -4.369  1.00 8.00  ? 67  THR A C   1 
ATOM   530  O  O   . THR A 1 67  ? -4.524  -5.535  -5.081  1.00 7.87  ? 67  THR A O   1 
ATOM   531  C  CB  . THR A 1 67  ? -5.386  -8.409  -3.676  1.00 10.38 ? 67  THR A CB  1 
ATOM   532  O  OG1 . THR A 1 67  ? -5.721  -9.707  -4.162  1.00 12.51 ? 67  THR A OG1 1 
ATOM   533  C  CG2 . THR A 1 67  ? -6.609  -7.536  -3.670  1.00 11.71 ? 67  THR A CG2 1 
ATOM   534  N  N   . VAL A 1 68  ? -3.382  -6.242  -3.256  1.00 7.47  ? 68  VAL A N   1 
ATOM   535  C  CA  . VAL A 1 68  ? -3.099  -4.824  -2.862  1.00 7.38  ? 68  VAL A CA  1 
ATOM   536  C  C   . VAL A 1 68  ? -2.221  -4.133  -3.878  1.00 8.63  ? 68  VAL A C   1 
ATOM   537  O  O   . VAL A 1 68  ? -2.580  -3.007  -4.223  1.00 8.59  ? 68  VAL A O   1 
ATOM   538  C  CB  . VAL A 1 68  ? -2.421  -4.818  -1.456  1.00 9.37  ? 68  VAL A CB  1 
ATOM   539  C  CG1 . VAL A 1 68  ? -1.844  -3.481  -1.196  1.00 10.04 ? 68  VAL A CG1 1 
ATOM   540  C  CG2 . VAL A 1 68  ? -3.453  -5.187  -0.388  1.00 10.26 ? 68  VAL A CG2 1 
ATOM   541  N  N   . LEU A 1 69  ? -1.082  -4.716  -4.251  1.00 7.39  ? 69  LEU A N   1 
ATOM   542  C  CA  . LEU A 1 69  ? -0.203  -3.959  -5.194  1.00 7.49  ? 69  LEU A CA  1 
ATOM   543  C  C   . LEU A 1 69  ? -0.814  -3.818  -6.559  1.00 8.71  ? 69  LEU A C   1 
ATOM   544  O  O   . LEU A 1 69  ? -0.502  -2.826  -7.225  1.00 10.22 ? 69  LEU A O   1 
ATOM   545  C  CB  . LEU A 1 69  ? 1.153   -4.638  -5.184  1.00 8.64  ? 69  LEU A CB  1 
ATOM   546  C  CG  . LEU A 1 69  ? 1.921   -4.644  -3.826  1.00 9.35  ? 69  LEU A CG  1 
ATOM   547  C  CD1 . LEU A 1 69  ? 3.283   -5.344  -4.058  1.00 10.21 ? 69  LEU A CD1 1 
ATOM   548  C  CD2 . LEU A 1 69  ? 2.115   -3.274  -3.272  1.00 10.93 ? 69  LEU A CD2 1 
ATOM   549  N  N   . THR A 1 70  ? -1.617  -4.812  -6.989  1.00 6.48  ? 70  THR A N   1 
ATOM   550  C  CA  . THR A 1 70  ? -2.317  -4.690  -8.279  1.00 10.39 ? 70  THR A CA  1 
ATOM   551  C  C   . THR A 1 70  ? -3.254  -3.476  -8.275  1.00 10.32 ? 70  THR A C   1 
ATOM   552  O  O   . THR A 1 70  ? -3.280  -2.596  -9.137  1.00 8.77  ? 70  THR A O   1 
ATOM   553  C  CB  . THR A 1 70  ? -3.086  -6.016  -8.530  1.00 14.64 ? 70  THR A CB  1 
ATOM   554  O  OG1 . THR A 1 70  ? -2.067  -7.002  -8.803  1.00 15.85 ? 70  THR A OG1 1 
ATOM   555  C  CG2 . THR A 1 70  ? -3.897  -5.871  -9.833  1.00 19.37 ? 70  THR A CG2 1 
ATOM   556  N  N   . ALA A 1 71  ? -4.081  -3.310  -7.274  1.00 9.78  ? 71  ALA A N   1 
ATOM   557  C  CA  . ALA A 1 71  ? -4.988  -2.173  -7.073  1.00 9.77  ? 71  ALA A CA  1 
ATOM   558  C  C   . ALA A 1 71  ? -4.207  -0.881  -6.983  1.00 11.21 ? 71  ALA A C   1 
ATOM   559  O  O   . ALA A 1 71  ? -4.550  0.110   -7.668  1.00 9.46  ? 71  ALA A O   1 
ATOM   560  C  CB  . ALA A 1 71  ? -5.846  -2.388  -5.806  1.00 9.41  ? 71  ALA A CB  1 
ATOM   561  N  N   . LEU A 1 72  ? -3.137  -0.820  -6.185  1.00 8.33  ? 72  LEU A N   1 
ATOM   562  C  CA  . LEU A 1 72  ? -2.399  0.437   -6.019  1.00 7.66  ? 72  LEU A CA  1 
ATOM   563  C  C   . LEU A 1 72  ? -1.744  0.842   -7.312  1.00 7.69  ? 72  LEU A C   1 
ATOM   564  O  O   . LEU A 1 72  ? -1.699  2.031   -7.686  1.00 8.17  ? 72  LEU A O   1 
ATOM   565  C  CB  . LEU A 1 72  ? -1.348  0.196   -4.897  1.00 9.25  ? 72  LEU A CB  1 
ATOM   566  C  CG  . LEU A 1 72  ? -0.580  1.448   -4.504  1.00 12.32 ? 72  LEU A CG  1 
ATOM   567  C  CD1 . LEU A 1 72  ? -1.535  2.523   -4.060  1.00 10.60 ? 72  LEU A CD1 1 
ATOM   568  C  CD2 . LEU A 1 72  ? 0.456   1.058   -3.420  1.00 14.21 ? 72  LEU A CD2 1 
ATOM   569  N  N   . GLY A 1 73  ? -1.198  -0.163  -8.011  1.00 8.22  ? 73  GLY A N   1 
ATOM   570  C  CA  . GLY A 1 73  ? -0.531  0.131   -9.295  1.00 10.93 ? 73  GLY A CA  1 
ATOM   571  C  C   . GLY A 1 73  ? -1.511  0.798   -10.256 1.00 11.17 ? 73  GLY A C   1 
ATOM   572  O  O   . GLY A 1 73  ? -1.115  1.760   -10.915 1.00 10.53 ? 73  GLY A O   1 
ATOM   573  N  N   . GLY A 1 74  ? -2.706  0.244   -10.332 1.00 11.86 ? 74  GLY A N   1 
ATOM   574  C  CA  . GLY A 1 74  ? -3.777  0.766   -11.212 1.00 13.18 ? 74  GLY A CA  1 
ATOM   575  C  C   . GLY A 1 74  ? -4.052  2.221   -10.883 1.00 14.93 ? 74  GLY A C   1 
ATOM   576  O  O   . GLY A 1 74  ? -4.120  3.102   -11.771 1.00 16.13 ? 74  GLY A O   1 
ATOM   577  N  N   . ILE A 1 75  ? -4.166  2.556   -9.614  1.00 12.35 ? 75  ILE A N   1 
ATOM   578  C  CA  . ILE A 1 75  ? -4.307  3.956   -9.155  1.00 12.41 ? 75  ILE A CA  1 
ATOM   579  C  C   . ILE A 1 75  ? -3.120  4.831   -9.499  1.00 10.06 ? 75  ILE A C   1 
ATOM   580  O  O   . ILE A 1 75  ? -3.320  5.956   -9.968  1.00 12.01 ? 75  ILE A O   1 
ATOM   581  C  CB  . ILE A 1 75  ? -4.597  3.945   -7.617  1.00 13.12 ? 75  ILE A CB  1 
ATOM   582  C  CG1 . ILE A 1 75  ? -5.991  3.374   -7.398  1.00 14.24 ? 75  ILE A CG1 1 
ATOM   583  C  CG2 . ILE A 1 75  ? -4.398  5.293   -6.977  1.00 14.45 ? 75  ILE A CG2 1 
ATOM   584  C  CD1 . ILE A 1 75  ? -6.302  2.838   -6.013  1.00 18.07 ? 75  ILE A CD1 1 
ATOM   585  N  N   . LEU A 1 76  ? -1.873  4.462   -9.247  1.00 9.32  ? 76  LEU A N   1 
ATOM   586  C  CA  . LEU A 1 76  ? -0.700  5.296   -9.481  1.00 8.99  ? 76  LEU A CA  1 
ATOM   587  C  C   . LEU A 1 76  ? -0.570  5.599   -11.002 1.00 11.75 ? 76  LEU A C   1 
ATOM   588  O  O   . LEU A 1 76  ? -0.143  6.695   -11.337 1.00 12.19 ? 76  LEU A O   1 
ATOM   589  C  CB  . LEU A 1 76  ? 0.610   4.676   -8.998  1.00 10.29 ? 76  LEU A CB  1 
ATOM   590  C  CG  . LEU A 1 76  ? 0.739   4.419   -7.475  1.00 12.46 ? 76  LEU A CG  1 
ATOM   591  C  CD1 . LEU A 1 76  ? 1.978   3.581   -7.165  1.00 11.63 ? 76  LEU A CD1 1 
ATOM   592  C  CD2 . LEU A 1 76  ? 0.791   5.703   -6.707  1.00 14.25 ? 76  LEU A CD2 1 
ATOM   593  N  N   . LYS A 1 77  ? -1.025  4.636   -11.807 1.00 11.43 ? 77  LYS A N   1 
ATOM   594  C  CA  . LYS A 1 77  ? -0.986  4.792   -13.258 1.00 12.21 ? 77  LYS A CA  1 
ATOM   595  C  C   . LYS A 1 77  ? -1.937  5.893   -13.662 1.00 14.71 ? 77  LYS A C   1 
ATOM   596  O  O   . LYS A 1 77  ? -1.666  6.446   -14.751 1.00 17.57 ? 77  LYS A O   1 
ATOM   597  C  CB  . LYS A 1 77  ? -1.171  3.519   -14.036 1.00 11.94 ? 77  LYS A CB  1 
ATOM   598  C  CG  . LYS A 1 77  ? 0.121   2.700   -13.897 1.00 12.05 ? 77  LYS A CG  1 
ATOM   599  C  CD  . LYS A 1 77  ? -0.076  1.298   -14.352 1.00 15.63 ? 77  LYS A CD  1 
ATOM   600  C  CE  . LYS A 1 77  ? 1.210   0.495   -14.111 1.00 14.28 ? 77  LYS A CE  1 
ATOM   601  N  NZ  . LYS A 1 77  ? 0.889   -0.891  -14.545 1.00 17.65 ? 77  LYS A NZ  1 
ATOM   602  N  N   . LYS A 1 78  ? -2.900  6.259   -12.845 1.00 12.96 ? 78  LYS A N   1 
ATOM   603  C  CA  . LYS A 1 78  ? -3.779  7.378   -13.186 1.00 14.27 ? 78  LYS A CA  1 
ATOM   604  C  C   . LYS A 1 78  ? -3.149  8.744   -12.936 1.00 15.84 ? 78  LYS A C   1 
ATOM   605  O  O   . LYS A 1 78  ? -3.792  9.778   -13.283 1.00 16.61 ? 78  LYS A O   1 
ATOM   606  C  CB  . LYS A 1 78  ? -5.083  7.392   -12.394 1.00 13.90 ? 78  LYS A CB  1 
ATOM   607  C  CG  . LYS A 1 78  ? -5.874  6.120   -12.459 1.00 18.16 ? 78  LYS A CG  1 
ATOM   608  C  CD  . LYS A 1 78  ? -6.336  5.802   -13.852 1.00 20.76 ? 78  LYS A CD  1 
ATOM   609  C  CE  . LYS A 1 78  ? -6.890  7.078   -14.483 1.00 29.55 ? 78  LYS A CE  1 
ATOM   610  N  NZ  . LYS A 1 78  ? -8.240  7.461   -13.900 1.00 31.01 ? 78  LYS A NZ  1 
ATOM   611  N  N   . LYS A 1 79  ? -1.987  8.771   -12.318 1.00 13.88 ? 79  LYS A N   1 
ATOM   612  C  CA  . LYS A 1 79  ? -1.368  10.058  -12.074 1.00 14.67 ? 79  LYS A CA  1 
ATOM   613  C  C   . LYS A 1 79  ? -2.266  11.082  -11.459 1.00 15.18 ? 79  LYS A C   1 
ATOM   614  O  O   . LYS A 1 79  ? -2.266  12.276  -11.845 1.00 14.80 ? 79  LYS A O   1 
ATOM   615  C  CB  . LYS A 1 79  ? -0.742  10.520  -13.408 1.00 15.96 ? 79  LYS A CB  1 
ATOM   616  C  CG  . LYS A 1 79  ? 0.481   9.630   -13.655 1.00 19.58 ? 79  LYS A CG  1 
ATOM   617  C  CD  . LYS A 1 79  ? 0.998   9.649   -15.047 1.00 23.56 ? 79  LYS A CD  1 
ATOM   618  C  CE  . LYS A 1 79  ? 1.308   11.021  -15.588 1.00 27.31 ? 79  LYS A CE  1 
ATOM   619  N  NZ  . LYS A 1 79  ? 1.770   10.853  -17.024 1.00 31.88 ? 79  LYS A NZ  1 
ATOM   620  N  N   . GLY A 1 80  ? -2.973  10.692  -10.400 1.00 13.92 ? 80  GLY A N   1 
ATOM   621  C  CA  . GLY A 1 80  ? -3.804  11.702  -9.705  1.00 16.70 ? 80  GLY A CA  1 
ATOM   622  C  C   . GLY A 1 80  ? -5.256  11.750  -10.116 1.00 16.08 ? 80  GLY A C   1 
ATOM   623  O  O   . GLY A 1 80  ? -6.057  12.185  -9.285  1.00 18.45 ? 80  GLY A O   1 
ATOM   624  N  N   . HIS A 1 81  ? -5.603  11.293  -11.291 1.00 14.99 ? 81  HIS A N   1 
ATOM   625  C  CA  . HIS A 1 81  ? -7.016  11.305  -11.729 1.00 17.44 ? 81  HIS A CA  1 
ATOM   626  C  C   . HIS A 1 81  ? -7.644  9.981   -11.347 1.00 12.49 ? 81  HIS A C   1 
ATOM   627  O  O   . HIS A 1 81  ? -7.888  9.158   -12.220 1.00 12.91 ? 81  HIS A O   1 
ATOM   628  C  CB  . HIS A 1 81  ? -7.032  11.491  -13.261 1.00 20.13 ? 81  HIS A CB  1 
ATOM   629  C  CG  . HIS A 1 81  ? -6.458  12.858  -13.557 1.00 26.56 ? 81  HIS A CG  1 
ATOM   630  N  ND1 . HIS A 1 81  ? -6.984  14.000  -12.978 1.00 29.09 ? 81  HIS A ND1 1 
ATOM   631  C  CD2 . HIS A 1 81  ? -5.419  13.247  -14.314 1.00 28.37 ? 81  HIS A CD2 1 
ATOM   632  C  CE1 . HIS A 1 81  ? -6.286  15.045  -13.382 1.00 29.37 ? 81  HIS A CE1 1 
ATOM   633  N  NE2 . HIS A 1 81  ? -5.353  14.622  -14.200 1.00 30.63 ? 81  HIS A NE2 1 
ATOM   634  N  N   . HIS A 1 82  ? -7.723  9.773   -10.026 1.00 12.18 ? 82  HIS A N   1 
ATOM   635  C  CA  . HIS A 1 82  ? -8.170  8.442   -9.587  1.00 13.63 ? 82  HIS A CA  1 
ATOM   636  C  C   . HIS A 1 82  ? -9.423  8.439   -8.798  1.00 15.08 ? 82  HIS A C   1 
ATOM   637  O  O   . HIS A 1 82  ? -9.678  7.483   -8.050  1.00 15.12 ? 82  HIS A O   1 
ATOM   638  C  CB  . HIS A 1 82  ? -7.009  7.811   -8.756  1.00 13.17 ? 82  HIS A CB  1 
ATOM   639  C  CG  . HIS A 1 82  ? -6.634  8.734   -7.637  1.00 12.38 ? 82  HIS A CG  1 
ATOM   640  N  ND1 . HIS A 1 82  ? -5.286  8.927   -7.349  1.00 14.59 ? 82  HIS A ND1 1 
ATOM   641  C  CD2 . HIS A 1 82  ? -7.318  9.521   -6.811  1.00 12.36 ? 82  HIS A CD2 1 
ATOM   642  C  CE1 . HIS A 1 82  ? -5.209  9.795   -6.351  1.00 15.48 ? 82  HIS A CE1 1 
ATOM   643  N  NE2 . HIS A 1 82  ? -6.410  10.184  -5.996  1.00 12.22 ? 82  HIS A NE2 1 
ATOM   644  N  N   . GLU A 1 83  ? -10.219 9.482   -8.958  1.00 19.23 ? 83  GLU A N   1 
ATOM   645  C  CA  . GLU A 1 83  ? -11.499 9.611   -8.216  1.00 22.34 ? 83  GLU A CA  1 
ATOM   646  C  C   . GLU A 1 83  ? -12.341 8.359   -8.287  1.00 22.36 ? 83  GLU A C   1 
ATOM   647  O  O   . GLU A 1 83  ? -12.912 7.904   -7.285  1.00 24.96 ? 83  GLU A O   1 
ATOM   648  C  CB  . GLU A 1 83  ? -12.209 10.890  -8.643  1.00 26.67 ? 83  GLU A CB  1 
ATOM   649  C  CG  . GLU A 1 83  ? -12.881 10.945  -10.021 1.00 31.50 ? 83  GLU A CG  1 
ATOM   650  C  CD  . GLU A 1 83  ? -13.593 12.281  -10.295 1.00 36.24 ? 83  GLU A CD  1 
ATOM   651  O  OE1 . GLU A 1 83  ? -13.546 13.121  -9.323  1.00 36.20 ? 83  GLU A OE1 1 
ATOM   652  O  OE2 . GLU A 1 83  ? -14.170 12.514  -11.408 1.00 32.40 ? 83  GLU A OE2 1 
ATOM   653  N  N   . ALA A 1 84  ? -12.424 7.736   -9.445  1.00 23.13 ? 84  ALA A N   1 
ATOM   654  C  CA  . ALA A 1 84  ? -13.219 6.572   -9.738  1.00 22.61 ? 84  ALA A CA  1 
ATOM   655  C  C   . ALA A 1 84  ? -12.735 5.318   -9.044  1.00 21.82 ? 84  ALA A C   1 
ATOM   656  O  O   . ALA A 1 84  ? -13.573 4.533   -8.590  1.00 19.61 ? 84  ALA A O   1 
ATOM   657  C  CB  . ALA A 1 84  ? -13.314 6.266   -11.247 1.00 22.91 ? 84  ALA A CB  1 
ATOM   658  N  N   . GLU A 1 85  ? -11.422 5.155   -9.054  1.00 22.39 ? 85  GLU A N   1 
ATOM   659  C  CA  . GLU A 1 85  ? -10.816 3.962   -8.453  1.00 23.17 ? 85  GLU A CA  1 
ATOM   660  C  C   . GLU A 1 85  ? -10.725 4.040   -6.961  1.00 23.70 ? 85  GLU A C   1 
ATOM   661  O  O   . GLU A 1 85  ? -10.791 2.992   -6.291  1.00 26.55 ? 85  GLU A O   1 
ATOM   662  C  CB  . GLU A 1 85  ? -9.442  3.704   -9.122  1.00 24.17 ? 85  GLU A CB  1 
ATOM   663  C  CG  . GLU A 1 85  ? -9.616  3.397   -10.594 1.00 26.45 ? 85  GLU A CG  1 
ATOM   664  C  CD  . GLU A 1 85  ? -9.502  4.588   -11.511 1.00 28.62 ? 85  GLU A CD  1 
ATOM   665  O  OE1 . GLU A 1 85  ? -9.632  5.759   -11.097 1.00 29.63 ? 85  GLU A OE1 1 
ATOM   666  O  OE2 . GLU A 1 85  ? -9.233  4.407   -12.725 1.00 30.58 ? 85  GLU A OE2 1 
ATOM   667  N  N   . ILE A 1 86  ? -10.618 5.216   -6.367  1.00 25.11 ? 86  ILE A N   1 
ATOM   668  C  CA  . ILE A 1 86  ? -10.496 5.296   -4.899  1.00 25.24 ? 86  ILE A CA  1 
ATOM   669  C  C   . ILE A 1 86  ? -11.835 5.131   -4.225  1.00 25.40 ? 86  ILE A C   1 
ATOM   670  O  O   . ILE A 1 86  ? -11.920 4.583   -3.116  1.00 22.96 ? 86  ILE A O   1 
ATOM   671  C  CB  . ILE A 1 86  ? -9.755  6.532   -4.376  1.00 27.34 ? 86  ILE A CB  1 
ATOM   672  C  CG1 . ILE A 1 86  ? -10.336 7.820   -4.925  1.00 28.75 ? 86  ILE A CG1 1 
ATOM   673  C  CG2 . ILE A 1 86  ? -8.256  6.517   -4.650  1.00 27.06 ? 86  ILE A CG2 1 
ATOM   674  C  CD1 . ILE A 1 86  ? -11.384 8.402   -4.019  1.00 33.46 ? 86  ILE A CD1 1 
ATOM   675  N  N   . GLN A 1 87  ? -12.896 5.629   -4.841  1.00 25.40 ? 87  GLN A N   1 
ATOM   676  C  CA  . GLN A 1 87  ? -14.232 5.576   -4.218  1.00 26.57 ? 87  GLN A CA  1 
ATOM   677  C  C   . GLN A 1 87  ? -14.629 4.239   -3.662  1.00 22.00 ? 87  GLN A C   1 
ATOM   678  O  O   . GLN A 1 87  ? -14.980 4.184   -2.465  1.00 21.12 ? 87  GLN A O   1 
ATOM   679  C  CB  . GLN A 1 87  ? -15.198 6.166   -5.259  1.00 35.29 ? 87  GLN A CB  1 
ATOM   680  C  CG  . GLN A 1 87  ? -16.560 5.448   -5.275  1.00 44.93 ? 87  GLN A CG  1 
ATOM   681  C  CD  . GLN A 1 87  ? -17.345 5.928   -4.037  1.00 51.30 ? 87  GLN A CD  1 
ATOM   682  O  OE1 . GLN A 1 87  ? -17.404 7.156   -3.829  1.00 54.56 ? 87  GLN A OE1 1 
ATOM   683  N  NE2 . GLN A 1 87  ? -17.879 5.001   -3.246  1.00 53.49 ? 87  GLN A NE2 1 
ATOM   684  N  N   . PRO A 1 88  ? -14.654 3.174   -4.474  1.00 20.12 ? 88  PRO A N   1 
ATOM   685  C  CA  . PRO A 1 88  ? -15.006 1.834   -4.058  1.00 18.71 ? 88  PRO A CA  1 
ATOM   686  C  C   . PRO A 1 88  ? -14.149 1.296   -2.887  1.00 16.04 ? 88  PRO A C   1 
ATOM   687  O  O   . PRO A 1 88  ? -14.622 0.649   -1.940  1.00 14.80 ? 88  PRO A O   1 
ATOM   688  C  CB  . PRO A 1 88  ? -14.870 0.973   -5.286  1.00 19.70 ? 88  PRO A CB  1 
ATOM   689  C  CG  . PRO A 1 88  ? -14.717 1.908   -6.440  1.00 22.33 ? 88  PRO A CG  1 
ATOM   690  C  CD  . PRO A 1 88  ? -14.292 3.241   -5.899  1.00 21.11 ? 88  PRO A CD  1 
ATOM   691  N  N   . LEU A 1 89  ? -12.874 1.583   -2.988  1.00 13.73 ? 89  LEU A N   1 
ATOM   692  C  CA  . LEU A 1 89  ? -11.868 1.214   -1.996  1.00 14.63 ? 89  LEU A CA  1 
ATOM   693  C  C   . LEU A 1 89  ? -12.115 1.924   -0.686  1.00 12.81 ? 89  LEU A C   1 
ATOM   694  O  O   . LEU A 1 89  ? -12.047 1.213   0.304   1.00 12.84 ? 89  LEU A O   1 
ATOM   695  C  CB  . LEU A 1 89  ? -10.493 1.554   -2.562  1.00 18.62 ? 89  LEU A CB  1 
ATOM   696  C  CG  . LEU A 1 89  ? -9.305  0.655   -2.407  1.00 24.00 ? 89  LEU A CG  1 
ATOM   697  C  CD1 . LEU A 1 89  ? -9.648  -0.766  -2.893  1.00 25.02 ? 89  LEU A CD1 1 
ATOM   698  C  CD2 . LEU A 1 89  ? -8.176  1.230   -3.275  1.00 23.82 ? 89  LEU A CD2 1 
ATOM   699  N  N   . ALA A 1 90  ? -12.331 3.221   -0.631  1.00 10.64 ? 90  ALA A N   1 
ATOM   700  C  CA  . ALA A 1 90  ? -12.611 3.886   0.629   1.00 13.55 ? 90  ALA A CA  1 
ATOM   701  C  C   . ALA A 1 90  ? -13.883 3.330   1.269   1.00 15.75 ? 90  ALA A C   1 
ATOM   702  O  O   . ALA A 1 90  ? -14.084 3.170   2.470   1.00 16.03 ? 90  ALA A O   1 
ATOM   703  C  CB  . ALA A 1 90  ? -12.930 5.373   0.374   1.00 17.56 ? 90  ALA A CB  1 
ATOM   704  N  N   . GLN A 1 91  ? -14.823 3.077   0.354   1.00 17.21 ? 91  GLN A N   1 
ATOM   705  C  CA  . GLN A 1 91  ? -16.096 2.539   0.750   1.00 21.65 ? 91  GLN A CA  1 
ATOM   706  C  C   . GLN A 1 91  ? -16.020 1.208   1.455   1.00 18.69 ? 91  GLN A C   1 
ATOM   707  O  O   . GLN A 1 91  ? -16.565 1.107   2.570   1.00 17.50 ? 91  GLN A O   1 
ATOM   708  C  CB  . GLN A 1 91  ? -17.169 2.562   -0.350  1.00 29.16 ? 91  GLN A CB  1 
ATOM   709  C  CG  . GLN A 1 91  ? -18.422 2.916   0.522   1.00 40.35 ? 91  GLN A CG  1 
ATOM   710  C  CD  . GLN A 1 91  ? -19.359 3.903   -0.126  1.00 47.12 ? 91  GLN A CD  1 
ATOM   711  O  OE1 . GLN A 1 91  ? -19.016 4.737   -0.979  1.00 48.92 ? 91  GLN A OE1 1 
ATOM   712  N  NE2 . GLN A 1 91  ? -20.633 3.765   0.313   1.00 50.71 ? 91  GLN A NE2 1 
ATOM   713  N  N   . SER A 1 92  ? -15.362 0.215   0.861   1.00 17.00 ? 92  SER A N   1 
ATOM   714  C  CA  . SER A 1 92  ? -15.184 -1.083  1.508   1.00 14.71 ? 92  SER A CA  1 
ATOM   715  C  C   . SER A 1 92  ? -14.306 -1.010  2.740   1.00 13.21 ? 92  SER A C   1 
ATOM   716  O  O   . SER A 1 92  ? -14.610 -1.671  3.724   1.00 14.86 ? 92  SER A O   1 
ATOM   717  C  CB  . SER A 1 92  ? -14.656 -2.124  0.535   1.00 17.16 ? 92  SER A CB  1 
ATOM   718  O  OG  . SER A 1 92  ? -13.330 -1.939  0.130   1.00 19.87 ? 92  SER A OG  1 
ATOM   719  N  N   . HIS A 1 93  ? -13.221 -0.235  2.682   1.00 13.57 ? 93  HIS A N   1 
ATOM   720  C  CA  . HIS A 1 93  ? -12.269 -0.154  3.850   1.00 10.49 ? 93  HIS A CA  1 
ATOM   721  C  C   . HIS A 1 93  ? -12.842 0.501   5.056   1.00 11.01 ? 93  HIS A C   1 
ATOM   722  O  O   . HIS A 1 93  ? -12.678 0.065   6.187   1.00 12.55 ? 93  HIS A O   1 
ATOM   723  C  CB  . HIS A 1 93  ? -10.906 0.449   3.386   1.00 9.54  ? 93  HIS A CB  1 
ATOM   724  C  CG  . HIS A 1 93  ? -10.114 -0.606  2.676   1.00 10.88 ? 93  HIS A CG  1 
ATOM   725  N  ND1 . HIS A 1 93  ? -10.576 -1.170  1.473   1.00 13.69 ? 93  HIS A ND1 1 
ATOM   726  C  CD2 . HIS A 1 93  ? -8.992  -1.281  2.941   1.00 10.22 ? 93  HIS A CD2 1 
ATOM   727  C  CE1 . HIS A 1 93  ? -9.721  -2.121  1.066   1.00 13.00 ? 93  HIS A CE1 1 
ATOM   728  N  NE2 . HIS A 1 93  ? -8.787  -2.196  1.947   1.00 10.17 ? 93  HIS A NE2 1 
ATOM   729  N  N   . ALA A 1 94  ? -13.633 1.562   4.851   1.00 13.12 ? 94  ALA A N   1 
ATOM   730  C  CA  . ALA A 1 94  ? -14.302 2.287   5.915   1.00 14.59 ? 94  ALA A CA  1 
ATOM   731  C  C   . ALA A 1 94  ? -15.490 1.474   6.458   1.00 14.71 ? 94  ALA A C   1 
ATOM   732  O  O   . ALA A 1 94  ? -15.573 1.334   7.666   1.00 16.14 ? 94  ALA A O   1 
ATOM   733  C  CB  . ALA A 1 94  ? -14.878 3.643   5.441   1.00 14.91 ? 94  ALA A CB  1 
ATOM   734  N  N   . THR A 1 95  ? -16.352 1.051   5.564   1.00 15.21 ? 95  THR A N   1 
ATOM   735  C  CA  . THR A 1 95  ? -17.598 0.426   6.021   1.00 17.09 ? 95  THR A CA  1 
ATOM   736  C  C   . THR A 1 95  ? -17.655 -1.042  6.230   1.00 18.27 ? 95  THR A C   1 
ATOM   737  O  O   . THR A 1 95  ? -18.338 -1.459  7.202   1.00 20.11 ? 95  THR A O   1 
ATOM   738  C  CB  . THR A 1 95  ? -18.797 0.976   5.214   1.00 15.90 ? 95  THR A CB  1 
ATOM   739  O  OG1 . THR A 1 95  ? -18.867 0.487   3.895   1.00 18.37 ? 95  THR A OG1 1 
ATOM   740  C  CG2 . THR A 1 95  ? -18.711 2.485   5.110   1.00 15.85 ? 95  THR A CG2 1 
ATOM   741  N  N   . LYS A 1 96  ? -16.959 -1.869  5.497   1.00 16.86 ? 96  LYS A N   1 
ATOM   742  C  CA  . LYS A 1 96  ? -16.996 -3.319  5.615   1.00 18.07 ? 96  LYS A CA  1 
ATOM   743  C  C   . LYS A 1 96  ? -15.839 -3.844  6.412   1.00 17.84 ? 96  LYS A C   1 
ATOM   744  O  O   . LYS A 1 96  ? -16.033 -4.499  7.412   1.00 20.66 ? 96  LYS A O   1 
ATOM   745  C  CB  . LYS A 1 96  ? -16.977 -3.849  4.206   1.00 22.67 ? 96  LYS A CB  1 
ATOM   746  C  CG  . LYS A 1 96  ? -16.968 -5.370  4.159   1.00 32.51 ? 96  LYS A CG  1 
ATOM   747  C  CD  . LYS A 1 96  ? -17.357 -5.839  2.746   1.00 38.84 ? 96  LYS A CD  1 
ATOM   748  C  CE  . LYS A 1 96  ? -18.115 -4.712  2.009   1.00 44.28 ? 96  LYS A CE  1 
ATOM   749  N  NZ  . LYS A 1 96  ? -19.107 -5.279  1.023   1.00 49.37 ? 96  LYS A NZ  1 
ATOM   750  N  N   . HIS A 1 97  ? -14.614 -3.523  6.010   1.00 16.87 ? 97  HIS A N   1 
ATOM   751  C  CA  . HIS A 1 97  ? -13.394 -3.866  6.679   1.00 13.77 ? 97  HIS A CA  1 
ATOM   752  C  C   . HIS A 1 97  ? -13.134 -3.087  7.945   1.00 14.69 ? 97  HIS A C   1 
ATOM   753  O  O   . HIS A 1 97  ? -12.365 -3.617  8.799   1.00 16.53 ? 97  HIS A O   1 
ATOM   754  C  CB  . HIS A 1 97  ? -12.197 -3.614  5.704   1.00 12.30 ? 97  HIS A CB  1 
ATOM   755  C  CG  . HIS A 1 97  ? -12.500 -4.340  4.424   1.00 11.00 ? 97  HIS A CG  1 
ATOM   756  N  ND1 . HIS A 1 97  ? -13.122 -5.562  4.412   1.00 13.44 ? 97  HIS A ND1 1 
ATOM   757  C  CD2 . HIS A 1 97  ? -12.245 -4.001  3.144   1.00 11.22 ? 97  HIS A CD2 1 
ATOM   758  C  CE1 . HIS A 1 97  ? -13.258 -5.964  3.148   1.00 14.47 ? 97  HIS A CE1 1 
ATOM   759  N  NE2 . HIS A 1 97  ? -12.748 -4.989  2.346   1.00 13.11 ? 97  HIS A NE2 1 
ATOM   760  N  N   . LYS A 1 98  ? -13.566 -1.846  8.083   1.00 15.02 ? 98  LYS A N   1 
ATOM   761  C  CA  . LYS A 1 98  ? -13.363 -1.029  9.273   1.00 15.44 ? 98  LYS A CA  1 
ATOM   762  C  C   . LYS A 1 98  ? -11.931 -0.714  9.626   1.00 15.94 ? 98  LYS A C   1 
ATOM   763  O  O   . LYS A 1 98  ? -11.410 -0.897  10.777  1.00 16.78 ? 98  LYS A O   1 
ATOM   764  C  CB  . LYS A 1 98  ? -14.100 -1.772  10.422  1.00 18.39 ? 98  LYS A CB  1 
ATOM   765  C  CG  . LYS A 1 98  ? -15.593 -1.469  10.208  1.00 26.13 ? 98  LYS A CG  1 
ATOM   766  C  CD  . LYS A 1 98  ? -16.479 -2.520  10.833  1.00 31.46 ? 98  LYS A CD  1 
ATOM   767  C  CE  . LYS A 1 98  ? -17.894 -2.401  10.223  1.00 35.58 ? 98  LYS A CE  1 
ATOM   768  N  NZ  . LYS A 1 98  ? -18.031 -3.401  9.111   1.00 40.45 ? 98  LYS A NZ  1 
ATOM   769  N  N   . ILE A 1 99  ? -11.215 -0.234  8.646   1.00 12.39 ? 99  ILE A N   1 
ATOM   770  C  CA  . ILE A 1 99  ? -9.807  0.114   8.727   1.00 12.31 ? 99  ILE A CA  1 
ATOM   771  C  C   . ILE A 1 99  ? -9.632  1.598   8.986   1.00 13.69 ? 99  ILE A C   1 
ATOM   772  O  O   . ILE A 1 99  ? -10.092 2.425   8.203   1.00 16.07 ? 99  ILE A O   1 
ATOM   773  C  CB  . ILE A 1 99  ? -9.099  -0.215  7.397   1.00 9.71  ? 99  ILE A CB  1 
ATOM   774  C  CG1 . ILE A 1 99  ? -9.385  -1.684  7.016   1.00 13.55 ? 99  ILE A CG1 1 
ATOM   775  C  CG2 . ILE A 1 99  ? -7.650  0.090   7.414   1.00 10.60 ? 99  ILE A CG2 1 
ATOM   776  C  CD1 . ILE A 1 99  ? -9.085  -2.736  8.050   1.00 12.74 ? 99  ILE A CD1 1 
ATOM   777  N  N   . PRO A 1 100 ? -9.021  1.934   10.095  1.00 15.27 ? 100 PRO A N   1 
ATOM   778  C  CA  . PRO A 1 100 ? -8.731  3.335   10.367  1.00 14.51 ? 100 PRO A CA  1 
ATOM   779  C  C   . PRO A 1 100 ? -7.680  3.803   9.340   1.00 15.49 ? 100 PRO A C   1 
ATOM   780  O  O   . PRO A 1 100 ? -6.765  3.107   8.906   1.00 13.32 ? 100 PRO A O   1 
ATOM   781  C  CB  . PRO A 1 100 ? -8.169  3.340   11.766  1.00 16.20 ? 100 PRO A CB  1 
ATOM   782  C  CG  . PRO A 1 100 ? -7.846  1.927   12.094  1.00 18.79 ? 100 PRO A CG  1 
ATOM   783  C  CD  . PRO A 1 100 ? -8.471  1.009   11.110  1.00 14.90 ? 100 PRO A CD  1 
ATOM   784  N  N   . ILE A 1 101 ? -7.801  5.070   9.002   1.00 14.76 ? 101 ILE A N   1 
ATOM   785  C  CA  . ILE A 1 101 ? -6.907  5.767   8.117   1.00 15.24 ? 101 ILE A CA  1 
ATOM   786  C  C   . ILE A 1 101 ? -5.500  5.575   8.592   1.00 13.42 ? 101 ILE A C   1 
ATOM   787  O  O   . ILE A 1 101 ? -4.616  5.384   7.745   1.00 13.48 ? 101 ILE A O   1 
ATOM   788  C  CB  . ILE A 1 101 ? -7.240  7.273   7.938   1.00 17.66 ? 101 ILE A CB  1 
ATOM   789  C  CG1 . ILE A 1 101 ? -8.365  7.477   6.945   1.00 16.33 ? 101 ILE A CG1 1 
ATOM   790  C  CG2 . ILE A 1 101 ? -5.955  7.972   7.421   1.00 16.71 ? 101 ILE A CG2 1 
ATOM   791  C  CD1 . ILE A 1 101 ? -8.235  6.896   5.555   1.00 16.84 ? 101 ILE A CD1 1 
ATOM   792  N  N   . LYS A 1 102 ? -5.218  5.559   9.885   1.00 12.04 ? 102 LYS A N   1 
ATOM   793  C  CA  . LYS A 1 102 ? -3.847  5.390   10.322  1.00 13.23 ? 102 LYS A CA  1 
ATOM   794  C  C   . LYS A 1 102 ? -3.182  4.101   9.800   1.00 12.16 ? 102 LYS A C   1 
ATOM   795  O  O   . LYS A 1 102 ? -1.951  4.101   9.626   1.00 12.41 ? 102 LYS A O   1 
ATOM   796  C  CB  . LYS A 1 102 ? -3.695  5.484   11.853  1.00 16.82 ? 102 LYS A CB  1 
ATOM   797  C  CG  . LYS A 1 102 ? -2.228  5.796   12.129  1.00 21.28 ? 102 LYS A CG  1 
ATOM   798  C  CD  . LYS A 1 102 ? -1.913  6.099   13.540  1.00 25.04 ? 102 LYS A CD  1 
ATOM   799  C  CE  . LYS A 1 102 ? -2.631  7.383   13.942  1.00 28.79 ? 102 LYS A CE  1 
ATOM   800  N  NZ  . LYS A 1 102 ? -2.087  7.872   15.248  1.00 31.80 ? 102 LYS A NZ  1 
ATOM   801  N  N   . TYR A 1 103 ? -3.980  3.036   9.578   1.00 10.27 ? 103 TYR A N   1 
ATOM   802  C  CA  . TYR A 1 103 ? -3.366  1.780   9.074   1.00 8.95  ? 103 TYR A CA  1 
ATOM   803  C  C   . TYR A 1 103 ? -2.863  1.967   7.625   1.00 9.15  ? 103 TYR A C   1 
ATOM   804  O  O   . TYR A 1 103 ? -2.064  1.178   7.120   1.00 9.63  ? 103 TYR A O   1 
ATOM   805  C  CB  . TYR A 1 103 ? -4.302  0.606   9.200   1.00 8.72  ? 103 TYR A CB  1 
ATOM   806  C  CG  . TYR A 1 103 ? -4.601  0.142   10.600  1.00 10.55 ? 103 TYR A CG  1 
ATOM   807  C  CD1 . TYR A 1 103 ? -4.076  0.863   11.685  1.00 10.27 ? 103 TYR A CD1 1 
ATOM   808  C  CD2 . TYR A 1 103 ? -5.428  -0.951  10.841  1.00 9.72  ? 103 TYR A CD2 1 
ATOM   809  C  CE1 . TYR A 1 103 ? -4.308  0.440   12.997  1.00 13.07 ? 103 TYR A CE1 1 
ATOM   810  C  CE2 . TYR A 1 103 ? -5.716  -1.321  12.127  1.00 13.18 ? 103 TYR A CE2 1 
ATOM   811  C  CZ  . TYR A 1 103 ? -5.137  -0.645  13.189  1.00 15.34 ? 103 TYR A CZ  1 
ATOM   812  O  OH  . TYR A 1 103 ? -5.427  -1.016  14.516  1.00 15.12 ? 103 TYR A OH  1 
ATOM   813  N  N   . LEU A 1 104 ? -3.460  2.906   6.891   1.00 10.54 ? 104 LEU A N   1 
ATOM   814  C  CA  . LEU A 1 104 ? -3.038  3.260   5.517   1.00 9.74  ? 104 LEU A CA  1 
ATOM   815  C  C   . LEU A 1 104 ? -1.695  3.928   5.602   1.00 8.84  ? 104 LEU A C   1 
ATOM   816  O  O   . LEU A 1 104 ? -0.891  3.726   4.683   1.00 10.65 ? 104 LEU A O   1 
ATOM   817  C  CB  . LEU A 1 104 ? -4.035  4.096   4.732   1.00 12.95 ? 104 LEU A CB  1 
ATOM   818  C  CG  . LEU A 1 104 ? -5.283  3.323   4.232   1.00 18.72 ? 104 LEU A CG  1 
ATOM   819  C  CD1 . LEU A 1 104 ? -5.926  2.451   5.267   1.00 20.12 ? 104 LEU A CD1 1 
ATOM   820  C  CD2 . LEU A 1 104 ? -6.356  4.323   3.721   1.00 21.14 ? 104 LEU A CD2 1 
ATOM   821  N  N   . GLU A 1 105 ? -1.438  4.692   6.670   1.00 9.27  ? 105 GLU A N   1 
ATOM   822  C  CA  . GLU A 1 105 ? -0.111  5.261   6.907   1.00 10.13 ? 105 GLU A CA  1 
ATOM   823  C  C   . GLU A 1 105 ? 0.888   4.140   7.160   1.00 9.05  ? 105 GLU A C   1 
ATOM   824  O  O   . GLU A 1 105 ? 1.999   4.172   6.623   1.00 10.68 ? 105 GLU A O   1 
ATOM   825  C  CB  . GLU A 1 105 ? -0.059  6.214   8.131   1.00 14.36 ? 105 GLU A CB  1 
ATOM   826  C  CG  . GLU A 1 105 ? -1.126  7.285   7.914   1.00 21.70 ? 105 GLU A CG  1 
ATOM   827  C  CD  . GLU A 1 105 ? -1.325  8.151   9.200   1.00 24.89 ? 105 GLU A CD  1 
ATOM   828  O  OE1 . GLU A 1 105 ? -0.349  8.050   9.987   1.00 22.17 ? 105 GLU A OE1 1 
ATOM   829  O  OE2 . GLU A 1 105 ? -2.409  8.817   9.131   1.00 23.51 ? 105 GLU A OE2 1 
ATOM   830  N  N   . PHE A 1 106 ? 0.531   3.135   7.946   1.00 8.32  ? 106 PHE A N   1 
ATOM   831  C  CA  . PHE A 1 106 ? 1.445   2.037   8.229   1.00 8.74  ? 106 PHE A CA  1 
ATOM   832  C  C   . PHE A 1 106 ? 1.837   1.267   6.991   1.00 6.50  ? 106 PHE A C   1 
ATOM   833  O  O   . PHE A 1 106 ? 3.011   0.930   6.794   1.00 7.56  ? 106 PHE A O   1 
ATOM   834  C  CB  . PHE A 1 106 ? 0.861   1.071   9.255   1.00 8.41  ? 106 PHE A CB  1 
ATOM   835  C  CG  . PHE A 1 106 ? 0.612   1.677   10.588  1.00 9.29  ? 106 PHE A CG  1 
ATOM   836  C  CD1 . PHE A 1 106 ? 1.294   2.801   11.020  1.00 11.32 ? 106 PHE A CD1 1 
ATOM   837  C  CD2 . PHE A 1 106 ? -0.308  1.050   11.419  1.00 13.07 ? 106 PHE A CD2 1 
ATOM   838  C  CE1 . PHE A 1 106 ? 1.004   3.339   12.294  1.00 14.27 ? 106 PHE A CE1 1 
ATOM   839  C  CE2 . PHE A 1 106 ? -0.629  1.551   12.686  1.00 14.14 ? 106 PHE A CE2 1 
ATOM   840  C  CZ  . PHE A 1 106 ? 0.076   2.703   13.103  1.00 15.47 ? 106 PHE A CZ  1 
ATOM   841  N  N   . ILE A 1 107 ? 0.827   0.968   6.182   1.00 7.12  ? 107 ILE A N   1 
ATOM   842  C  CA  . ILE A 1 107 ? 1.108   0.209   4.937   1.00 8.65  ? 107 ILE A CA  1 
ATOM   843  C  C   . ILE A 1 107 ? 1.928   1.060   3.982   1.00 6.96  ? 107 ILE A C   1 
ATOM   844  O  O   . ILE A 1 107 ? 2.767   0.492   3.248   1.00 8.84  ? 107 ILE A O   1 
ATOM   845  C  CB  . ILE A 1 107 ? -0.113  -0.498  4.361   1.00 8.06  ? 107 ILE A CB  1 
ATOM   846  C  CG1 . ILE A 1 107 ? 0.342   -1.712  3.520   1.00 7.97  ? 107 ILE A CG1 1 
ATOM   847  C  CG2 . ILE A 1 107 ? -1.025  0.428   3.592   1.00 6.84  ? 107 ILE A CG2 1 
ATOM   848  C  CD1 . ILE A 1 107 ? -0.767  -2.490  2.849   1.00 11.28 ? 107 ILE A CD1 1 
ATOM   849  N  N   . SER A 1 108 ? 1.750   2.374   3.958   1.00 7.09  ? 108 SER A N   1 
ATOM   850  C  CA  . SER A 1 108 ? 2.570   3.223   3.052   1.00 8.57  ? 108 SER A CA  1 
ATOM   851  C  C   . SER A 1 108 ? 4.027   3.138   3.482   1.00 11.32 ? 108 SER A C   1 
ATOM   852  O  O   . SER A 1 108 ? 4.931   3.041   2.643   1.00 9.71  ? 108 SER A O   1 
ATOM   853  C  CB  . SER A 1 108 ? 2.082   4.675   3.125   1.00 8.81  ? 108 SER A CB  1 
ATOM   854  O  OG  . SER A 1 108 ? 0.789   4.740   2.568   1.00 12.11 ? 108 SER A OG  1 
ATOM   855  N  N   . ASP A 1 109 ? 4.301   3.258   4.779   1.00 11.72 ? 109 ASP A N   1 
ATOM   856  C  CA  . ASP A 1 109 ? 5.625   3.135   5.370   1.00 12.66 ? 109 ASP A CA  1 
ATOM   857  C  C   . ASP A 1 109 ? 6.227   1.763   4.999   1.00 11.56 ? 109 ASP A C   1 
ATOM   858  O  O   . ASP A 1 109 ? 7.401   1.747   4.577   1.00 11.65 ? 109 ASP A O   1 
ATOM   859  C  CB  . ASP A 1 109 ? 5.635   3.235   6.873   1.00 16.44 ? 109 ASP A CB  1 
ATOM   860  C  CG  . ASP A 1 109 ? 5.273   4.575   7.458   1.00 22.48 ? 109 ASP A CG  1 
ATOM   861  O  OD1 . ASP A 1 109 ? 5.419   5.562   6.729   1.00 23.96 ? 109 ASP A OD1 1 
ATOM   862  O  OD2 . ASP A 1 109 ? 4.802   4.611   8.632   1.00 25.73 ? 109 ASP A OD2 1 
ATOM   863  N  N   . ALA A 1 110 ? 5.402   0.726   5.114   1.00 8.61  ? 110 ALA A N   1 
ATOM   864  C  CA  . ALA A 1 110 ? 5.864   -0.628  4.757   1.00 7.10  ? 110 ALA A CA  1 
ATOM   865  C  C   . ALA A 1 110 ? 6.321   -0.652  3.287   1.00 7.01  ? 110 ALA A C   1 
ATOM   866  O  O   . ALA A 1 110 ? 7.310   -1.314  2.988   1.00 7.37  ? 110 ALA A O   1 
ATOM   867  C  CB  . ALA A 1 110 ? 4.887   -1.705  5.088   1.00 5.03  ? 110 ALA A CB  1 
ATOM   868  N  N   . ILE A 1 111 ? 5.612   -0.001  2.369   1.00 5.92  ? 111 ILE A N   1 
ATOM   869  C  CA  . ILE A 1 111 ? 5.932   0.033   0.965   1.00 6.23  ? 111 ILE A CA  1 
ATOM   870  C  C   . ILE A 1 111 ? 7.286   0.716   0.781   1.00 9.21  ? 111 ILE A C   1 
ATOM   871  O  O   . ILE A 1 111 ? 8.140   0.051   0.125   1.00 7.39  ? 111 ILE A O   1 
ATOM   872  C  CB  . ILE A 1 111 ? 4.812   0.614   0.109   1.00 6.57  ? 111 ILE A CB  1 
ATOM   873  C  CG1 . ILE A 1 111 ? 3.666   -0.426  0.053   1.00 7.63  ? 111 ILE A CG1 1 
ATOM   874  C  CG2 . ILE A 1 111 ? 5.280   0.953   -1.303  1.00 7.83  ? 111 ILE A CG2 1 
ATOM   875  C  CD1 . ILE A 1 111 ? 2.378   0.326   -0.461  1.00 11.86 ? 111 ILE A CD1 1 
ATOM   876  N  N   . ILE A 1 112 ? 7.448   1.869   1.435   1.00 8.67  ? 112 ILE A N   1 
ATOM   877  C  CA  . ILE A 1 112 ? 8.766   2.572   1.373   1.00 8.41  ? 112 ILE A CA  1 
ATOM   878  C  C   . ILE A 1 112 ? 9.906   1.678   1.864   1.00 8.57  ? 112 ILE A C   1 
ATOM   879  O  O   . ILE A 1 112 ? 10.924  1.550   1.204   1.00 7.22  ? 112 ILE A O   1 
ATOM   880  C  CB  . ILE A 1 112 ? 8.728   3.897   2.141   1.00 9.33  ? 112 ILE A CB  1 
ATOM   881  C  CG1 . ILE A 1 112 ? 7.657   4.838   1.572   1.00 10.28 ? 112 ILE A CG1 1 
ATOM   882  C  CG2 . ILE A 1 112 ? 10.084  4.609   2.125   1.00 8.86  ? 112 ILE A CG2 1 
ATOM   883  C  CD1 . ILE A 1 112 ? 7.806   5.082   0.074   1.00 12.68 ? 112 ILE A CD1 1 
ATOM   884  N  N   . HIS A 1 113 ? 9.714   0.996   2.985   1.00 8.76  ? 113 HIS A N   1 
ATOM   885  C  CA  . HIS A 1 113 ? 10.731  0.098   3.566   1.00 9.70  ? 113 HIS A CA  1 
ATOM   886  C  C   . HIS A 1 113 ? 11.094  -1.010  2.635   1.00 7.29  ? 113 HIS A C   1 
ATOM   887  O  O   . HIS A 1 113 ? 12.263  -1.304  2.524   1.00 8.90  ? 113 HIS A O   1 
ATOM   888  C  CB  . HIS A 1 113 ? 10.302  -0.394  4.947   1.00 15.00 ? 113 HIS A CB  1 
ATOM   889  C  CG  . HIS A 1 113 ? 11.116  -1.567  5.419   1.00 24.93 ? 113 HIS A CG  1 
ATOM   890  N  ND1 . HIS A 1 113 ? 12.154  -1.468  6.312   1.00 29.37 ? 113 HIS A ND1 1 
ATOM   891  C  CD2 . HIS A 1 113 ? 11.079  -2.892  5.074   1.00 29.66 ? 113 HIS A CD2 1 
ATOM   892  C  CE1 . HIS A 1 113 ? 12.695  -2.669  6.514   1.00 30.95 ? 113 HIS A CE1 1 
ATOM   893  N  NE2 . HIS A 1 113 ? 12.074  -3.574  5.799   1.00 30.69 ? 113 HIS A NE2 1 
ATOM   894  N  N   . VAL A 1 114 ? 10.148  -1.660  1.989   1.00 8.45  ? 114 VAL A N   1 
ATOM   895  C  CA  . VAL A 1 114 ? 10.424  -2.789  1.058   1.00 8.61  ? 114 VAL A CA  1 
ATOM   896  C  C   . VAL A 1 114 ? 11.213  -2.303  -0.142  1.00 7.23  ? 114 VAL A C   1 
ATOM   897  O  O   . VAL A 1 114 ? 12.168  -2.908  -0.589  1.00 7.60  ? 114 VAL A O   1 
ATOM   898  C  CB  . VAL A 1 114 ? 9.107   -3.496  0.673   1.00 9.92  ? 114 VAL A CB  1 
ATOM   899  C  CG1 . VAL A 1 114 ? 9.260   -4.501  -0.465  1.00 8.71  ? 114 VAL A CG1 1 
ATOM   900  C  CG2 . VAL A 1 114 ? 8.594   -4.210  1.951   1.00 10.46 ? 114 VAL A CG2 1 
ATOM   901  N  N   . LEU A 1 115 ? 10.852  -1.110  -0.651  1.00 8.46  ? 115 LEU A N   1 
ATOM   902  C  CA  . LEU A 1 115 ? 11.590  -0.533  -1.788  1.00 7.53  ? 115 LEU A CA  1 
ATOM   903  C  C   . LEU A 1 115 ? 13.039  -0.237  -1.371  1.00 7.45  ? 115 LEU A C   1 
ATOM   904  O  O   . LEU A 1 115 ? 13.942  -0.501  -2.140  1.00 9.74  ? 115 LEU A O   1 
ATOM   905  C  CB  . LEU A 1 115 ? 10.886  0.720   -2.251  1.00 8.47  ? 115 LEU A CB  1 
ATOM   906  C  CG  . LEU A 1 115 ? 9.500   0.462   -2.926  1.00 9.12  ? 115 LEU A CG  1 
ATOM   907  C  CD1 . LEU A 1 115 ? 8.857   1.779   -3.253  1.00 10.97 ? 115 LEU A CD1 1 
ATOM   908  C  CD2 . LEU A 1 115 ? 9.797   -0.257  -4.208  1.00 12.89 ? 115 LEU A CD2 1 
ATOM   909  N  N   . GLN A 1 116 ? 13.266  0.291   -0.198  1.00 7.69  ? 116 GLN A N   1 
ATOM   910  C  CA  . GLN A 1 116 ? 14.581  0.537   0.333   1.00 8.68  ? 116 GLN A CA  1 
ATOM   911  C  C   . GLN A 1 116 ? 15.370  -0.770  0.468   1.00 10.41 ? 116 GLN A C   1 
ATOM   912  O  O   . GLN A 1 116 ? 16.564  -0.785  0.099   1.00 11.69 ? 116 GLN A O   1 
ATOM   913  C  CB  . GLN A 1 116 ? 14.521  1.235   1.705   1.00 8.54  ? 116 GLN A CB  1 
ATOM   914  C  CG  . GLN A 1 116 ? 14.152  2.739   1.568   1.00 10.97 ? 116 GLN A CG  1 
ATOM   915  C  CD  . GLN A 1 116 ? 13.946  3.375   2.941   1.00 12.68 ? 116 GLN A CD  1 
ATOM   916  O  OE1 . GLN A 1 116 ? 14.043  4.603   3.048   1.00 15.05 ? 116 GLN A OE1 1 
ATOM   917  N  NE2 . GLN A 1 116 ? 13.702  2.616   3.972   1.00 12.02 ? 116 GLN A NE2 1 
ATOM   918  N  N   . SER A 1 117 ? 14.752  -1.817  0.995   1.00 8.54  ? 117 SER A N   1 
ATOM   919  C  CA  . SER A 1 117 ? 15.431  -3.094  1.184   1.00 11.07 ? 117 SER A CA  1 
ATOM   920  C  C   . SER A 1 117 ? 15.745  -3.839  -0.095  1.00 11.89 ? 117 SER A C   1 
ATOM   921  O  O   . SER A 1 117 ? 16.801  -4.457  -0.223  1.00 11.69 ? 117 SER A O   1 
ATOM   922  C  CB  . SER A 1 117 ? 14.572  -4.109  2.016   1.00 12.71 ? 117 SER A CB  1 
ATOM   923  O  OG  . SER A 1 117 ? 14.112  -3.283  3.073   1.00 23.68 ? 117 SER A OG  1 
ATOM   924  N  N   . LYS A 1 118 ? 14.780  -3.856  -1.014  1.00 10.95 ? 118 LYS A N   1 
ATOM   925  C  CA  . LYS A 1 118 ? 14.989  -4.621  -2.227  1.00 10.06 ? 118 LYS A CA  1 
ATOM   926  C  C   . LYS A 1 118 ? 15.807  -3.859  -3.241  1.00 12.33 ? 118 LYS A C   1 
ATOM   927  O  O   . LYS A 1 118 ? 16.443  -4.592  -3.984  1.00 12.66 ? 118 LYS A O   1 
ATOM   928  C  CB  . LYS A 1 118 ? 13.656  -5.060  -2.858  1.00 10.72 ? 118 LYS A CB  1 
ATOM   929  C  CG  . LYS A 1 118 ? 12.969  -6.190  -2.126  1.00 15.50 ? 118 LYS A CG  1 
ATOM   930  C  CD  . LYS A 1 118 ? 11.813  -6.700  -2.963  1.00 19.45 ? 118 LYS A CD  1 
ATOM   931  C  CE  . LYS A 1 118 ? 11.497  -8.125  -2.905  1.00 23.33 ? 118 LYS A CE  1 
ATOM   932  N  NZ  . LYS A 1 118 ? 12.554  -9.103  -3.167  1.00 26.23 ? 118 LYS A NZ  1 
ATOM   933  N  N   . HIS A 1 119 ? 15.755  -2.536  -3.299  1.00 9.46  ? 119 HIS A N   1 
ATOM   934  C  CA  . HIS A 1 119 ? 16.435  -1.764  -4.365  1.00 10.25 ? 119 HIS A CA  1 
ATOM   935  C  C   . HIS A 1 119 ? 17.230  -0.615  -3.756  1.00 7.79  ? 119 HIS A C   1 
ATOM   936  O  O   . HIS A 1 119 ? 17.002  0.533   -4.098  1.00 9.20  ? 119 HIS A O   1 
ATOM   937  C  CB  . HIS A 1 119 ? 15.319  -1.193  -5.328  1.00 8.25  ? 119 HIS A CB  1 
ATOM   938  C  CG  . HIS A 1 119 ? 14.306  -2.221  -5.745  1.00 12.21 ? 119 HIS A CG  1 
ATOM   939  N  ND1 . HIS A 1 119 ? 14.570  -3.253  -6.618  1.00 12.00 ? 119 HIS A ND1 1 
ATOM   940  C  CD2 . HIS A 1 119 ? 13.008  -2.419  -5.393  1.00 11.90 ? 119 HIS A CD2 1 
ATOM   941  C  CE1 . HIS A 1 119 ? 13.476  -4.040  -6.735  1.00 11.59 ? 119 HIS A CE1 1 
ATOM   942  N  NE2 . HIS A 1 119 ? 12.529  -3.546  -6.018  1.00 9.21  ? 119 HIS A NE2 1 
ATOM   943  N  N   . PRO A 1 120 ? 18.114  -0.963  -2.834  1.00 10.14 ? 120 PRO A N   1 
ATOM   944  C  CA  . PRO A 1 120 ? 18.863  0.070   -2.073  1.00 9.77  ? 120 PRO A CA  1 
ATOM   945  C  C   . PRO A 1 120 ? 19.613  1.057   -2.911  1.00 9.59  ? 120 PRO A C   1 
ATOM   946  O  O   . PRO A 1 120 ? 19.481  2.262   -2.678  1.00 9.51  ? 120 PRO A O   1 
ATOM   947  C  CB  . PRO A 1 120 ? 19.696  -0.752  -1.077  1.00 10.39 ? 120 PRO A CB  1 
ATOM   948  C  CG  . PRO A 1 120 ? 19.800  -2.131  -1.654  1.00 9.89  ? 120 PRO A CG  1 
ATOM   949  C  CD  . PRO A 1 120 ? 18.477  -2.309  -2.387  1.00 8.27  ? 120 PRO A CD  1 
ATOM   950  N  N   . ALA A 1 121 ? 20.307  0.552   -3.912  1.00 11.00 ? 121 ALA A N   1 
ATOM   951  C  CA  . ALA A 1 121 ? 21.102  1.520   -4.734  1.00 15.01 ? 121 ALA A CA  1 
ATOM   952  C  C   . ALA A 1 121 ? 20.276  2.266   -5.733  1.00 16.96 ? 121 ALA A C   1 
ATOM   953  O  O   . ALA A 1 121 ? 20.620  3.400   -6.056  1.00 17.76 ? 121 ALA A O   1 
ATOM   954  C  CB  . ALA A 1 121 ? 22.271  0.734   -5.272  1.00 15.92 ? 121 ALA A CB  1 
ATOM   955  N  N   . GLU A 1 122 ? 19.171  1.740   -6.206  1.00 15.85 ? 122 GLU A N   1 
ATOM   956  C  CA  . GLU A 1 122 ? 18.315  2.354   -7.212  1.00 19.06 ? 122 GLU A CA  1 
ATOM   957  C  C   . GLU A 1 122 ? 17.197  3.208   -6.687  1.00 18.19 ? 122 GLU A C   1 
ATOM   958  O  O   . GLU A 1 122 ? 16.557  3.929   -7.473  1.00 21.59 ? 122 GLU A O   1 
ATOM   959  C  CB  . GLU A 1 122 ? 17.641  1.216   -8.012  1.00 24.25 ? 122 GLU A CB  1 
ATOM   960  C  CG  . GLU A 1 122 ? 18.635  0.470   -8.886  1.00 35.15 ? 122 GLU A CG  1 
ATOM   961  C  CD  . GLU A 1 122 ? 18.525  0.872   -10.350 1.00 42.99 ? 122 GLU A CD  1 
ATOM   962  O  OE1 . GLU A 1 122 ? 18.967  2.006   -10.733 1.00 46.74 ? 122 GLU A OE1 1 
ATOM   963  O  OE2 . GLU A 1 122 ? 17.969  0.041   -11.142 1.00 46.99 ? 122 GLU A OE2 1 
ATOM   964  N  N   . PHE A 1 123 ? 16.910  3.146   -5.396  1.00 13.32 ? 123 PHE A N   1 
ATOM   965  C  CA  . PHE A 1 123 ? 15.777  3.912   -4.833  1.00 12.55 ? 123 PHE A CA  1 
ATOM   966  C  C   . PHE A 1 123 ? 16.362  5.058   -4.044  1.00 10.88 ? 123 PHE A C   1 
ATOM   967  O  O   . PHE A 1 123 ? 16.519  5.002   -2.849  1.00 10.95 ? 123 PHE A O   1 
ATOM   968  C  CB  . PHE A 1 123 ? 14.870  2.909   -4.093  1.00 11.68 ? 123 PHE A CB  1 
ATOM   969  C  CG  . PHE A 1 123 ? 13.609  3.528   -3.565  1.00 10.75 ? 123 PHE A CG  1 
ATOM   970  C  CD1 . PHE A 1 123 ? 12.664  4.105   -4.392  1.00 10.36 ? 123 PHE A CD1 1 
ATOM   971  C  CD2 . PHE A 1 123 ? 13.387  3.540   -2.193  1.00 9.00  ? 123 PHE A CD2 1 
ATOM   972  C  CE1 . PHE A 1 123 ? 11.529  4.643   -3.829  1.00 7.37  ? 123 PHE A CE1 1 
ATOM   973  C  CE2 . PHE A 1 123 ? 12.256  4.088   -1.647  1.00 9.82  ? 123 PHE A CE2 1 
ATOM   974  C  CZ  . PHE A 1 123 ? 11.311  4.682   -2.482  1.00 9.19  ? 123 PHE A CZ  1 
ATOM   975  N  N   . GLY A 1 124 ? 16.719  6.096   -4.786  1.00 9.16  ? 124 GLY A N   1 
ATOM   976  C  CA  . GLY A 1 124 ? 17.393  7.253   -4.180  1.00 9.48  ? 124 GLY A CA  1 
ATOM   977  C  C   . GLY A 1 124 ? 16.495  8.312   -3.630  1.00 9.81  ? 124 GLY A C   1 
ATOM   978  O  O   . GLY A 1 124 ? 15.270  8.105   -3.688  1.00 11.24 ? 124 GLY A O   1 
ATOM   979  N  N   . ALA A 1 125 ? 17.029  9.426   -3.138  1.00 8.65  ? 125 ALA A N   1 
ATOM   980  C  CA  . ALA A 1 125 ? 16.217  10.425  -2.452  1.00 10.53 ? 125 ALA A CA  1 
ATOM   981  C  C   . ALA A 1 125 ? 15.132  11.021  -3.356  1.00 10.35 ? 125 ALA A C   1 
ATOM   982  O  O   . ALA A 1 125 ? 14.067  11.364  -2.796  1.00 12.59 ? 125 ALA A O   1 
ATOM   983  C  CB  . ALA A 1 125 ? 17.105  11.503  -1.822  1.00 11.89 ? 125 ALA A CB  1 
ATOM   984  N  N   . ASP A 1 126 ? 15.424  11.131  -4.641  1.00 7.29  ? 126 ASP A N   1 
ATOM   985  C  CA  . ASP A 1 126 ? 14.461  11.705  -5.575  1.00 9.30  ? 126 ASP A CA  1 
ATOM   986  C  C   . ASP A 1 126 ? 13.258  10.774  -5.777  1.00 8.36  ? 126 ASP A C   1 
ATOM   987  O  O   . ASP A 1 126 ? 12.122  11.208  -5.640  1.00 7.86  ? 126 ASP A O   1 
ATOM   988  C  CB  . ASP A 1 126 ? 15.103  12.089  -6.899  1.00 10.47 ? 126 ASP A CB  1 
ATOM   989  C  CG  . ASP A 1 126 ? 15.974  11.045  -7.549  1.00 10.28 ? 126 ASP A CG  1 
ATOM   990  O  OD1 . ASP A 1 126 ? 16.226  9.994   -6.981  1.00 11.05 ? 126 ASP A OD1 1 
ATOM   991  O  OD2 . ASP A 1 126 ? 16.412  11.234  -8.720  1.00 14.36 ? 126 ASP A OD2 1 
ATOM   992  N  N   . ALA A 1 127 ? 13.549  9.519   -6.070  1.00 8.51  ? 127 ALA A N   1 
ATOM   993  C  CA  . ALA A 1 127 ? 12.517  8.502   -6.255  1.00 7.91  ? 127 ALA A CA  1 
ATOM   994  C  C   . ALA A 1 127 ? 11.790  8.292   -4.907  1.00 8.69  ? 127 ALA A C   1 
ATOM   995  O  O   . ALA A 1 127 ? 10.575  8.134   -4.908  1.00 9.11  ? 127 ALA A O   1 
ATOM   996  C  CB  . ALA A 1 127 ? 13.094  7.203   -6.740  1.00 9.85  ? 127 ALA A CB  1 
ATOM   997  N  N   . GLN A 1 128 ? 12.494  8.352   -3.790  1.00 7.06  ? 128 GLN A N   1 
ATOM   998  C  CA  . GLN A 1 128 ? 11.772  8.133   -2.513  1.00 8.20  ? 128 GLN A CA  1 
ATOM   999  C  C   . GLN A 1 128 ? 10.831  9.280   -2.262  1.00 6.54  ? 128 GLN A C   1 
ATOM   1000 O  O   . GLN A 1 128 ? 9.743   9.064   -1.728  1.00 8.78  ? 128 GLN A O   1 
ATOM   1001 C  CB  . GLN A 1 128 ? 12.780  8.010   -1.394  1.00 7.62  ? 128 GLN A CB  1 
ATOM   1002 C  CG  . GLN A 1 128 ? 12.174  7.694   -0.050  1.00 11.53 ? 128 GLN A CG  1 
ATOM   1003 C  CD  . GLN A 1 128 ? 13.246  7.370   0.995   1.00 13.64 ? 128 GLN A CD  1 
ATOM   1004 O  OE1 . GLN A 1 128 ? 13.444  8.201   1.894   1.00 18.69 ? 128 GLN A OE1 1 
ATOM   1005 N  NE2 . GLN A 1 128 ? 13.882  6.294   0.790   1.00 12.49 ? 128 GLN A NE2 1 
ATOM   1006 N  N   . GLY A 1 129 ? 11.309  10.504  -2.471  1.00 8.23  ? 129 GLY A N   1 
ATOM   1007 C  CA  . GLY A 1 129 ? 10.471  11.703  -2.188  1.00 8.42  ? 129 GLY A CA  1 
ATOM   1008 C  C   . GLY A 1 129 ? 9.192   11.642  -3.012  1.00 8.42  ? 129 GLY A C   1 
ATOM   1009 O  O   . GLY A 1 129 ? 8.079   11.902  -2.504  1.00 9.56  ? 129 GLY A O   1 
ATOM   1010 N  N   . ALA A 1 130 ? 9.367   11.264  -4.295  1.00 8.17  ? 130 ALA A N   1 
ATOM   1011 C  CA  . ALA A 1 130 ? 8.201   11.182  -5.230  1.00 6.90  ? 130 ALA A CA  1 
ATOM   1012 C  C   . ALA A 1 130 ? 7.255   10.089  -4.815  1.00 6.95  ? 130 ALA A C   1 
ATOM   1013 O  O   . ALA A 1 130 ? 6.046   10.305  -4.748  1.00 6.51  ? 130 ALA A O   1 
ATOM   1014 C  CB  . ALA A 1 130 ? 8.652   11.092  -6.650  1.00 6.09  ? 130 ALA A CB  1 
ATOM   1015 N  N   . MET A 1 131 ? 7.757   8.956   -4.426  1.00 7.52  ? 131 MET A N   1 
ATOM   1016 C  CA  . MET A 1 131 ? 6.932   7.854   -3.964  1.00 8.99  ? 131 MET A CA  1 
ATOM   1017 C  C   . MET A 1 131 ? 6.218   8.260   -2.694  1.00 10.29 ? 131 MET A C   1 
ATOM   1018 O  O   . MET A 1 131 ? 5.010   7.925   -2.580  1.00 8.78  ? 131 MET A O   1 
ATOM   1019 C  CB  . MET A 1 131 ? 7.707   6.549   -3.876  1.00 12.40 ? 131 MET A CB  1 
ATOM   1020 C  CG  . MET A 1 131 ? 6.877   5.328   -3.482  1.00 13.00 ? 131 MET A CG  1 
ATOM   1021 S  SD  . MET A 1 131 ? 5.762   4.876   -4.877  1.00 19.34 ? 131 MET A SD  1 
ATOM   1022 C  CE  . MET A 1 131 ? 6.878   4.805   -6.177  1.00 15.03 ? 131 MET A CE  1 
ATOM   1023 N  N   . LYS A 1 132 ? 6.849   8.945   -1.793  1.00 8.54  ? 132 LYS A N   1 
ATOM   1024 C  CA  . LYS A 1 132 ? 6.128   9.369   -0.555  1.00 11.92 ? 132 LYS A CA  1 
ATOM   1025 C  C   . LYS A 1 132 ? 4.989   10.323  -0.844  1.00 11.47 ? 132 LYS A C   1 
ATOM   1026 O  O   . LYS A 1 132 ? 3.870   10.165  -0.268  1.00 10.02 ? 132 LYS A O   1 
ATOM   1027 C  CB  . LYS A 1 132 ? 7.113   10.012  0.422   1.00 14.94 ? 132 LYS A CB  1 
ATOM   1028 C  CG  . LYS A 1 132 ? 7.912   8.975   1.214   1.00 18.32 ? 132 LYS A CG  1 
ATOM   1029 C  CD  . LYS A 1 132 ? 8.828   9.735   2.202   1.00 24.37 ? 132 LYS A CD  1 
ATOM   1030 C  CE  . LYS A 1 132 ? 9.740   8.702   2.911   1.00 28.61 ? 132 LYS A CE  1 
ATOM   1031 N  NZ  . LYS A 1 132 ? 10.579  9.371   3.949   1.00 33.01 ? 132 LYS A NZ  1 
ATOM   1032 N  N   . LYS A 1 133 ? 5.226   11.256  -1.736  1.00 10.01 ? 133 LYS A N   1 
ATOM   1033 C  CA  . LYS A 1 133 ? 4.229   12.235  -2.160  1.00 10.90 ? 133 LYS A CA  1 
ATOM   1034 C  C   . LYS A 1 133 ? 3.049   11.544  -2.831  1.00 10.08 ? 133 LYS A C   1 
ATOM   1035 O  O   . LYS A 1 133 ? 1.896   11.866  -2.510  1.00 11.42 ? 133 LYS A O   1 
ATOM   1036 C  CB  . LYS A 1 133 ? 4.872   13.264  -3.048  1.00 14.19 ? 133 LYS A CB  1 
ATOM   1037 C  CG  . LYS A 1 133 ? 4.416   14.666  -2.973  1.00 23.09 ? 133 LYS A CG  1 
ATOM   1038 C  CD  . LYS A 1 133 ? 5.177   15.528  -4.010  1.00 27.13 ? 133 LYS A CD  1 
ATOM   1039 C  CE  . LYS A 1 133 ? 6.515   15.939  -3.374  1.00 32.20 ? 133 LYS A CE  1 
ATOM   1040 N  NZ  . LYS A 1 133 ? 6.922   17.292  -3.981  1.00 34.90 ? 133 LYS A NZ  1 
ATOM   1041 N  N   . ALA A 1 134 ? 3.237   10.572  -3.691  1.00 7.52  ? 134 ALA A N   1 
ATOM   1042 C  CA  . ALA A 1 134 ? 2.163   9.862   -4.340  1.00 8.76  ? 134 ALA A CA  1 
ATOM   1043 C  C   . ALA A 1 134 ? 1.322   9.105   -3.295  1.00 10.89 ? 134 ALA A C   1 
ATOM   1044 O  O   . ALA A 1 134 ? 0.061   9.105   -3.405  1.00 9.75  ? 134 ALA A O   1 
ATOM   1045 C  CB  . ALA A 1 134 ? 2.650   8.870   -5.384  1.00 7.83  ? 134 ALA A CB  1 
ATOM   1046 N  N   . LEU A 1 135 ? 1.972   8.406   -2.375  1.00 9.30  ? 135 LEU A N   1 
ATOM   1047 C  CA  . LEU A 1 135 ? 1.232   7.613   -1.353  1.00 9.71  ? 135 LEU A CA  1 
ATOM   1048 C  C   . LEU A 1 135 ? 0.490   8.563   -0.468  1.00 9.73  ? 135 LEU A C   1 
ATOM   1049 O  O   . LEU A 1 135 ? -0.597  8.214   -0.037  1.00 10.27 ? 135 LEU A O   1 
ATOM   1050 C  CB  . LEU A 1 135 ? 2.189   6.703   -0.572  1.00 11.68 ? 135 LEU A CB  1 
ATOM   1051 C  CG  . LEU A 1 135 ? 2.789   5.583   -1.421  1.00 12.21 ? 135 LEU A CG  1 
ATOM   1052 C  CD1 . LEU A 1 135 ? 3.775   4.723   -0.622  1.00 14.56 ? 135 LEU A CD1 1 
ATOM   1053 C  CD2 . LEU A 1 135 ? 1.670   4.730   -2.003  1.00 14.15 ? 135 LEU A CD2 1 
ATOM   1054 N  N   . GLU A 1 136 ? 1.022   9.723   -0.189  1.00 12.20 ? 136 GLU A N   1 
ATOM   1055 C  CA  . GLU A 1 136 ? 0.362   10.752  0.657   1.00 13.15 ? 136 GLU A CA  1 
ATOM   1056 C  C   . GLU A 1 136 ? -0.900  11.271  -0.028  1.00 12.01 ? 136 GLU A C   1 
ATOM   1057 O  O   . GLU A 1 136 ? -1.966  11.420  0.601   1.00 10.34 ? 136 GLU A O   1 
ATOM   1058 C  CB  . GLU A 1 136 ? 1.346   11.860  0.992   1.00 14.93 ? 136 GLU A CB  1 
ATOM   1059 C  CG  . GLU A 1 136 ? 0.867   13.026  1.802   1.00 23.40 ? 136 GLU A CG  1 
ATOM   1060 C  CD  . GLU A 1 136 ? 1.909   14.129  1.971   1.00 28.43 ? 136 GLU A CD  1 
ATOM   1061 O  OE1 . GLU A 1 136 ? 2.299   14.794  0.962   1.00 31.85 ? 136 GLU A OE1 1 
ATOM   1062 O  OE2 . GLU A 1 136 ? 2.362   14.411  3.093   1.00 31.74 ? 136 GLU A OE2 1 
ATOM   1063 N  N   . LEU A 1 137 ? -0.814  11.514  -1.320  1.00 11.59 ? 137 LEU A N   1 
ATOM   1064 C  CA  . LEU A 1 137 ? -1.981  11.962  -2.138  1.00 10.72 ? 137 LEU A CA  1 
ATOM   1065 C  C   . LEU A 1 137 ? -3.066  10.888  -2.061  1.00 9.92  ? 137 LEU A C   1 
ATOM   1066 O  O   . LEU A 1 137 ? -4.256  11.167  -1.834  1.00 11.97 ? 137 LEU A O   1 
ATOM   1067 C  CB  . LEU A 1 137 ? -1.521  12.161  -3.578  1.00 10.61 ? 137 LEU A CB  1 
ATOM   1068 C  CG  . LEU A 1 137 ? -2.551  12.599  -4.599  1.00 14.91 ? 137 LEU A CG  1 
ATOM   1069 C  CD1 . LEU A 1 137 ? -3.230  13.858  -4.043  1.00 15.79 ? 137 LEU A CD1 1 
ATOM   1070 C  CD2 . LEU A 1 137 ? -1.956  12.868  -5.975  1.00 14.22 ? 137 LEU A CD2 1 
ATOM   1071 N  N   . PHE A 1 138 ? -2.721  9.651   -2.295  1.00 9.71  ? 138 PHE A N   1 
ATOM   1072 C  CA  . PHE A 1 138 ? -3.574  8.515   -2.243  1.00 11.65 ? 138 PHE A CA  1 
ATOM   1073 C  C   . PHE A 1 138 ? -4.273  8.472   -0.863  1.00 13.19 ? 138 PHE A C   1 
ATOM   1074 O  O   . PHE A 1 138 ? -5.510  8.437   -0.884  1.00 14.20 ? 138 PHE A O   1 
ATOM   1075 C  CB  . PHE A 1 138 ? -2.804  7.255   -2.462  1.00 14.33 ? 138 PHE A CB  1 
ATOM   1076 C  CG  . PHE A 1 138 ? -3.560  5.995   -2.155  1.00 18.34 ? 138 PHE A CG  1 
ATOM   1077 C  CD1 . PHE A 1 138 ? -4.579  5.537   -2.958  1.00 19.13 ? 138 PHE A CD1 1 
ATOM   1078 C  CD2 . PHE A 1 138 ? -3.202  5.272   -1.014  1.00 20.06 ? 138 PHE A CD2 1 
ATOM   1079 C  CE1 . PHE A 1 138 ? -5.230  4.358   -2.626  1.00 19.71 ? 138 PHE A CE1 1 
ATOM   1080 C  CE2 . PHE A 1 138 ? -3.837  4.080   -0.691  1.00 17.48 ? 138 PHE A CE2 1 
ATOM   1081 C  CZ  . PHE A 1 138 ? -4.856  3.661   -1.491  1.00 19.02 ? 138 PHE A CZ  1 
ATOM   1082 N  N   . ARG A 1 139 ? -3.609  8.428   0.244   1.00 11.45 ? 139 ARG A N   1 
ATOM   1083 C  CA  . ARG A 1 139 ? -4.172  8.425   1.571   1.00 11.71 ? 139 ARG A CA  1 
ATOM   1084 C  C   . ARG A 1 139 ? -5.060  9.642   1.850   1.00 12.23 ? 139 ARG A C   1 
ATOM   1085 O  O   . ARG A 1 139 ? -6.100  9.460   2.508   1.00 12.98 ? 139 ARG A O   1 
ATOM   1086 C  CB  . ARG A 1 139 ? -3.117  8.514   2.692   1.00 14.43 ? 139 ARG A CB  1 
ATOM   1087 C  CG  . ARG A 1 139 ? -2.254  7.286   2.834   1.00 17.16 ? 139 ARG A CG  1 
ATOM   1088 C  CD  . ARG A 1 139 ? -1.623  7.282   4.236   1.00 13.30 ? 139 ARG A CD  1 
ATOM   1089 N  NE  . ARG A 1 139 ? -0.858  8.454   4.485   1.00 13.69 ? 139 ARG A NE  1 
ATOM   1090 C  CZ  . ARG A 1 139 ? 0.372   8.689   4.047   1.00 16.21 ? 139 ARG A CZ  1 
ATOM   1091 N  NH1 . ARG A 1 139 ? 0.986   7.818   3.228   1.00 13.81 ? 139 ARG A NH1 1 
ATOM   1092 N  NH2 . ARG A 1 139 ? 1.011   9.801   4.342   1.00 16.90 ? 139 ARG A NH2 1 
ATOM   1093 N  N   . ASN A 1 140 ? -4.616  10.812  1.454   1.00 11.23 ? 140 ASN A N   1 
ATOM   1094 C  CA  . ASN A 1 140 ? -5.405  12.033  1.664   1.00 14.06 ? 140 ASN A CA  1 
ATOM   1095 C  C   . ASN A 1 140 ? -6.723  11.933  0.881   1.00 13.34 ? 140 ASN A C   1 
ATOM   1096 O  O   . ASN A 1 140 ? -7.743  12.383  1.414   1.00 12.03 ? 140 ASN A O   1 
ATOM   1097 C  CB  . ASN A 1 140 ? -4.686  13.332  1.282   1.00 17.25 ? 140 ASN A CB  1 
ATOM   1098 C  CG  . ASN A 1 140 ? -3.489  13.600  2.207   1.00 20.86 ? 140 ASN A CG  1 
ATOM   1099 O  OD1 . ASN A 1 140 ? -3.285  12.918  3.215   1.00 22.81 ? 140 ASN A OD1 1 
ATOM   1100 N  ND2 . ASN A 1 140 ? -2.669  14.577  1.856   1.00 20.94 ? 140 ASN A ND2 1 
ATOM   1101 N  N   . ASP A 1 141 ? -6.710  11.385  -0.321  1.00 11.00 ? 141 ASP A N   1 
ATOM   1102 C  CA  . ASP A 1 141 ? -7.963  11.267  -1.065  1.00 12.54 ? 141 ASP A CA  1 
ATOM   1103 C  C   . ASP A 1 141 ? -8.892  10.267  -0.436  1.00 12.18 ? 141 ASP A C   1 
ATOM   1104 O  O   . ASP A 1 141 ? -10.129 10.479  -0.354  1.00 12.72 ? 141 ASP A O   1 
ATOM   1105 C  CB  . ASP A 1 141 ? -7.732  11.058  -2.533  1.00 12.48 ? 141 ASP A CB  1 
ATOM   1106 C  CG  . ASP A 1 141 ? -7.344  12.372  -3.196  1.00 16.05 ? 141 ASP A CG  1 
ATOM   1107 O  OD1 . ASP A 1 141 ? -7.365  13.431  -2.580  1.00 15.15 ? 141 ASP A OD1 1 
ATOM   1108 O  OD2 . ASP A 1 141 ? -6.949  12.335  -4.365  1.00 18.13 ? 141 ASP A OD2 1 
ATOM   1109 N  N   . ILE A 1 142 ? -8.357  9.199   0.087   1.00 9.88  ? 142 ILE A N   1 
ATOM   1110 C  CA  . ILE A 1 142 ? -9.194  8.170   0.759   1.00 11.47 ? 142 ILE A CA  1 
ATOM   1111 C  C   . ILE A 1 142 ? -9.784  8.820   1.995   1.00 11.36 ? 142 ILE A C   1 
ATOM   1112 O  O   . ILE A 1 142 ? -10.961 8.572   2.263   1.00 11.15 ? 142 ILE A O   1 
ATOM   1113 C  CB  . ILE A 1 142 ? -8.388  6.891   1.062   1.00 14.33 ? 142 ILE A CB  1 
ATOM   1114 C  CG1 . ILE A 1 142 ? -8.129  6.164   -0.283  1.00 18.37 ? 142 ILE A CG1 1 
ATOM   1115 C  CG2 . ILE A 1 142 ? -9.046  5.900   2.020   1.00 14.23 ? 142 ILE A CG2 1 
ATOM   1116 C  CD1 . ILE A 1 142 ? -7.080  5.079   -0.117  1.00 22.26 ? 142 ILE A CD1 1 
ATOM   1117 N  N   . ALA A 1 143 ? -8.978  9.545   2.756   1.00 10.85 ? 143 ALA A N   1 
ATOM   1118 C  CA  . ALA A 1 143 ? -9.361  10.172  4.008   1.00 11.88 ? 143 ALA A CA  1 
ATOM   1119 C  C   . ALA A 1 143 ? -10.539 11.115  3.741   1.00 14.01 ? 143 ALA A C   1 
ATOM   1120 O  O   . ALA A 1 143 ? -11.498 11.104  4.510   1.00 11.83 ? 143 ALA A O   1 
ATOM   1121 C  CB  . ALA A 1 143 ? -8.224  10.919  4.685   1.00 9.34  ? 143 ALA A CB  1 
ATOM   1122 N  N   . ALA A 1 144 ? -10.427 11.846  2.643   1.00 11.74 ? 144 ALA A N   1 
ATOM   1123 C  CA  . ALA A 1 144 ? -11.503 12.755  2.214   1.00 13.97 ? 144 ALA A CA  1 
ATOM   1124 C  C   . ALA A 1 144 ? -12.808 11.985  2.005   1.00 13.70 ? 144 ALA A C   1 
ATOM   1125 O  O   . ALA A 1 144 ? -13.909 12.439  2.417   1.00 14.10 ? 144 ALA A O   1 
ATOM   1126 C  CB  . ALA A 1 144 ? -11.092 13.555  0.963   1.00 11.39 ? 144 ALA A CB  1 
ATOM   1127 N  N   . LYS A 1 145 ? -12.748 10.834  1.357   1.00 12.52 ? 145 LYS A N   1 
ATOM   1128 C  CA  . LYS A 1 145 ? -13.900 9.973   1.141   1.00 13.58 ? 145 LYS A CA  1 
ATOM   1129 C  C   . LYS A 1 145 ? -14.416 9.406   2.465   1.00 14.49 ? 145 LYS A C   1 
ATOM   1130 O  O   . LYS A 1 145 ? -15.645 9.348   2.597   1.00 13.29 ? 145 LYS A O   1 
ATOM   1131 C  CB  . LYS A 1 145 ? -13.637 8.884   0.113   1.00 16.93 ? 145 LYS A CB  1 
ATOM   1132 C  CG  . LYS A 1 145 ? -14.911 8.203   -0.318  1.00 23.08 ? 145 LYS A CG  1 
ATOM   1133 C  CD  . LYS A 1 145 ? -15.819 9.138   -1.116  1.00 29.13 ? 145 LYS A CD  1 
ATOM   1134 C  CE  . LYS A 1 145 ? -17.291 8.645   -1.195  1.00 31.60 ? 145 LYS A CE  1 
ATOM   1135 N  NZ  . LYS A 1 145 ? -17.939 9.320   -2.408  1.00 31.33 ? 145 LYS A NZ  1 
ATOM   1136 N  N   . TYR A 1 146 ? -13.525 9.018   3.396   1.00 11.71 ? 146 TYR A N   1 
ATOM   1137 C  CA  . TYR A 1 146 ? -13.985 8.537   4.692   1.00 12.19 ? 146 TYR A CA  1 
ATOM   1138 C  C   . TYR A 1 146 ? -14.862 9.658   5.332   1.00 13.61 ? 146 TYR A C   1 
ATOM   1139 O  O   . TYR A 1 146 ? -15.910 9.309   5.854   1.00 11.30 ? 146 TYR A O   1 
ATOM   1140 C  CB  . TYR A 1 146 ? -12.845 8.252   5.687   1.00 12.32 ? 146 TYR A CB  1 
ATOM   1141 C  CG  . TYR A 1 146 ? -12.251 6.861   5.636   1.00 9.99  ? 146 TYR A CG  1 
ATOM   1142 C  CD1 . TYR A 1 146 ? -12.034 6.190   4.465   1.00 9.64  ? 146 TYR A CD1 1 
ATOM   1143 C  CD2 . TYR A 1 146 ? -11.973 6.211   6.840   1.00 10.88 ? 146 TYR A CD2 1 
ATOM   1144 C  CE1 . TYR A 1 146 ? -11.500 4.908   4.458   1.00 9.51  ? 146 TYR A CE1 1 
ATOM   1145 C  CE2 . TYR A 1 146 ? -11.470 4.937   6.905   1.00 11.55 ? 146 TYR A CE2 1 
ATOM   1146 C  CZ  . TYR A 1 146 ? -11.212 4.298   5.680   1.00 13.15 ? 146 TYR A CZ  1 
ATOM   1147 O  OH  . TYR A 1 146 ? -10.640 3.058   5.698   1.00 11.04 ? 146 TYR A OH  1 
ATOM   1148 N  N   . LYS A 1 147 ? -14.379 10.880  5.308   1.00 14.74 ? 147 LYS A N   1 
ATOM   1149 C  CA  . LYS A 1 147 ? -15.140 11.981  5.948   1.00 16.14 ? 147 LYS A CA  1 
ATOM   1150 C  C   . LYS A 1 147 ? -16.484 12.153  5.267   1.00 17.59 ? 147 LYS A C   1 
ATOM   1151 O  O   . LYS A 1 147 ? -17.499 12.341  5.937   1.00 17.74 ? 147 LYS A O   1 
ATOM   1152 C  CB  . LYS A 1 147 ? -14.379 13.246  5.950   1.00 18.56 ? 147 LYS A CB  1 
ATOM   1153 C  CG  . LYS A 1 147 ? -13.234 13.336  6.924   1.00 26.43 ? 147 LYS A CG  1 
ATOM   1154 C  CD  . LYS A 1 147 ? -12.381 14.592  6.575   1.00 32.47 ? 147 LYS A CD  1 
ATOM   1155 C  CE  . LYS A 1 147 ? -10.906 14.108  6.551   1.00 37.00 ? 147 LYS A CE  1 
ATOM   1156 N  NZ  . LYS A 1 147 ? -10.169 14.469  5.289   1.00 38.81 ? 147 LYS A NZ  1 
ATOM   1157 N  N   . GLU A 1 148 ? -16.544 12.101  3.956   1.00 14.91 ? 148 GLU A N   1 
ATOM   1158 C  CA  . GLU A 1 148 ? -17.795 12.170  3.211   1.00 17.77 ? 148 GLU A CA  1 
ATOM   1159 C  C   . GLU A 1 148 ? -18.743 11.081  3.654   1.00 18.37 ? 148 GLU A C   1 
ATOM   1160 O  O   . GLU A 1 148 ? -19.968 11.314  3.712   1.00 19.41 ? 148 GLU A O   1 
ATOM   1161 C  CB  . GLU A 1 148 ? -17.443 12.050  1.708   1.00 18.27 ? 148 GLU A CB  1 
ATOM   1162 C  CG  . GLU A 1 148 ? -18.611 12.276  0.793   1.00 21.21 ? 148 GLU A CG  1 
ATOM   1163 C  CD  . GLU A 1 148 ? -18.177 11.994  -0.653  1.00 21.29 ? 148 GLU A CD  1 
ATOM   1164 O  OE1 . GLU A 1 148 ? -17.300 12.750  -1.133  1.00 22.94 ? 148 GLU A OE1 1 
ATOM   1165 O  OE2 . GLU A 1 148 ? -18.715 11.010  -1.143  1.00 21.31 ? 148 GLU A OE2 1 
ATOM   1166 N  N   . LEU A 1 149 ? -18.306 9.879   3.993   1.00 15.38 ? 149 LEU A N   1 
ATOM   1167 C  CA  . LEU A 1 149 ? -19.110 8.764   4.380   1.00 16.36 ? 149 LEU A CA  1 
ATOM   1168 C  C   . LEU A 1 149 ? -19.542 8.767   5.854   1.00 17.67 ? 149 LEU A C   1 
ATOM   1169 O  O   . LEU A 1 149 ? -20.256 7.814   6.206   1.00 20.27 ? 149 LEU A O   1 
ATOM   1170 C  CB  . LEU A 1 149 ? -18.469 7.376   4.078   1.00 19.60 ? 149 LEU A CB  1 
ATOM   1171 C  CG  . LEU A 1 149 ? -18.164 7.152   2.586   1.00 22.23 ? 149 LEU A CG  1 
ATOM   1172 C  CD1 . LEU A 1 149 ? -17.382 5.910   2.240   1.00 22.03 ? 149 LEU A CD1 1 
ATOM   1173 C  CD2 . LEU A 1 149 ? -19.509 7.076   1.848   1.00 25.32 ? 149 LEU A CD2 1 
ATOM   1174 N  N   . GLY A 1 150 ? -19.106 9.722   6.626   1.00 15.56 ? 150 GLY A N   1 
ATOM   1175 C  CA  . GLY A 1 150 ? -19.253 9.993   7.993   1.00 18.15 ? 150 GLY A CA  1 
ATOM   1176 C  C   . GLY A 1 150 ? -18.355 9.257   8.980   1.00 19.46 ? 150 GLY A C   1 
ATOM   1177 O  O   . GLY A 1 150 ? -18.804 8.922   10.086  1.00 22.28 ? 150 GLY A O   1 
ATOM   1178 N  N   . PHE A 1 151 ? -17.135 8.981   8.550   1.00 17.67 ? 151 PHE A N   1 
ATOM   1179 C  CA  . PHE A 1 151 ? -16.091 8.320   9.372   1.00 17.32 ? 151 PHE A CA  1 
ATOM   1180 C  C   . PHE A 1 151 ? -14.988 9.346   9.617   1.00 19.22 ? 151 PHE A C   1 
ATOM   1181 O  O   . PHE A 1 151 ? -14.977 10.439  8.994   1.00 18.85 ? 151 PHE A O   1 
ATOM   1182 C  CB  . PHE A 1 151 ? -15.543 7.062   8.696   1.00 15.01 ? 151 PHE A CB  1 
ATOM   1183 C  CG  . PHE A 1 151 ? -16.552 5.966   8.599   1.00 15.52 ? 151 PHE A CG  1 
ATOM   1184 C  CD1 . PHE A 1 151 ? -17.483 5.931   7.569   1.00 18.62 ? 151 PHE A CD1 1 
ATOM   1185 C  CD2 . PHE A 1 151 ? -16.577 4.930   9.492   1.00 15.64 ? 151 PHE A CD2 1 
ATOM   1186 C  CE1 . PHE A 1 151 ? -18.447 4.934   7.470   1.00 17.74 ? 151 PHE A CE1 1 
ATOM   1187 C  CE2 . PHE A 1 151 ? -17.518 3.938   9.426   1.00 15.37 ? 151 PHE A CE2 1 
ATOM   1188 C  CZ  . PHE A 1 151 ? -18.468 3.975   8.449   1.00 16.90 ? 151 PHE A CZ  1 
ATOM   1189 N  N   . GLN A 1 152 ? -14.125 9.052   10.571  1.00 20.24 ? 152 GLN A N   1 
ATOM   1190 C  CA  . GLN A 1 152 ? -13.007 9.964   10.888  1.00 25.47 ? 152 GLN A CA  1 
ATOM   1191 C  C   . GLN A 1 152 ? -11.938 9.903   9.810   1.00 28.07 ? 152 GLN A C   1 
ATOM   1192 O  O   . GLN A 1 152 ? -11.425 8.810   9.550   1.00 30.73 ? 152 GLN A O   1 
ATOM   1193 C  CB  . GLN A 1 152 ? -12.444 9.573   12.273  1.00 25.70 ? 152 GLN A CB  1 
ATOM   1194 C  CG  . GLN A 1 152 ? -13.541 9.717   13.363  1.00 29.13 ? 152 GLN A CG  1 
ATOM   1195 C  CD  . GLN A 1 152 ? -13.780 11.137  13.809  1.00 32.77 ? 152 GLN A CD  1 
ATOM   1196 O  OE1 . GLN A 1 152 ? -12.810 11.865  14.135  1.00 35.32 ? 152 GLN A OE1 1 
ATOM   1197 N  NE2 . GLN A 1 152 ? -15.019 11.609  13.831  1.00 33.14 ? 152 GLN A NE2 1 
ATOM   1198 N  N   . GLY A 1 153 ? -11.573 10.964  9.169   1.00 30.75 ? 153 GLY A N   1 
ATOM   1199 C  CA  . GLY A 1 153 ? -10.526 10.992  8.115   1.00 34.97 ? 153 GLY A CA  1 
ATOM   1200 C  C   . GLY A 1 153 ? -9.408  11.929  8.580   1.00 39.44 ? 153 GLY A C   1 
ATOM   1201 O  O   . GLY A 1 153 ? -8.291  11.849  8.053   1.00 40.49 ? 153 GLY A O   1 
ATOM   1202 O  OXT . GLY A 1 153 ? -9.693  12.758  9.491   1.00 42.57 ? 153 GLY A OXT 1 
HETATM 1203 C  C   . CYN B 2 .   ? -6.095  -5.079  1.807   1.00 13.41 ? 155 CYN A C   1 
HETATM 1204 N  N   . CYN B 2 .   ? -5.338  -5.925  1.765   1.00 12.41 ? 155 CYN A N   1 
HETATM 1205 C  CHA . HEM C 3 .   ? -9.419  -6.307  0.844   1.00 11.28 ? 154 HEM A CHA 1 
HETATM 1206 C  CHB . HEM C 3 .   ? -6.838  -2.929  -1.499  1.00 7.51  ? 154 HEM A CHB 1 
HETATM 1207 C  CHC . HEM C 3 .   ? -4.892  -1.461  2.656   1.00 10.34 ? 154 HEM A CHC 1 
HETATM 1208 C  CHD . HEM C 3 .   ? -7.610  -4.639  4.983   1.00 9.63  ? 154 HEM A CHD 1 
HETATM 1209 C  C1A . HEM C 3 .   ? -8.951  -5.400  -0.122  1.00 11.46 ? 154 HEM A C1A 1 
HETATM 1210 C  C2A . HEM C 3 .   ? -9.258  -5.519  -1.516  1.00 10.44 ? 154 HEM A C2A 1 
HETATM 1211 C  C3A . HEM C 3 .   ? -8.591  -4.545  -2.142  1.00 11.31 ? 154 HEM A C3A 1 
HETATM 1212 C  C4A . HEM C 3 .   ? -7.661  -3.985  -1.181  1.00 9.15  ? 154 HEM A C4A 1 
HETATM 1213 C  CMA . HEM C 3 .   ? -8.413  -4.269  -3.669  1.00 10.94 ? 154 HEM A CMA 1 
HETATM 1214 C  CAA . HEM C 3 .   ? -10.357 -6.449  -2.104  1.00 10.82 ? 154 HEM A CAA 1 
HETATM 1215 C  CBA . HEM C 3 .   ? -11.675 -5.692  -2.416  1.00 13.40 ? 154 HEM A CBA 1 
HETATM 1216 C  CGA . HEM C 3 .   ? -12.322 -5.005  -1.224  1.00 16.56 ? 154 HEM A CGA 1 
HETATM 1217 O  O1A . HEM C 3 .   ? -12.766 -5.745  -0.340  1.00 17.89 ? 154 HEM A O1A 1 
HETATM 1218 O  O2A . HEM C 3 .   ? -12.317 -3.728  -1.076  1.00 21.07 ? 154 HEM A O2A 1 
HETATM 1219 C  C1B . HEM C 3 .   ? -6.060  -2.198  -0.603  1.00 9.15  ? 154 HEM A C1B 1 
HETATM 1220 C  C2B . HEM C 3 .   ? -5.035  -1.234  -0.933  1.00 8.14  ? 154 HEM A C2B 1 
HETATM 1221 C  C3B . HEM C 3 .   ? -4.484  -0.831  0.222   1.00 9.22  ? 154 HEM A C3B 1 
HETATM 1222 C  C4B . HEM C 3 .   ? -5.199  -1.513  1.308   1.00 8.94  ? 154 HEM A C4B 1 
HETATM 1223 C  CMB . HEM C 3 .   ? -4.794  -0.702  -2.356  1.00 6.43  ? 154 HEM A CMB 1 
HETATM 1224 C  CAB . HEM C 3 .   ? -3.494  0.294   0.492   1.00 8.75  ? 154 HEM A CAB 1 
HETATM 1225 C  CBB . HEM C 3 .   ? -2.490  0.532   -0.330  1.00 11.83 ? 154 HEM A CBB 1 
HETATM 1226 C  C1C . HEM C 3 .   ? -5.412  -2.212  3.704   1.00 11.48 ? 154 HEM A C1C 1 
HETATM 1227 C  C2C . HEM C 3 .   ? -5.052  -2.172  5.129   1.00 9.63  ? 154 HEM A C2C 1 
HETATM 1228 C  C3C . HEM C 3 .   ? -5.824  -3.033  5.775   1.00 8.97  ? 154 HEM A C3C 1 
HETATM 1229 C  C4C . HEM C 3 .   ? -6.712  -3.611  4.794   1.00 9.34  ? 154 HEM A C4C 1 
HETATM 1230 C  CMC . HEM C 3 .   ? -3.966  -1.219  5.625   1.00 11.12 ? 154 HEM A CMC 1 
HETATM 1231 C  CAC . HEM C 3 .   ? -5.689  -3.670  7.166   1.00 10.28 ? 154 HEM A CAC 1 
HETATM 1232 C  CBC . HEM C 3 .   ? -4.829  -3.280  8.082   1.00 12.78 ? 154 HEM A CBC 1 
HETATM 1233 C  C1D . HEM C 3 .   ? -8.418  -5.261  4.077   1.00 9.64  ? 154 HEM A C1D 1 
HETATM 1234 C  C2D . HEM C 3 .   ? -9.255  -6.397  4.408   1.00 12.21 ? 154 HEM A C2D 1 
HETATM 1235 C  C3D . HEM C 3 .   ? -9.769  -6.864  3.250   1.00 11.99 ? 154 HEM A C3D 1 
HETATM 1236 C  C4D . HEM C 3 .   ? -9.188  -6.081  2.164   1.00 10.57 ? 154 HEM A C4D 1 
HETATM 1237 C  CMD . HEM C 3 .   ? -9.618  -6.776  5.858   1.00 9.98  ? 154 HEM A CMD 1 
HETATM 1238 C  CAD . HEM C 3 .   ? -10.505 -8.210  3.018   1.00 13.56 ? 154 HEM A CAD 1 
HETATM 1239 C  CBD . HEM C 3 .   ? -9.494  -9.411  3.075   1.00 16.29 ? 154 HEM A CBD 1 
HETATM 1240 C  CGD . HEM C 3 .   ? -10.267 -10.716 2.849   1.00 24.77 ? 154 HEM A CGD 1 
HETATM 1241 O  O1D . HEM C 3 .   ? -10.828 -10.778 1.697   1.00 29.58 ? 154 HEM A O1D 1 
HETATM 1242 O  O2D . HEM C 3 .   ? -11.043 -11.090 3.785   1.00 28.32 ? 154 HEM A O2D 1 
HETATM 1243 N  NA  . HEM C 3 .   ? -8.062  -4.369  0.105   1.00 8.17  ? 154 HEM A NA  1 
HETATM 1244 N  NB  . HEM C 3 .   ? -6.116  -2.397  0.785   1.00 9.14  ? 154 HEM A NB  1 
HETATM 1245 N  NC  . HEM C 3 .   ? -6.444  -3.107  3.515   1.00 10.24 ? 154 HEM A NC  1 
HETATM 1246 N  ND  . HEM C 3 .   ? -8.420  -5.035  2.687   1.00 9.56  ? 154 HEM A ND  1 
HETATM 1247 FE FE  . HEM C 3 .   ? -7.314  -3.693  1.789   1.00 10.44 ? 154 HEM A FE  1 
HETATM 1248 O  O   . HOH D 4 .   ? -1.396  25.028  -3.117  1.00 80.41 ? 200 HOH A O   1 
HETATM 1249 O  O   . HOH D 4 .   ? 1.207   14.537  -1.932  1.00 18.11 ? 201 HOH A O   1 
HETATM 1250 O  O   . HOH D 4 .   ? -5.390  19.374  4.627   1.00 30.63 ? 202 HOH A O   1 
HETATM 1251 O  O   . HOH D 4 .   ? 7.451   18.513  -14.477 1.00 22.12 ? 203 HOH A O   1 
HETATM 1252 O  O   . HOH D 4 .   ? -1.218  15.164  -9.052  1.00 36.49 ? 204 HOH A O   1 
HETATM 1253 O  O   . HOH D 4 .   ? 4.669   11.745  -16.261 1.00 36.07 ? 205 HOH A O   1 
HETATM 1254 O  O   . HOH D 4 .   ? 0.913   -3.024  -11.263 1.00 24.73 ? 206 HOH A O   1 
HETATM 1255 O  O   . HOH D 4 .   ? 5.406   -9.738  -11.281 1.00 18.62 ? 207 HOH A O   1 
HETATM 1256 O  O   . HOH D 4 .   ? -4.499  -11.056 -14.574 1.00 44.95 ? 208 HOH A O   1 
HETATM 1257 O  O   . HOH D 4 .   ? 12.307  -6.006  -9.193  1.00 20.38 ? 209 HOH A O   1 
HETATM 1258 O  O   . HOH D 4 .   ? -1.221  -8.742  -10.726 1.00 37.70 ? 210 HOH A O   1 
HETATM 1259 O  O   . HOH D 4 .   ? 18.969  -4.521  17.695  1.00 51.93 ? 211 HOH A O   1 
HETATM 1260 O  O   . HOH D 4 .   ? 2.989   -9.951  14.766  1.00 38.55 ? 212 HOH A O   1 
HETATM 1261 O  O   . HOH D 4 .   ? 17.107  1.272   13.663  1.00 47.05 ? 213 HOH A O   1 
HETATM 1262 O  O   . HOH D 4 .   ? 5.733   2.523   10.078  1.00 36.64 ? 214 HOH A O   1 
HETATM 1263 O  O   . HOH D 4 .   ? -0.477  -5.645  23.953  1.00 42.48 ? 215 HOH A O   1 
HETATM 1264 O  O   . HOH D 4 .   ? 0.001   -3.480  18.884  1.00 46.55 ? 216 HOH A O   1 
HETATM 1265 O  O   . HOH D 4 .   ? -7.001  -3.985  15.473  1.00 40.92 ? 217 HOH A O   1 
HETATM 1266 O  O   . HOH D 4 .   ? -13.991 -7.337  6.565   1.00 46.36 ? 218 HOH A O   1 
HETATM 1267 O  O   . HOH D 4 .   ? -11.240 -9.736  7.609   1.00 23.08 ? 219 HOH A O   1 
HETATM 1268 O  O   . HOH D 4 .   ? -11.466 -9.634  11.711  1.00 29.24 ? 220 HOH A O   1 
HETATM 1269 O  O   . HOH D 4 .   ? -27.851 -13.900 4.644   1.00 32.35 ? 221 HOH A O   1 
HETATM 1270 O  O   . HOH D 4 .   ? -9.524  -11.384 6.166   1.00 18.68 ? 222 HOH A O   1 
HETATM 1271 O  O   . HOH D 4 .   ? -13.438 -10.459 5.445   1.00 38.98 ? 223 HOH A O   1 
HETATM 1272 O  O   . HOH D 4 .   ? 6.243   -15.194 17.284  1.00 17.85 ? 224 HOH A O   1 
HETATM 1273 O  O   . HOH D 4 .   ? 8.402   -20.528 6.187   1.00 17.17 ? 225 HOH A O   1 
HETATM 1274 O  O   . HOH D 4 .   ? -0.970  -21.219 5.866   1.00 32.62 ? 226 HOH A O   1 
HETATM 1275 O  O   . HOH D 4 .   ? 0.239   -21.747 1.870   1.00 19.07 ? 227 HOH A O   1 
HETATM 1276 O  O   . HOH D 4 .   ? -4.696  -17.938 5.571   1.00 32.58 ? 228 HOH A O   1 
HETATM 1277 O  O   . HOH D 4 .   ? -3.503  -20.657 -5.101  1.00 35.06 ? 229 HOH A O   1 
HETATM 1278 O  O   . HOH D 4 .   ? -0.225  -18.839 -5.431  1.00 35.82 ? 230 HOH A O   1 
HETATM 1279 O  O   . HOH D 4 .   ? -7.386  -20.691 1.470   1.00 42.72 ? 231 HOH A O   1 
HETATM 1280 O  O   . HOH D 4 .   ? -12.862 -8.262  -0.570  1.00 42.65 ? 232 HOH A O   1 
HETATM 1281 O  O   . HOH D 4 .   ? 6.022   -16.166 -6.251  1.00 34.27 ? 233 HOH A O   1 
HETATM 1282 O  O   . HOH D 4 .   ? -6.988  -11.673 -2.304  1.00 31.25 ? 235 HOH A O   1 
HETATM 1283 O  O   . HOH D 4 .   ? -5.791  -14.111 -0.121  1.00 21.44 ? 236 HOH A O   1 
HETATM 1284 O  O   . HOH D 4 .   ? -9.257  -3.349  -7.608  1.00 47.20 ? 237 HOH A O   1 
HETATM 1285 O  O   . HOH D 4 .   ? -13.117 -2.357  -2.878  1.00 43.47 ? 239 HOH A O   1 
HETATM 1286 O  O   . HOH D 4 .   ? -10.744 8.300   -12.159 1.00 47.55 ? 240 HOH A O   1 
HETATM 1287 O  O   . HOH D 4 .   ? 5.298   7.177   3.998   1.00 35.47 ? 241 HOH A O   1 
HETATM 1288 O  O   . HOH D 4 .   ? 11.563  7.668   5.367   1.00 47.15 ? 242 HOH A O   1 
HETATM 1289 O  O   . HOH D 4 .   ? 4.833   0.005   8.784   1.00 26.59 ? 243 HOH A O   1 
HETATM 1290 O  O   . HOH D 4 .   ? 9.727   2.086   7.053   1.00 37.80 ? 244 HOH A O   1 
HETATM 1291 O  O   . HOH D 4 .   ? 5.943   13.448  2.149   1.00 59.63 ? 245 HOH A O   1 
HETATM 1292 O  O   . HOH D 4 .   ? 5.589   6.133   22.622  1.00 25.08 ? 246 HOH A O   1 
HETATM 1293 O  O   . HOH D 4 .   ? 15.550  -9.715  -2.854  1.00 54.52 ? 247 HOH A O   1 
HETATM 1294 O  O   . HOH D 4 .   ? 19.745  -5.682  -3.805  1.00 45.45 ? 248 HOH A O   1 
HETATM 1295 O  O   . HOH D 4 .   ? 12.356  -9.066  -8.840  1.00 75.80 ? 249 HOH A O   1 
HETATM 1296 O  O   . HOH D 4 .   ? 28.546  -0.129  -1.966  1.00 68.01 ? 250 HOH A O   1 
HETATM 1297 O  O   . HOH D 4 .   ? 25.863  -3.931  -11.500 1.00 64.65 ? 251 HOH A O   1 
HETATM 1298 O  O   . HOH D 4 .   ? 13.819  3.644   -8.490  1.00 24.96 ? 252 HOH A O   1 
HETATM 1299 O  O   . HOH D 4 .   ? 17.074  -0.122  -13.870 1.00 30.12 ? 253 HOH A O   1 
HETATM 1300 O  O   . HOH D 4 .   ? 16.356  6.281   -0.394  1.00 24.07 ? 254 HOH A O   1 
HETATM 1301 O  O   . HOH D 4 .   ? 16.832  7.429   -7.563  1.00 20.56 ? 255 HOH A O   1 
HETATM 1302 O  O   . HOH D 4 .   ? 15.371  14.711  -2.730  1.00 48.21 ? 256 HOH A O   1 
HETATM 1303 O  O   . HOH D 4 .   ? 8.164   13.938  -0.365  1.00 30.58 ? 257 HOH A O   1 
HETATM 1304 O  O   . HOH D 4 .   ? 20.274  10.279  0.427   1.00 58.60 ? 258 HOH A O   1 
HETATM 1305 O  O   . HOH D 4 .   ? -1.854  8.717   -5.865  1.00 27.53 ? 259 HOH A O   1 
HETATM 1306 O  O   . HOH D 4 .   ? -2.932  8.425   -8.833  1.00 16.69 ? 260 HOH A O   1 
HETATM 1307 O  O   . HOH D 4 .   ? 0.013   16.646  3.755   1.00 37.11 ? 261 HOH A O   1 
HETATM 1308 O  O   . HOH D 4 .   ? 3.551   8.646   2.272   1.00 27.05 ? 262 HOH A O   1 
HETATM 1309 O  O   . HOH D 4 .   ? -6.681  23.256  1.719   1.00 35.41 ? 263 HOH A O   1 
HETATM 1310 O  O   . HOH D 4 .   ? -5.183  18.422  -0.274  1.00 50.82 ? 264 HOH A O   1 
HETATM 1311 O  O   . HOH D 4 .   ? -7.850  14.414  3.421   1.00 29.52 ? 265 HOH A O   1 
HETATM 1312 O  O   . HOH D 4 .   ? -10.067 16.251  -0.429  1.00 46.18 ? 266 HOH A O   1 
HETATM 1313 O  O   . HOH D 4 .   ? -3.461  17.837  3.382   1.00 41.68 ? 267 HOH A O   1 
HETATM 1314 O  O   . HOH D 4 .   ? -18.529 12.204  -5.950  1.00 34.87 ? 268 HOH A O   1 
HETATM 1315 O  O   . HOH D 4 .   ? -9.877  12.192  -5.922  1.00 32.16 ? 269 HOH A O   1 
HETATM 1316 O  O   . HOH D 4 .   ? -11.515 18.025  -7.222  1.00 54.46 ? 270 HOH A O   1 
HETATM 1317 O  O   . HOH D 4 .   ? -14.465 14.922  2.474   1.00 28.80 ? 271 HOH A O   1 
HETATM 1318 O  O   . HOH D 4 .   ? -14.155 15.894  -0.640  1.00 45.75 ? 272 HOH A O   1 
HETATM 1319 O  O   . HOH D 4 .   ? -21.694 16.178  3.025   1.00 34.41 ? 273 HOH A O   1 
HETATM 1320 O  O   . HOH D 4 .   ? -17.350 15.895  2.862   1.00 40.45 ? 274 HOH A O   1 
HETATM 1321 O  O   . HOH D 4 .   ? -7.357  -16.758 11.093  1.00 16.20 ? 275 HOH A O   1 
HETATM 1322 O  O   . HOH D 4 .   ? 0.836   11.169  17.084  1.00 20.48 ? 276 HOH A O   1 
HETATM 1323 O  O   . HOH D 4 .   ? 4.117   -17.424 0.370   1.00 24.72 ? 277 HOH A O   1 
HETATM 1324 O  O   . HOH D 4 .   ? 8.183   -14.263 14.085  1.00 20.60 ? 279 HOH A O   1 
HETATM 1325 O  O   . HOH D 4 .   ? 17.344  3.323   -0.980  1.00 22.66 ? 280 HOH A O   1 
HETATM 1326 O  O   . HOH D 4 .   ? 6.624   1.103   -14.875 1.00 37.49 ? 281 HOH A O   1 
HETATM 1327 O  O   . HOH D 4 .   ? 12.264  11.335  1.558   1.00 35.41 ? 282 HOH A O   1 
HETATM 1328 O  O   . HOH D 4 .   ? -6.993  6.529   12.225  1.00 29.25 ? 283 HOH A O   1 
HETATM 1329 O  O   . HOH D 4 .   ? -16.566 15.477  -0.389  1.00 23.38 ? 284 HOH A O   1 
HETATM 1330 O  O   . HOH D 4 .   ? 13.578  12.431  -0.429  1.00 34.55 ? 285 HOH A O   1 
HETATM 1331 O  O   . HOH D 4 .   ? -11.944 -6.472  8.959   1.00 23.82 ? 286 HOH A O   1 
HETATM 1332 O  O   . HOH D 4 .   ? -2.465  -19.125 5.162   1.00 31.93 ? 287 HOH A O   1 
HETATM 1333 O  O   . HOH D 4 .   ? -7.171  0.229   -8.891  1.00 20.93 ? 288 HOH A O   1 
HETATM 1334 O  O   . HOH D 4 .   ? -3.377  -1.859  19.349  1.00 30.14 ? 289 HOH A O   1 
HETATM 1335 O  O   . HOH D 4 .   ? 11.374  13.263  -14.880 1.00 42.86 ? 290 HOH A O   1 
HETATM 1336 O  O   . HOH D 4 .   ? -1.672  -22.069 -3.669  1.00 42.10 ? 291 HOH A O   1 
HETATM 1337 O  O   . HOH D 4 .   ? 19.028  -3.941  1.524   1.00 33.78 ? 292 HOH A O   1 
HETATM 1338 O  O   . HOH D 4 .   ? 15.736  -7.226  -5.748  1.00 33.62 ? 293 HOH A O   1 
HETATM 1339 O  O   . HOH D 4 .   ? 15.782  13.389  -10.151 1.00 33.46 ? 294 HOH A O   1 
HETATM 1340 O  O   . HOH D 4 .   ? -4.359  9.849   10.829  1.00 41.76 ? 295 HOH A O   1 
HETATM 1341 O  O   . HOH D 4 .   ? -2.145  -20.321 2.228   1.00 26.08 ? 296 HOH A O   1 
HETATM 1342 O  O   . HOH D 4 .   ? 5.177   19.008  -0.424  1.00 60.93 ? 297 HOH A O   1 
HETATM 1343 O  O   . HOH D 4 .   ? -6.171  13.899  -6.822  1.00 41.86 ? 299 HOH A O   1 
HETATM 1344 O  O   . HOH D 4 .   ? -7.026  -2.630  -10.807 1.00 30.92 ? 300 HOH A O   1 
HETATM 1345 O  O   . HOH D 4 .   ? -10.045 6.632   10.187  1.00 22.34 ? 301 HOH A O   1 
HETATM 1346 O  O   . HOH D 4 .   ? 16.178  -2.700  -10.816 1.00 53.25 ? 302 HOH A O   1 
HETATM 1347 O  O   . HOH D 4 .   ? -0.961  -20.681 12.200  1.00 49.64 ? 303 HOH A O   1 
HETATM 1348 O  O   . HOH D 4 .   ? 3.065   6.891   6.152   1.00 34.90 ? 304 HOH A O   1 
HETATM 1349 O  O   . HOH D 4 .   ? 11.682  13.812  -5.921  1.00 27.91 ? 305 HOH A O   1 
HETATM 1350 O  O   . HOH D 4 .   ? -10.738 11.759  -14.321 1.00 46.12 ? 306 HOH A O   1 
HETATM 1351 O  O   . HOH D 4 .   ? -4.297  -20.372 -1.203  1.00 35.44 ? 307 HOH A O   1 
HETATM 1352 O  O   . HOH D 4 .   ? 12.114  -9.972  -5.577  1.00 45.74 ? 308 HOH A O   1 
HETATM 1353 O  O   . HOH D 4 .   ? -21.067 10.321  -0.273  1.00 33.68 ? 309 HOH A O   1 
HETATM 1354 O  O   . HOH D 4 .   ? 9.077   14.924  -4.729  1.00 30.46 ? 310 HOH A O   1 
HETATM 1355 O  O   . HOH D 4 .   ? 3.659   2.241   -16.263 1.00 40.21 ? 311 HOH A O   1 
HETATM 1356 O  O   . HOH D 4 .   ? -1.948  -9.233  16.577  1.00 32.47 ? 312 HOH A O   1 
HETATM 1357 O  O   . HOH D 4 .   ? 4.863   0.510   -14.724 1.00 49.55 ? 313 HOH A O   1 
HETATM 1358 O  O   . HOH D 4 .   ? -8.546  15.205  -11.089 1.00 47.25 ? 314 HOH A O   1 
HETATM 1359 O  O   . HOH D 4 .   ? -19.825 0.317   9.671   1.00 39.03 ? 315 HOH A O   1 
HETATM 1360 O  O   . HOH D 4 .   ? -1.180  -13.967 16.267  1.00 67.77 ? 316 HOH A O   1 
HETATM 1361 O  O   . HOH D 4 .   ? -9.307  -9.633  -0.699  1.00 27.82 ? 317 HOH A O   1 
HETATM 1362 O  O   . HOH D 4 .   ? -13.406 2.503   9.677   1.00 39.50 ? 318 HOH A O   1 
HETATM 1363 O  O   . HOH D 4 .   ? 3.826   16.503  0.276   1.00 45.39 ? 319 HOH A O   1 
HETATM 1364 O  O   . HOH D 4 .   ? -29.916 25.695  10.268  1.00 40.29 ? 320 HOH A O   1 
HETATM 1365 O  O   . HOH D 4 .   ? 9.396   -11.697 13.771  1.00 37.66 ? 321 HOH A O   1 
HETATM 1366 O  O   . HOH D 4 .   ? 12.071  15.205  -8.377  1.00 34.95 ? 322 HOH A O   1 
HETATM 1367 O  O   . HOH D 4 .   ? 16.792  -2.442  5.156   1.00 43.54 ? 323 HOH A O   1 
HETATM 1368 O  O   . HOH D 4 .   ? -21.617 5.573   8.026   1.00 42.88 ? 324 HOH A O   1 
HETATM 1369 O  O   . HOH D 4 .   ? 0.991   -22.358 4.605   1.00 52.78 ? 325 HOH A O   1 
HETATM 1370 O  O   . HOH D 4 .   ? -8.904  -0.874  15.339  1.00 54.70 ? 326 HOH A O   1 
HETATM 1371 O  O   . HOH D 4 .   ? -9.340  12.756  -8.897  1.00 48.79 ? 327 HOH A O   1 
HETATM 1372 O  O   . HOH D 4 .   ? -25.199 4.630   4.365   1.00 44.66 ? 328 HOH A O   1 
HETATM 1373 O  O   . HOH D 4 .   ? -15.867 12.603  10.573  1.00 42.28 ? 329 HOH A O   1 
HETATM 1374 O  O   . HOH D 4 .   ? -0.982  9.646   19.759  1.00 60.09 ? 330 HOH A O   1 
HETATM 1375 O  O   . HOH D 4 .   ? 6.521   -8.849  16.092  1.00 71.86 ? 332 HOH A O   1 
HETATM 1376 O  O   . HOH D 4 .   ? 4.791   -3.633  18.752  1.00 59.21 ? 333 HOH A O   1 
HETATM 1377 O  O   . HOH D 4 .   ? -1.493  -6.219  18.986  1.00 50.33 ? 334 HOH A O   1 
HETATM 1378 O  O   . HOH D 4 .   ? 4.731   -22.734 0.894   1.00 52.42 ? 335 HOH A O   1 
HETATM 1379 O  O   . HOH D 4 .   ? 2.941   -23.858 -0.915  1.00 44.13 ? 336 HOH A O   1 
HETATM 1380 O  O   . HOH D 4 .   ? -7.298  -14.328 -2.594  1.00 52.89 ? 337 HOH A O   1 
HETATM 1381 O  O   . HOH D 4 .   ? -20.863 -13.716 -2.310  1.00 54.58 ? 339 HOH A O   1 
HETATM 1382 O  O   . HOH D 4 .   ? -16.873 -0.600  -2.425  1.00 67.67 ? 340 HOH A O   1 
HETATM 1383 O  O   . HOH D 4 .   ? 12.255  5.796   5.911   1.00 48.31 ? 341 HOH A O   1 
HETATM 1384 O  O   . HOH D 4 .   ? 7.711   17.930  4.662   1.00 39.09 ? 342 HOH A O   1 
HETATM 1385 O  O   . HOH D 4 .   ? 2.224   4.404   23.362  1.00 66.52 ? 343 HOH A O   1 
HETATM 1386 O  O   . HOH D 4 .   ? 19.041  -4.485  -5.609  1.00 43.28 ? 344 HOH A O   1 
HETATM 1387 O  O   . HOH D 4 .   ? 22.652  5.540   -8.704  1.00 49.69 ? 345 HOH A O   1 
HETATM 1388 O  O   . HOH D 4 .   ? 19.763  5.924   -7.139  1.00 36.99 ? 346 HOH A O   1 
HETATM 1389 O  O   . HOH D 4 .   ? 13.805  15.418  -5.746  1.00 41.71 ? 347 HOH A O   1 
HETATM 1390 O  O   . HOH D 4 .   ? -3.275  15.870  -0.673  1.00 41.75 ? 348 HOH A O   1 
HETATM 1391 O  O   . HOH D 4 .   ? -4.277  17.428  -3.961  1.00 50.96 ? 349 HOH A O   1 
HETATM 1392 O  O   . HOH D 4 .   ? -5.917  16.507  2.130   1.00 65.01 ? 350 HOH A O   1 
HETATM 1393 O  O   . HOH D 4 .   ? -14.066 15.369  -3.844  1.00 54.13 ? 351 HOH A O   1 
HETATM 1394 O  O   . HOH D 4 .   ? -24.041 2.587   -0.150  1.00 51.05 ? 352 HOH A O   1 
HETATM 1395 O  O   . HOH D 4 .   ? -5.607  -5.515  26.201  1.00 44.90 ? 353 HOH A O   1 
HETATM 1396 O  O   . HOH D 4 .   ? 10.274  -7.915  9.103   1.00 50.43 ? 354 HOH A O   1 
HETATM 1397 O  O   . HOH D 4 .   ? 19.213  -15.325 -7.344  1.00 65.42 ? 356 HOH A O   1 
HETATM 1398 O  O   . HOH D 4 .   ? 18.795  -15.833 2.834   1.00 57.53 ? 357 HOH A O   1 
HETATM 1399 O  O   . HOH D 4 .   ? 29.422  -3.763  -10.830 1.00 52.41 ? 358 HOH A O   1 
HETATM 1400 O  O   . HOH D 4 .   ? 14.430  3.884   -12.125 1.00 39.63 ? 359 HOH A O   1 
HETATM 1401 O  O   . HOH D 4 .   ? 12.327  6.595   -10.235 1.00 51.18 ? 360 HOH A O   1 
HETATM 1402 O  O   . HOH D 4 .   ? 11.794  19.244  -1.618  1.00 59.59 ? 361 HOH A O   1 
HETATM 1403 O  O   . HOH D 4 .   ? 9.620   15.272  -2.312  1.00 44.17 ? 362 HOH A O   1 
HETATM 1404 O  O   . HOH D 4 .   ? 9.952   13.383  1.843   1.00 52.09 ? 363 HOH A O   1 
HETATM 1405 O  O   . HOH D 4 .   ? -3.490  15.642  -8.064  1.00 49.09 ? 364 HOH A O   1 
HETATM 1406 O  O   . HOH D 4 .   ? -0.794  18.408  1.059   1.00 44.15 ? 365 HOH A O   1 
HETATM 1407 O  O   . HOH D 4 .   ? -16.834 20.795  4.867   1.00 49.18 ? 366 HOH A O   1 
HETATM 1408 O  O   . HOH D 4 .   ? -11.285 11.957  -2.714  1.00 37.14 ? 367 HOH A O   1 
HETATM 1409 O  O   . HOH D 4 .   ? -10.914 15.028  -5.337  1.00 58.76 ? 368 HOH A O   1 
HETATM 1410 O  O   . HOH D 4 .   ? 7.510   17.320  7.759   1.00 43.66 ? 369 HOH A O   1 
HETATM 1411 O  O   . HOH D 4 .   ? -11.085 16.770  4.423   1.00 47.37 ? 371 HOH A O   1 
HETATM 1412 O  O   . HOH D 4 .   ? -1.449  -28.192 6.206   1.00 55.12 ? 372 HOH A O   1 
HETATM 1413 O  O   . HOH D 4 .   ? -4.020  -0.749  22.922  1.00 41.40 ? 373 HOH A O   1 
HETATM 1414 O  O   . HOH D 4 .   ? 12.853  10.427  -13.994 1.00 54.77 ? 374 HOH A O   1 
HETATM 1415 O  O   . HOH D 4 .   ? 11.651  13.251  -12.739 1.00 38.10 ? 375 HOH A O   1 
HETATM 1416 O  O   . HOH D 4 .   ? 14.165  12.385  -12.947 1.00 40.03 ? 376 HOH A O   1 
HETATM 1417 O  O   . HOH D 4 .   ? 15.344  -4.236  6.034   1.00 49.05 ? 377 HOH A O   1 
HETATM 1418 O  O   . HOH D 4 .   ? 18.193  -8.256  1.578   1.00 45.09 ? 378 HOH A O   1 
HETATM 1419 O  O   . HOH D 4 .   ? 14.164  15.538  -9.120  1.00 44.58 ? 379 HOH A O   1 
HETATM 1420 O  O   . HOH D 4 .   ? 14.527  -0.443  4.806   1.00 43.28 ? 380 HOH A O   1 
HETATM 1421 O  O   . HOH D 4 .   ? -14.657 -5.889  10.246  1.00 67.17 ? 381 HOH A O   1 
HETATM 1422 O  O   . HOH D 4 .   ? -12.399 -7.135  11.688  1.00 50.18 ? 382 HOH A O   1 
HETATM 1423 O  O   . HOH D 4 .   ? -12.954 -6.630  16.034  1.00 50.45 ? 383 HOH A O   1 
HETATM 1424 O  O   . HOH D 4 .   ? -9.979  -9.925  16.128  1.00 45.77 ? 384 HOH A O   1 
HETATM 1425 O  O   . HOH D 4 .   ? -10.164 -4.341  18.938  1.00 61.70 ? 385 HOH A O   1 
HETATM 1426 O  O   . HOH D 4 .   ? -14.464 -9.815  24.234  1.00 65.33 ? 386 HOH A O   1 
HETATM 1427 O  O   . HOH D 4 .   ? 1.580   -23.923 11.707  1.00 46.68 ? 388 HOH A O   1 
HETATM 1428 O  O   . HOH D 4 .   ? 2.434   3.550   -17.271 1.00 39.61 ? 389 HOH A O   1 
HETATM 1429 O  O   . HOH D 4 .   ? -2.028  -1.870  -13.889 1.00 47.88 ? 390 HOH A O   1 
HETATM 1430 O  O   . HOH D 4 .   ? -1.822  -12.232 17.978  1.00 65.89 ? 391 HOH A O   1 
HETATM 1431 O  O   . HOH D 4 .   ? 0.886   -8.077  20.107  1.00 58.48 ? 392 HOH A O   1 
HETATM 1432 O  O   . HOH D 4 .   ? -11.601 -16.163 8.146   1.00 18.26 ? 393 HOH A O   1 
HETATM 1433 O  O   . HOH D 4 .   ? -16.777 12.454  -3.557  1.00 52.78 ? 394 HOH A O   1 
HETATM 1434 O  O   . HOH D 4 .   ? -23.193 5.364   -10.165 1.00 60.74 ? 395 HOH A O   1 
HETATM 1435 O  O   . HOH D 4 .   ? -22.474 2.947   5.247   1.00 51.43 ? 397 HOH A O   1 
HETATM 1436 O  O   . HOH D 4 .   ? -4.097  -22.604 2.716   1.00 56.02 ? 398 HOH A O   1 
HETATM 1437 O  O   . HOH D 4 .   ? -9.318  1.789   15.355  1.00 53.27 ? 399 HOH A O   1 
HETATM 1438 O  O   . HOH D 4 .   ? 9.314   6.493   -6.821  1.00 52.57 ? 400 HOH A O   1 
HETATM 1439 O  O   . HOH D 4 .   ? 17.008  3.067   -11.954 1.00 56.68 ? 401 HOH A O   1 
HETATM 1440 O  O   . HOH D 4 .   ? 7.556   20.636  -7.635  1.00 52.89 ? 402 HOH A O   1 
HETATM 1441 O  O   . HOH D 4 .   ? 5.445   19.605  -3.513  1.00 67.70 ? 403 HOH A O   1 
HETATM 1442 O  O   . HOH D 4 .   ? 11.237  -5.824  9.103   1.00 59.95 ? 409 HOH A O   1 
HETATM 1443 O  O   . HOH D 4 .   ? 16.417  0.817   9.922   1.00 68.36 ? 410 HOH A O   1 
HETATM 1444 O  O   . HOH D 4 .   ? 8.830   -4.604  10.369  1.00 62.61 ? 411 HOH A O   1 
HETATM 1445 O  O   . HOH D 4 .   ? 2.320   -1.835  17.652  1.00 65.85 ? 414 HOH A O   1 
HETATM 1446 O  O   . HOH D 4 .   ? 12.089  -5.358  16.384  1.00 63.96 ? 416 HOH A O   1 
HETATM 1447 O  O   . HOH D 4 .   ? 16.457  13.309  1.250   1.00 62.90 ? 417 HOH A O   1 
HETATM 1448 O  O   . HOH D 4 .   ? 16.356  14.096  11.628  1.00 47.70 ? 418 HOH A O   1 
HETATM 1449 O  O   . HOH D 4 .   ? -4.194  -13.867 19.241  1.00 60.08 ? 419 HOH A O   1 
HETATM 1450 O  O   . HOH D 4 .   ? -2.437  -23.651 13.352  1.00 63.53 ? 425 HOH A O   1 
HETATM 1451 O  O   . HOH D 4 .   ? -10.211 11.545  -11.352 1.00 46.63 ? 426 HOH A O   1 
HETATM 1452 O  O   . HOH D 4 .   ? 9.870   -11.294 3.803   1.00 60.96 ? 427 HOH A O   1 
HETATM 1453 O  O   . HOH D 4 .   ? -6.636  -13.651 -4.925  1.00 54.67 ? 428 HOH A O   1 
HETATM 1454 O  O   . HOH D 4 .   ? -8.595  16.141  -4.146  1.00 61.58 ? 430 HOH A O   1 
HETATM 1455 O  O   . HOH D 4 .   ? -12.686 16.851  1.918   1.00 68.92 ? 432 HOH A O   1 
HETATM 1456 O  O   . HOH D 4 .   ? -3.639  -9.539  -9.958  1.00 59.71 ? 433 HOH A O   1 
HETATM 1457 O  O   . HOH D 4 .   ? -6.653  -0.768  -14.532 1.00 50.98 ? 435 HOH A O   1 
HETATM 1458 O  O   . HOH D 4 .   ? -15.014 2.533   -10.566 1.00 60.43 ? 436 HOH A O   1 
HETATM 1459 O  O   . HOH D 4 .   ? -3.640  17.646  -13.919 1.00 63.87 ? 438 HOH A O   1 
HETATM 1460 O  O   . HOH D 4 .   ? 4.767   10.680  3.937   1.00 64.52 ? 440 HOH A O   1 
HETATM 1461 O  O   . HOH D 4 .   ? 14.132  -7.423  1.114   1.00 50.37 ? 441 HOH A O   1 
HETATM 1462 O  O   . HOH D 4 .   ? 16.734  -7.983  -0.586  1.00 50.51 ? 442 HOH A O   1 
HETATM 1463 O  O   . HOH D 4 .   ? 19.486  -9.337  -1.644  1.00 59.92 ? 444 HOH A O   1 
HETATM 1464 O  O   . HOH D 4 .   ? 3.703   6.034   10.312  1.00 65.05 ? 446 HOH A O   1 
HETATM 1465 O  O   . HOH D 4 .   ? 2.245   8.290   19.159  1.00 57.99 ? 447 HOH A O   1 
HETATM 1466 O  O   . HOH D 4 .   ? -26.394 5.235   -6.976  1.00 54.25 ? 454 HOH A O   1 
# 
